data_7W6G
#
_entry.id   7W6G
#
_cell.length_a   58.021
_cell.length_b   66.930
_cell.length_c   95.094
_cell.angle_alpha   93.449
_cell.angle_beta   102.107
_cell.angle_gamma   100.196
#
_symmetry.space_group_name_H-M   'P 1'
#
loop_
_entity.id
_entity.type
_entity.pdbx_description
1 polymer '3,5,7-trioxododecanoyl-CoA synthase'
2 non-polymer DI(HYDROXYETHYL)ETHER
3 non-polymer GLYCEROL
4 non-polymer '~{S}-[2-[3-[[(2~{R})-4-[[[(2~{R},3~{S},4~{R},5~{R})-5-(6-aminopurin-9-yl)-4-oxidanyl-3-phosphonooxy-oxolan-2-yl]methoxy-oxidanyl-phosphoryl]oxy-oxidanyl-phosphoryl]oxy-3,3-dimethyl-2-oxidanyl-butanoyl]amino]propanoylamino]ethyl] tridecanethioate'
5 non-polymer 'TETRAETHYLENE GLYCOL'
6 non-polymer 'PENTAETHYLENE GLYCOL'
7 water water
#
_entity_poly.entity_id   1
_entity_poly.type   'polypeptide(L)'
_entity_poly.pdbx_seq_one_letter_code
;MNHLRAEGPASVLAIGTANPENILLQDEFPDYYFRVTKSEHMTQLKEKFRKICDKSMIRKRNCFLNEEHLKQNPRLVEHE
MQTLDARQDMLVVEVPKLGKDACAKAIKEWGQPKSKITHLIFTSASTTDMPGADYHCAKLLGLSPSVKRVMMYQLG
(CSD)YGGGTVLRIAKDIAENNKGARVLAVCCDIMACGFRGPSESDLELLVGQAIFGDGAAAVIVGAEPDESVGERPIFE
LVSTGQTILPNSEGTIGGHIREAGLIFDLHKDVPMLISNNIEKCLIEAFTPIGISDWNSIFWITHPGGKAILDKVEEKLH
LKSDKFVDSRHVLSEHGNMSSSTVLFVMDELRKRSLEEGKSTTGDGFEWGVLFGFGPGLTVERVVVRSVPIKY
;
_entity_poly.pdbx_strand_id   A,B,C,D
#
# COMPACT_ATOMS: atom_id res chain seq x y z
N HIS A 3 26.75 -26.56 -0.98
CA HIS A 3 27.07 -25.18 -1.29
C HIS A 3 28.09 -25.10 -2.43
N LEU A 4 27.67 -24.56 -3.58
CA LEU A 4 28.53 -24.46 -4.76
C LEU A 4 28.98 -23.02 -4.94
N ARG A 5 30.29 -22.80 -4.81
CA ARG A 5 30.89 -21.47 -4.86
C ARG A 5 31.38 -21.16 -6.26
N ALA A 6 31.56 -19.87 -6.53
CA ALA A 6 32.02 -19.41 -7.82
C ALA A 6 33.53 -19.53 -7.94
N GLU A 7 34.00 -19.69 -9.17
CA GLU A 7 35.41 -19.84 -9.48
C GLU A 7 35.89 -18.58 -10.19
N GLY A 8 37.05 -18.08 -9.77
CA GLY A 8 37.58 -16.86 -10.34
C GLY A 8 37.06 -15.63 -9.62
N PRO A 9 37.57 -14.46 -9.99
CA PRO A 9 37.26 -13.23 -9.26
C PRO A 9 35.92 -12.64 -9.69
N ALA A 10 35.41 -11.78 -8.81
CA ALA A 10 34.19 -11.03 -9.10
C ALA A 10 34.53 -9.81 -9.94
N SER A 11 33.67 -9.51 -10.91
CA SER A 11 33.90 -8.43 -11.85
C SER A 11 32.68 -7.52 -11.94
N VAL A 12 32.94 -6.23 -12.11
CA VAL A 12 31.86 -5.32 -12.50
C VAL A 12 31.44 -5.65 -13.92
N LEU A 13 30.15 -5.89 -14.12
CA LEU A 13 29.61 -6.25 -15.41
C LEU A 13 28.81 -5.15 -16.07
N ALA A 14 28.41 -4.12 -15.33
CA ALA A 14 27.60 -3.04 -15.86
C ALA A 14 27.61 -1.90 -14.87
N ILE A 15 27.47 -0.68 -15.39
CA ILE A 15 27.50 0.54 -14.58
C ILE A 15 26.45 1.49 -15.13
N GLY A 16 25.61 2.01 -14.25
CA GLY A 16 24.62 3.00 -14.61
C GLY A 16 24.53 4.08 -13.56
N THR A 17 24.24 5.30 -14.01
CA THR A 17 24.20 6.45 -13.13
C THR A 17 22.97 7.31 -13.44
N ALA A 18 22.61 8.16 -12.49
CA ALA A 18 21.45 9.02 -12.61
C ALA A 18 21.63 10.22 -11.70
N ASN A 19 20.96 11.32 -12.07
CA ASN A 19 21.05 12.58 -11.34
C ASN A 19 19.72 13.31 -11.47
N PRO A 20 19.29 14.06 -10.42
CA PRO A 20 18.09 14.89 -10.58
C PRO A 20 18.19 15.80 -11.79
N GLU A 21 17.06 16.38 -12.22
CA GLU A 21 17.05 17.18 -13.44
C GLU A 21 17.45 18.63 -13.18
N ASN A 22 17.13 19.18 -12.02
CA ASN A 22 17.42 20.59 -11.76
C ASN A 22 18.91 20.76 -11.50
N ILE A 23 19.50 21.75 -12.16
CA ILE A 23 20.94 21.96 -12.18
C ILE A 23 21.27 23.27 -11.48
N LEU A 24 22.32 23.26 -10.67
CA LEU A 24 22.85 24.45 -10.03
C LEU A 24 24.16 24.82 -10.71
N LEU A 25 24.22 26.03 -11.29
CA LEU A 25 25.46 26.54 -11.86
C LEU A 25 26.30 27.18 -10.76
N GLN A 26 27.56 26.76 -10.66
CA GLN A 26 28.38 27.21 -9.53
C GLN A 26 28.61 28.72 -9.59
N ASP A 27 28.77 29.28 -10.79
CA ASP A 27 29.02 30.72 -10.89
C ASP A 27 27.87 31.53 -10.33
N GLU A 28 26.64 31.00 -10.38
CA GLU A 28 25.47 31.68 -9.88
C GLU A 28 25.07 31.25 -8.47
N PHE A 29 25.76 30.25 -7.91
CA PHE A 29 25.27 29.64 -6.68
C PHE A 29 25.48 30.52 -5.45
N PRO A 30 26.59 31.26 -5.35
CA PRO A 30 26.72 32.19 -4.21
C PRO A 30 25.53 33.14 -4.08
N ASP A 31 25.12 33.75 -5.20
CA ASP A 31 23.96 34.66 -5.15
C ASP A 31 22.68 33.89 -4.88
N TYR A 32 22.46 32.80 -5.62
CA TYR A 32 21.25 32.00 -5.43
C TYR A 32 21.16 31.50 -4.00
N TYR A 33 22.27 31.00 -3.45
CA TYR A 33 22.23 30.42 -2.11
C TYR A 33 21.91 31.48 -1.07
N PHE A 34 22.56 32.65 -1.16
CA PHE A 34 22.35 33.71 -0.18
C PHE A 34 21.03 34.44 -0.39
N ARG A 35 20.43 34.35 -1.57
CA ARG A 35 19.12 34.95 -1.78
C ARG A 35 18.01 34.09 -1.18
N VAL A 36 17.95 32.81 -1.57
CA VAL A 36 16.89 31.95 -1.07
C VAL A 36 16.98 31.75 0.43
N THR A 37 18.17 31.92 1.02
CA THR A 37 18.34 31.81 2.46
C THR A 37 18.20 33.16 3.17
N LYS A 38 17.76 34.20 2.47
CA LYS A 38 17.49 35.50 3.08
C LYS A 38 18.70 36.00 3.87
N SER A 39 19.89 35.84 3.29
CA SER A 39 21.14 36.15 4.00
C SER A 39 22.04 37.10 3.22
N GLU A 40 21.48 37.87 2.28
CA GLU A 40 22.30 38.78 1.49
C GLU A 40 22.94 39.87 2.33
N HIS A 41 22.51 40.05 3.59
CA HIS A 41 23.14 41.02 4.48
C HIS A 41 24.47 40.51 5.05
N MET A 42 24.81 39.24 4.84
CA MET A 42 26.09 38.69 5.26
C MET A 42 27.13 38.86 4.16
N THR A 43 27.38 40.11 3.80
CA THR A 43 28.17 40.39 2.61
C THR A 43 29.59 39.84 2.71
N GLN A 44 30.19 39.91 3.91
CA GLN A 44 31.55 39.39 4.06
C GLN A 44 31.56 37.87 4.10
N LEU A 45 30.49 37.25 4.59
CA LEU A 45 30.43 35.80 4.55
C LEU A 45 30.13 35.30 3.14
N LYS A 46 29.37 36.07 2.35
CA LYS A 46 29.06 35.65 0.99
C LYS A 46 30.30 35.71 0.11
N GLU A 47 31.07 36.80 0.18
CA GLU A 47 32.33 36.83 -0.56
C GLU A 47 33.23 35.69 -0.14
N LYS A 48 33.34 35.46 1.17
CA LYS A 48 34.01 34.25 1.65
C LYS A 48 33.47 33.01 0.95
N PHE A 49 32.14 32.88 0.90
CA PHE A 49 31.55 31.73 0.21
C PHE A 49 31.79 31.79 -1.29
N ARG A 50 31.90 32.98 -1.87
CA ARG A 50 32.14 33.06 -3.31
C ARG A 50 33.51 32.50 -3.68
N LYS A 51 34.51 32.70 -2.83
CA LYS A 51 35.84 32.19 -3.12
C LYS A 51 35.92 30.67 -2.93
N ILE A 52 35.17 30.13 -1.97
CA ILE A 52 35.11 28.68 -1.82
C ILE A 52 34.58 28.05 -3.10
N CYS A 53 33.51 28.62 -3.66
CA CYS A 53 32.94 28.08 -4.89
C CYS A 53 33.88 28.29 -6.08
N ASP A 54 34.57 29.44 -6.11
CA ASP A 54 35.50 29.71 -7.21
C ASP A 54 36.63 28.69 -7.25
N LYS A 55 37.18 28.33 -6.08
CA LYS A 55 38.27 27.38 -6.01
C LYS A 55 37.81 25.92 -6.03
N SER A 56 36.50 25.66 -5.97
CA SER A 56 36.04 24.28 -5.82
C SER A 56 36.26 23.46 -7.09
N MET A 57 36.50 24.10 -8.23
N MET A 57 36.50 24.09 -8.23
CA MET A 57 36.63 23.42 -9.51
CA MET A 57 36.64 23.40 -9.51
C MET A 57 35.38 22.60 -9.83
C MET A 57 35.38 22.60 -9.85
N ILE A 58 34.23 23.09 -9.40
CA ILE A 58 32.94 22.49 -9.69
C ILE A 58 32.19 23.45 -10.61
N ARG A 59 31.84 22.99 -11.81
CA ARG A 59 31.08 23.83 -12.72
C ARG A 59 29.58 23.77 -12.45
N LYS A 60 29.04 22.58 -12.20
CA LYS A 60 27.62 22.42 -11.97
C LYS A 60 27.39 21.25 -11.05
N ARG A 61 26.17 21.21 -10.49
CA ARG A 61 25.71 20.10 -9.69
C ARG A 61 24.25 19.85 -10.04
N ASN A 62 23.80 18.63 -9.76
CA ASN A 62 22.39 18.28 -9.88
C ASN A 62 21.78 18.26 -8.49
N CYS A 63 20.58 18.84 -8.37
N CYS A 63 20.61 18.88 -8.36
CA CYS A 63 19.94 19.05 -7.07
CA CYS A 63 19.96 18.99 -7.06
C CYS A 63 18.46 18.77 -7.21
C CYS A 63 18.48 18.72 -7.23
N PHE A 64 17.94 17.87 -6.35
CA PHE A 64 16.50 17.63 -6.36
C PHE A 64 15.75 18.79 -5.71
N LEU A 65 16.29 19.33 -4.62
CA LEU A 65 15.66 20.44 -3.92
C LEU A 65 15.73 21.69 -4.79
N ASN A 66 14.58 22.30 -5.05
CA ASN A 66 14.49 23.51 -5.86
C ASN A 66 13.90 24.65 -5.02
N GLU A 67 13.82 25.82 -5.64
CA GLU A 67 13.38 27.02 -4.92
C GLU A 67 11.91 26.91 -4.49
N GLU A 68 11.10 26.18 -5.26
N GLU A 68 11.10 26.19 -5.26
CA GLU A 68 9.71 26.00 -4.88
CA GLU A 68 9.70 26.00 -4.88
C GLU A 68 9.59 25.20 -3.58
C GLU A 68 9.60 25.20 -3.58
N HIS A 69 10.45 24.19 -3.42
CA HIS A 69 10.48 23.45 -2.16
C HIS A 69 10.75 24.40 -0.99
N LEU A 70 11.68 25.33 -1.16
CA LEU A 70 11.99 26.28 -0.10
C LEU A 70 10.86 27.25 0.11
N LYS A 71 10.07 27.51 -0.92
CA LYS A 71 8.88 28.34 -0.76
C LYS A 71 7.85 27.62 0.11
N GLN A 72 7.54 26.37 -0.23
CA GLN A 72 6.55 25.62 0.52
C GLN A 72 6.95 25.46 1.98
N ASN A 73 8.25 25.34 2.26
CA ASN A 73 8.73 25.15 3.62
C ASN A 73 9.90 26.09 3.90
N PRO A 74 9.63 27.29 4.42
CA PRO A 74 10.71 28.23 4.70
C PRO A 74 11.62 27.79 5.84
N ARG A 75 11.22 26.79 6.64
CA ARG A 75 12.10 26.32 7.70
C ARG A 75 13.38 25.73 7.15
N LEU A 76 13.37 25.27 5.88
CA LEU A 76 14.53 24.63 5.30
C LEU A 76 15.65 25.63 4.96
N VAL A 77 15.36 26.93 4.92
CA VAL A 77 16.40 27.90 4.57
C VAL A 77 17.00 28.59 5.79
N GLU A 78 16.47 28.34 6.99
CA GLU A 78 17.10 28.82 8.21
C GLU A 78 18.27 27.91 8.57
N HIS A 79 19.07 28.36 9.54
CA HIS A 79 20.32 27.66 9.82
C HIS A 79 20.08 26.35 10.57
N GLU A 80 19.36 26.38 11.69
CA GLU A 80 19.24 25.23 12.57
C GLU A 80 17.83 25.07 13.12
N MET A 81 16.87 24.84 12.24
CA MET A 81 15.48 24.63 12.63
C MET A 81 15.11 23.15 12.49
N GLN A 82 14.23 22.71 13.38
CA GLN A 82 13.80 21.31 13.38
C GLN A 82 13.00 21.02 12.11
N THR A 83 13.64 20.32 11.17
CA THR A 83 13.08 20.10 9.84
C THR A 83 13.23 18.65 9.38
N LEU A 84 13.69 17.75 10.25
CA LEU A 84 14.02 16.39 9.83
C LEU A 84 12.80 15.70 9.20
N ASP A 85 11.65 15.80 9.86
CA ASP A 85 10.46 15.13 9.34
C ASP A 85 10.17 15.55 7.91
N ALA A 86 10.27 16.85 7.62
CA ALA A 86 10.01 17.34 6.27
C ALA A 86 11.04 16.81 5.28
N ARG A 87 12.31 16.78 5.68
CA ARG A 87 13.33 16.20 4.80
C ARG A 87 13.07 14.72 4.56
N GLN A 88 12.83 13.97 5.65
CA GLN A 88 12.57 12.54 5.53
C GLN A 88 11.36 12.27 4.62
N ASP A 89 10.27 13.02 4.82
CA ASP A 89 9.09 12.83 3.98
C ASP A 89 9.45 12.84 2.50
N MET A 90 10.40 13.71 2.11
CA MET A 90 10.83 13.77 0.72
C MET A 90 11.78 12.62 0.39
N LEU A 91 12.76 12.36 1.25
CA LEU A 91 13.87 11.51 0.84
C LEU A 91 13.54 10.02 0.93
N VAL A 92 12.65 9.60 1.84
CA VAL A 92 12.26 8.21 1.85
C VAL A 92 11.62 7.80 0.52
N VAL A 93 11.07 8.78 -0.20
CA VAL A 93 10.55 8.54 -1.55
C VAL A 93 11.62 8.73 -2.61
N GLU A 94 12.32 9.86 -2.60
CA GLU A 94 13.18 10.20 -3.73
C GLU A 94 14.45 9.37 -3.76
N VAL A 95 15.01 9.03 -2.60
CA VAL A 95 16.27 8.28 -2.58
C VAL A 95 16.13 6.94 -3.28
N PRO A 96 15.17 6.08 -2.93
CA PRO A 96 14.99 4.85 -3.72
C PRO A 96 14.64 5.11 -5.18
N LYS A 97 13.83 6.11 -5.46
CA LYS A 97 13.48 6.43 -6.85
C LYS A 97 14.73 6.70 -7.68
N LEU A 98 15.52 7.72 -7.29
CA LEU A 98 16.75 7.99 -8.01
C LEU A 98 17.64 6.76 -8.05
N GLY A 99 17.71 6.02 -6.94
CA GLY A 99 18.43 4.76 -6.95
C GLY A 99 17.94 3.83 -8.05
N LYS A 100 16.62 3.62 -8.12
CA LYS A 100 16.08 2.74 -9.15
C LYS A 100 16.47 3.20 -10.55
N ASP A 101 16.48 4.53 -10.77
CA ASP A 101 16.87 5.03 -12.08
C ASP A 101 18.26 4.56 -12.47
N ALA A 102 19.20 4.55 -11.51
CA ALA A 102 20.56 4.12 -11.83
C ALA A 102 20.63 2.59 -12.00
N CYS A 103 19.91 1.86 -11.17
CA CYS A 103 19.85 0.40 -11.33
C CYS A 103 19.26 0.04 -12.69
N ALA A 104 18.25 0.78 -13.13
CA ALA A 104 17.61 0.48 -14.41
C ALA A 104 18.61 0.57 -15.56
N LYS A 105 19.46 1.58 -15.54
CA LYS A 105 20.48 1.71 -16.60
C LYS A 105 21.50 0.59 -16.50
N ALA A 106 21.95 0.25 -15.29
CA ALA A 106 22.87 -0.86 -15.13
C ALA A 106 22.26 -2.16 -15.63
N ILE A 107 21.00 -2.42 -15.29
CA ILE A 107 20.34 -3.63 -15.78
C ILE A 107 20.23 -3.59 -17.29
N LYS A 108 20.05 -2.41 -17.88
CA LYS A 108 19.96 -2.29 -19.33
C LYS A 108 21.26 -2.75 -19.98
N GLU A 109 22.39 -2.16 -19.57
CA GLU A 109 23.69 -2.56 -20.11
C GLU A 109 23.94 -4.05 -19.87
N TRP A 110 23.78 -4.49 -18.64
CA TRP A 110 23.94 -5.90 -18.31
C TRP A 110 23.23 -6.77 -19.35
N GLY A 111 21.99 -6.43 -19.67
CA GLY A 111 21.23 -7.11 -20.70
C GLY A 111 20.61 -8.42 -20.27
N GLN A 112 20.60 -8.72 -18.98
CA GLN A 112 20.09 -9.97 -18.45
C GLN A 112 18.77 -9.75 -17.72
N PRO A 113 17.96 -10.79 -17.58
CA PRO A 113 16.68 -10.63 -16.88
C PRO A 113 16.89 -10.21 -15.43
N LYS A 114 15.95 -9.39 -14.94
CA LYS A 114 15.99 -8.95 -13.55
C LYS A 114 15.87 -10.13 -12.59
N SER A 115 15.21 -11.21 -13.01
CA SER A 115 15.10 -12.38 -12.16
C SER A 115 16.45 -13.00 -11.86
N LYS A 116 17.47 -12.70 -12.65
CA LYS A 116 18.82 -13.19 -12.41
C LYS A 116 19.52 -12.47 -11.26
N ILE A 117 18.99 -11.33 -10.83
CA ILE A 117 19.58 -10.59 -9.71
C ILE A 117 19.28 -11.33 -8.42
N THR A 118 20.32 -11.80 -7.74
CA THR A 118 20.16 -12.54 -6.51
C THR A 118 20.41 -11.71 -5.26
N HIS A 119 21.15 -10.61 -5.36
CA HIS A 119 21.41 -9.76 -4.22
C HIS A 119 21.27 -8.30 -4.62
N LEU A 120 20.87 -7.47 -3.66
CA LEU A 120 20.78 -6.02 -3.86
C LEU A 120 21.44 -5.34 -2.68
N ILE A 121 22.45 -4.53 -2.97
CA ILE A 121 23.14 -3.71 -1.97
C ILE A 121 22.74 -2.26 -2.21
N PHE A 122 22.33 -1.57 -1.15
CA PHE A 122 21.93 -0.17 -1.24
C PHE A 122 22.59 0.59 -0.10
N THR A 123 23.33 1.64 -0.43
CA THR A 123 23.84 2.55 0.58
C THR A 123 23.37 3.96 0.28
N SER A 124 23.19 4.73 1.34
CA SER A 124 22.82 6.14 1.24
C SER A 124 23.01 6.75 2.62
N ALA A 125 23.48 8.00 2.63
CA ALA A 125 23.69 8.75 3.86
C ALA A 125 22.64 9.83 4.06
N SER A 126 21.73 10.02 3.11
CA SER A 126 20.81 11.13 3.10
C SER A 126 19.51 10.85 3.85
N THR A 127 19.31 9.63 4.32
CA THR A 127 18.05 9.25 4.94
C THR A 127 18.23 7.92 5.65
N THR A 128 17.19 7.50 6.37
CA THR A 128 17.16 6.19 7.01
C THR A 128 15.70 5.86 7.31
N ASP A 129 15.34 4.60 7.13
CA ASP A 129 13.94 4.20 7.25
C ASP A 129 13.84 2.69 7.33
N MET A 130 12.71 2.22 7.85
N MET A 130 12.73 2.22 7.88
CA MET A 130 12.44 0.79 8.01
CA MET A 130 12.45 0.80 7.99
C MET A 130 10.99 0.50 7.62
C MET A 130 11.00 0.54 7.59
N PRO A 131 10.74 -0.31 6.59
CA PRO A 131 11.73 -0.92 5.68
C PRO A 131 12.50 0.15 4.93
N GLY A 132 13.69 -0.17 4.41
CA GLY A 132 14.60 0.82 3.89
C GLY A 132 14.50 1.02 2.39
N ALA A 133 15.42 1.84 1.88
CA ALA A 133 15.45 2.12 0.44
C ALA A 133 15.70 0.85 -0.37
N ASP A 134 16.38 -0.14 0.21
CA ASP A 134 16.57 -1.40 -0.51
C ASP A 134 15.23 -2.07 -0.81
N TYR A 135 14.35 -2.12 0.19
CA TYR A 135 13.03 -2.71 -0.01
C TYR A 135 12.30 -2.03 -1.15
N HIS A 136 12.21 -0.70 -1.10
CA HIS A 136 11.43 0.03 -2.11
C HIS A 136 12.11 0.01 -3.46
N CYS A 137 13.45 0.10 -3.49
CA CYS A 137 14.16 0.04 -4.76
C CYS A 137 13.92 -1.31 -5.45
N ALA A 138 13.86 -2.39 -4.66
CA ALA A 138 13.57 -3.69 -5.23
C ALA A 138 12.15 -3.76 -5.78
N LYS A 139 11.18 -3.20 -5.05
CA LYS A 139 9.80 -3.23 -5.56
C LYS A 139 9.65 -2.36 -6.80
N LEU A 140 10.28 -1.19 -6.81
CA LEU A 140 10.25 -0.35 -8.01
C LEU A 140 10.86 -1.07 -9.21
N LEU A 141 11.88 -1.90 -8.98
CA LEU A 141 12.55 -2.59 -10.06
C LEU A 141 11.85 -3.87 -10.47
N GLY A 142 11.02 -4.44 -9.61
CA GLY A 142 10.40 -5.71 -9.92
C GLY A 142 11.27 -6.91 -9.61
N LEU A 143 12.22 -6.78 -8.70
CA LEU A 143 13.07 -7.90 -8.35
C LEU A 143 12.25 -8.98 -7.63
N SER A 144 12.83 -10.16 -7.55
CA SER A 144 12.21 -11.25 -6.81
C SER A 144 12.04 -10.83 -5.35
N PRO A 145 10.90 -11.17 -4.73
CA PRO A 145 10.77 -10.90 -3.29
C PRO A 145 11.84 -11.58 -2.46
N SER A 146 12.47 -12.63 -2.99
CA SER A 146 13.52 -13.36 -2.29
C SER A 146 14.91 -12.83 -2.61
N VAL A 147 15.02 -11.68 -3.26
CA VAL A 147 16.33 -11.07 -3.47
C VAL A 147 16.94 -10.76 -2.10
N LYS A 148 18.22 -11.09 -1.95
CA LYS A 148 18.93 -10.92 -0.69
C LYS A 148 19.48 -9.51 -0.61
N ARG A 149 18.95 -8.73 0.33
CA ARG A 149 19.27 -7.31 0.41
C ARG A 149 20.31 -7.05 1.50
N VAL A 150 21.14 -6.05 1.24
CA VAL A 150 22.19 -5.61 2.18
C VAL A 150 22.05 -4.10 2.25
N MET A 151 21.28 -3.62 3.24
CA MET A 151 21.01 -2.21 3.42
C MET A 151 22.07 -1.62 4.34
N MET A 152 22.76 -0.58 3.87
CA MET A 152 23.84 0.07 4.62
C MET A 152 23.59 1.57 4.63
N TYR A 153 22.81 2.02 5.61
CA TYR A 153 22.54 3.44 5.79
C TYR A 153 23.70 4.16 6.48
N GLN A 154 23.90 5.42 6.11
CA GLN A 154 24.85 6.33 6.75
C GLN A 154 26.26 5.73 6.80
N LEU A 155 26.77 5.39 5.62
CA LEU A 155 28.20 5.12 5.50
C LEU A 155 28.96 6.41 5.23
N GLY A 156 28.56 7.15 4.20
CA GLY A 156 29.22 8.38 3.86
C GLY A 156 30.09 8.22 2.61
N TYR A 158 32.93 7.10 1.72
CA TYR A 158 33.71 5.92 1.42
C TYR A 158 32.83 4.77 0.96
N GLY A 159 31.51 4.96 1.02
CA GLY A 159 30.59 3.85 0.80
C GLY A 159 30.67 3.25 -0.58
N GLY A 160 31.16 4.00 -1.57
CA GLY A 160 31.31 3.43 -2.90
C GLY A 160 32.26 2.25 -2.92
N GLY A 161 33.34 2.32 -2.14
CA GLY A 161 34.22 1.18 -2.01
C GLY A 161 33.61 0.06 -1.19
N THR A 162 32.82 0.41 -0.18
CA THR A 162 32.20 -0.58 0.68
C THR A 162 31.29 -1.52 -0.11
N VAL A 163 30.39 -0.97 -0.92
CA VAL A 163 29.45 -1.82 -1.64
C VAL A 163 30.18 -2.74 -2.61
N LEU A 164 31.36 -2.32 -3.09
CA LEU A 164 32.18 -3.20 -3.91
C LEU A 164 32.80 -4.30 -3.07
N ARG A 165 33.34 -3.94 -1.90
CA ARG A 165 33.92 -4.94 -1.02
C ARG A 165 32.86 -5.94 -0.55
N ILE A 166 31.63 -5.48 -0.32
CA ILE A 166 30.59 -6.42 0.08
C ILE A 166 30.20 -7.33 -1.07
N ALA A 167 30.08 -6.77 -2.28
CA ALA A 167 29.68 -7.55 -3.44
C ALA A 167 30.73 -8.59 -3.83
N LYS A 168 32.01 -8.30 -3.59
CA LYS A 168 33.06 -9.24 -3.99
C LYS A 168 32.87 -10.59 -3.31
N ASP A 169 32.71 -10.58 -1.99
CA ASP A 169 32.63 -11.86 -1.26
C ASP A 169 31.35 -12.60 -1.60
N ILE A 170 30.25 -11.88 -1.79
CA ILE A 170 28.99 -12.52 -2.16
C ILE A 170 29.10 -13.18 -3.52
N ALA A 171 29.53 -12.41 -4.53
CA ALA A 171 29.57 -12.94 -5.89
C ALA A 171 30.54 -14.10 -6.04
N GLU A 172 31.54 -14.20 -5.17
CA GLU A 172 32.55 -15.25 -5.30
C GLU A 172 32.23 -16.49 -4.49
N ASN A 173 31.44 -16.36 -3.43
CA ASN A 173 31.08 -17.50 -2.59
C ASN A 173 29.78 -18.17 -3.01
N ASN A 174 29.11 -17.65 -4.05
CA ASN A 174 27.83 -18.18 -4.48
C ASN A 174 27.83 -18.27 -6.01
N LYS A 175 27.91 -19.48 -6.54
CA LYS A 175 27.90 -19.66 -7.98
C LYS A 175 26.60 -19.11 -8.57
N GLY A 176 26.74 -18.30 -9.61
CA GLY A 176 25.60 -17.70 -10.27
C GLY A 176 25.09 -16.43 -9.63
N ALA A 177 25.64 -16.02 -8.49
CA ALA A 177 25.16 -14.83 -7.83
C ALA A 177 25.44 -13.61 -8.68
N ARG A 178 24.43 -12.77 -8.85
CA ARG A 178 24.56 -11.50 -9.55
C ARG A 178 24.09 -10.40 -8.60
N VAL A 179 25.04 -9.57 -8.17
CA VAL A 179 24.82 -8.58 -7.12
C VAL A 179 24.55 -7.23 -7.77
N LEU A 180 23.42 -6.63 -7.43
CA LEU A 180 23.11 -5.26 -7.82
C LEU A 180 23.45 -4.35 -6.65
N ALA A 181 24.50 -3.56 -6.79
CA ALA A 181 24.90 -2.61 -5.76
C ALA A 181 24.64 -1.20 -6.27
N VAL A 182 24.01 -0.38 -5.43
CA VAL A 182 23.66 0.98 -5.82
C VAL A 182 23.95 1.90 -4.64
N CYS A 183 24.43 3.10 -4.96
CA CYS A 183 24.60 4.19 -4.01
C CYS A 183 23.74 5.35 -4.47
N CYS A 184 23.24 6.13 -3.51
CA CYS A 184 22.42 7.28 -3.85
C CYS A 184 22.38 8.24 -2.68
N ASP A 185 22.53 9.52 -2.99
CA ASP A 185 22.46 10.57 -2.00
C ASP A 185 21.82 11.80 -2.61
N ILE A 186 20.97 12.46 -1.82
CA ILE A 186 20.27 13.68 -2.20
C ILE A 186 20.46 14.67 -1.06
N MET A 187 21.02 15.83 -1.36
CA MET A 187 21.54 16.73 -0.34
C MET A 187 20.48 17.66 0.25
N ALA A 188 19.19 17.46 -0.07
CA ALA A 188 18.14 18.05 0.74
C ALA A 188 18.26 17.58 2.19
N CYS A 189 18.96 16.47 2.43
CA CYS A 189 19.14 16.01 3.80
C CYS A 189 19.93 17.02 4.63
N GLY A 190 20.79 17.82 3.99
CA GLY A 190 21.67 18.70 4.72
C GLY A 190 21.68 20.15 4.29
N PHE A 191 20.83 20.51 3.32
CA PHE A 191 20.73 21.92 2.93
C PHE A 191 20.21 22.75 4.10
N ARG A 192 20.79 23.94 4.26
CA ARG A 192 20.38 24.83 5.34
C ARG A 192 21.01 26.19 5.12
N GLY A 193 20.47 27.19 5.83
CA GLY A 193 20.93 28.54 5.70
C GLY A 193 22.30 28.73 6.31
N PRO A 194 22.97 29.84 5.98
CA PRO A 194 24.34 30.05 6.43
C PRO A 194 24.41 30.71 7.80
N SER A 195 25.63 30.71 8.35
N SER A 195 25.61 30.70 8.35
CA SER A 195 25.89 31.32 9.64
CA SER A 195 25.89 31.33 9.64
C SER A 195 27.38 31.62 9.72
C SER A 195 27.38 31.62 9.72
N GLU A 196 27.72 32.83 10.19
CA GLU A 196 29.12 33.26 10.21
C GLU A 196 30.01 32.35 11.06
N SER A 197 29.42 31.48 11.88
CA SER A 197 30.18 30.62 12.80
C SER A 197 30.24 29.18 12.32
N ASP A 198 30.20 28.95 11.00
CA ASP A 198 30.22 27.58 10.49
C ASP A 198 30.79 27.54 9.06
N LEU A 199 32.13 27.64 8.97
N LEU A 199 32.12 27.63 8.96
CA LEU A 199 32.77 27.55 7.66
CA LEU A 199 32.77 27.55 7.65
C LEU A 199 32.65 26.15 7.07
C LEU A 199 32.66 26.15 7.07
N GLU A 200 32.56 25.13 7.92
CA GLU A 200 32.34 23.78 7.42
C GLU A 200 31.07 23.71 6.59
N LEU A 201 29.99 24.31 7.07
CA LEU A 201 28.74 24.29 6.34
C LEU A 201 28.92 24.90 4.95
N LEU A 202 29.52 26.09 4.89
CA LEU A 202 29.75 26.73 3.61
C LEU A 202 30.47 25.80 2.64
N VAL A 203 31.50 25.09 3.12
CA VAL A 203 32.20 24.15 2.26
C VAL A 203 31.24 23.09 1.74
N GLY A 204 30.47 22.49 2.64
CA GLY A 204 29.53 21.47 2.22
C GLY A 204 28.49 21.98 1.24
N GLN A 205 27.94 23.17 1.52
CA GLN A 205 26.94 23.75 0.62
C GLN A 205 27.51 24.05 -0.76
N ALA A 206 28.84 24.06 -0.90
CA ALA A 206 29.48 24.36 -2.17
C ALA A 206 29.86 23.13 -2.97
N ILE A 207 30.15 22.00 -2.30
CA ILE A 207 30.74 20.85 -2.99
C ILE A 207 29.78 19.68 -3.16
N PHE A 208 28.74 19.55 -2.33
CA PHE A 208 27.92 18.36 -2.35
C PHE A 208 26.84 18.48 -3.42
N GLY A 209 26.67 17.40 -4.21
CA GLY A 209 25.63 17.35 -5.21
C GLY A 209 24.90 16.02 -5.15
N ASP A 210 23.81 15.93 -5.91
CA ASP A 210 22.95 14.76 -5.91
C ASP A 210 23.34 13.80 -7.02
N GLY A 211 23.20 12.51 -6.75
CA GLY A 211 23.37 11.51 -7.79
C GLY A 211 23.24 10.11 -7.24
N ALA A 212 23.02 9.17 -8.16
CA ALA A 212 23.00 7.75 -7.85
C ALA A 212 23.88 7.01 -8.84
N ALA A 213 24.41 5.87 -8.41
CA ALA A 213 25.22 5.03 -9.28
C ALA A 213 25.04 3.57 -8.87
N ALA A 214 24.88 2.71 -9.86
CA ALA A 214 24.64 1.30 -9.61
C ALA A 214 25.55 0.47 -10.49
N VAL A 215 25.97 -0.68 -9.97
CA VAL A 215 26.78 -1.63 -10.70
C VAL A 215 26.15 -3.01 -10.58
N ILE A 216 26.44 -3.85 -11.57
CA ILE A 216 26.14 -5.27 -11.53
C ILE A 216 27.47 -5.99 -11.34
N VAL A 217 27.58 -6.78 -10.27
CA VAL A 217 28.81 -7.48 -9.94
C VAL A 217 28.54 -8.97 -9.95
N GLY A 218 29.41 -9.73 -10.60
CA GLY A 218 29.30 -11.17 -10.61
C GLY A 218 30.64 -11.81 -10.91
N ALA A 219 30.74 -13.09 -10.57
CA ALA A 219 31.88 -13.90 -10.96
C ALA A 219 31.47 -14.86 -12.07
N GLU A 220 32.47 -15.45 -12.71
CA GLU A 220 32.25 -16.35 -13.83
C GLU A 220 31.32 -15.70 -14.85
N PRO A 221 31.68 -14.56 -15.42
CA PRO A 221 30.83 -13.93 -16.43
C PRO A 221 30.59 -14.87 -17.61
N ASP A 222 29.38 -14.83 -18.14
CA ASP A 222 28.96 -15.72 -19.22
C ASP A 222 28.86 -14.90 -20.51
N GLU A 223 29.89 -15.01 -21.36
CA GLU A 223 29.86 -14.30 -22.63
C GLU A 223 28.75 -14.83 -23.53
N SER A 224 28.37 -16.09 -23.37
CA SER A 224 27.36 -16.69 -24.24
C SER A 224 26.05 -15.90 -24.18
N VAL A 225 25.70 -15.40 -22.99
CA VAL A 225 24.43 -14.71 -22.80
C VAL A 225 24.56 -13.20 -22.92
N GLY A 226 25.74 -12.69 -23.22
CA GLY A 226 25.94 -11.27 -23.43
C GLY A 226 26.61 -10.52 -22.31
N GLU A 227 27.18 -11.21 -21.32
CA GLU A 227 27.87 -10.54 -20.23
C GLU A 227 29.30 -10.22 -20.64
N ARG A 228 29.73 -9.00 -20.34
CA ARG A 228 31.08 -8.53 -20.64
C ARG A 228 31.63 -7.80 -19.43
N PRO A 229 32.68 -8.32 -18.79
CA PRO A 229 33.24 -7.64 -17.62
C PRO A 229 33.86 -6.30 -17.99
N ILE A 230 34.00 -5.45 -16.98
CA ILE A 230 34.55 -4.10 -17.14
C ILE A 230 35.77 -3.91 -16.25
N PHE A 231 35.68 -4.34 -14.99
CA PHE A 231 36.79 -4.31 -14.05
C PHE A 231 36.70 -5.53 -13.14
N GLU A 232 37.83 -6.16 -12.88
CA GLU A 232 37.91 -7.26 -11.94
C GLU A 232 38.26 -6.73 -10.57
N LEU A 233 37.54 -7.20 -9.55
CA LEU A 233 37.79 -6.83 -8.16
C LEU A 233 38.76 -7.85 -7.56
N VAL A 234 39.99 -7.43 -7.28
CA VAL A 234 41.06 -8.34 -6.92
C VAL A 234 41.21 -8.48 -5.42
N SER A 235 41.31 -7.36 -4.71
CA SER A 235 41.44 -7.38 -3.25
C SER A 235 40.80 -6.10 -2.73
N THR A 236 40.59 -6.06 -1.41
CA THR A 236 39.90 -4.98 -0.76
C THR A 236 40.54 -4.70 0.59
N GLY A 237 40.40 -3.47 1.04
CA GLY A 237 40.85 -3.09 2.37
C GLY A 237 40.02 -1.94 2.90
N GLN A 238 39.92 -1.87 4.22
CA GLN A 238 39.31 -0.75 4.92
C GLN A 238 40.21 -0.42 6.10
N THR A 239 40.42 0.87 6.36
CA THR A 239 41.29 1.23 7.46
C THR A 239 40.88 2.58 8.01
N ILE A 240 41.29 2.83 9.26
CA ILE A 240 41.09 4.10 9.95
C ILE A 240 42.45 4.79 10.02
N LEU A 241 42.55 5.96 9.43
CA LEU A 241 43.83 6.68 9.43
C LEU A 241 44.16 7.14 10.86
N PRO A 242 45.42 7.06 11.26
CA PRO A 242 45.78 7.50 12.62
C PRO A 242 45.65 9.01 12.76
N ASN A 243 45.42 9.43 14.01
CA ASN A 243 45.29 10.85 14.34
C ASN A 243 44.24 11.54 13.47
N SER A 244 43.17 10.81 13.14
CA SER A 244 42.13 11.31 12.25
C SER A 244 40.77 11.42 12.93
N GLU A 245 40.71 11.28 14.25
CA GLU A 245 39.43 11.24 14.95
C GLU A 245 38.66 12.53 14.79
N GLY A 246 37.38 12.41 14.42
CA GLY A 246 36.47 13.53 14.34
C GLY A 246 36.62 14.40 13.12
N THR A 247 37.50 14.05 12.19
CA THR A 247 37.79 14.94 11.08
C THR A 247 36.73 14.89 9.99
N ILE A 248 35.98 13.80 9.88
CA ILE A 248 34.88 13.70 8.93
C ILE A 248 33.71 13.05 9.66
N GLY A 249 32.58 13.75 9.71
CA GLY A 249 31.43 13.24 10.43
C GLY A 249 30.13 13.72 9.83
N GLY A 250 29.06 13.00 10.16
CA GLY A 250 27.73 13.36 9.74
C GLY A 250 26.70 12.82 10.72
N HIS A 251 25.77 13.67 11.15
CA HIS A 251 24.91 13.35 12.27
C HIS A 251 23.47 13.66 11.91
N ILE A 252 22.60 12.66 12.07
CA ILE A 252 21.17 12.84 11.83
C ILE A 252 20.59 13.46 13.09
N ARG A 253 20.09 14.69 12.97
CA ARG A 253 19.60 15.48 14.09
C ARG A 253 18.22 16.02 13.74
N GLU A 254 17.59 16.68 14.72
CA GLU A 254 16.29 17.31 14.45
C GLU A 254 16.39 18.36 13.36
N ALA A 255 17.57 18.96 13.17
CA ALA A 255 17.80 19.94 12.12
C ALA A 255 18.23 19.31 10.81
N GLY A 256 18.18 17.98 10.72
CA GLY A 256 18.61 17.28 9.54
C GLY A 256 20.00 16.71 9.68
N LEU A 257 20.70 16.54 8.56
CA LEU A 257 22.06 16.01 8.60
C LEU A 257 23.03 17.15 8.88
N ILE A 258 23.75 17.05 9.99
CA ILE A 258 24.82 17.98 10.36
C ILE A 258 26.15 17.25 10.13
N PHE A 259 27.04 17.88 9.37
CA PHE A 259 28.30 17.24 9.03
C PHE A 259 29.48 18.08 9.51
N ASP A 260 30.59 17.38 9.77
CA ASP A 260 31.85 18.01 10.19
C ASP A 260 32.89 17.72 9.12
N LEU A 261 33.75 18.71 8.87
N LEU A 261 33.75 18.71 8.87
CA LEU A 261 34.79 18.59 7.84
CA LEU A 261 34.80 18.57 7.86
C LEU A 261 35.98 19.42 8.31
C LEU A 261 35.99 19.40 8.33
N HIS A 262 36.95 18.76 8.93
N HIS A 262 36.96 18.75 8.96
CA HIS A 262 38.14 19.44 9.40
CA HIS A 262 38.15 19.45 9.41
C HIS A 262 39.06 19.75 8.23
C HIS A 262 39.05 19.76 8.23
N LYS A 263 39.72 20.90 8.29
CA LYS A 263 40.54 21.35 7.17
C LYS A 263 41.71 20.43 6.88
N ASP A 264 42.12 19.60 7.85
CA ASP A 264 43.29 18.75 7.67
C ASP A 264 43.03 17.51 6.84
N VAL A 265 41.79 17.28 6.38
CA VAL A 265 41.48 16.03 5.69
C VAL A 265 42.37 15.81 4.48
N PRO A 266 42.65 16.81 3.64
CA PRO A 266 43.56 16.56 2.50
C PRO A 266 44.94 16.06 2.95
N MET A 267 45.54 16.72 3.96
N MET A 267 45.53 16.73 3.95
CA MET A 267 46.89 16.34 4.35
CA MET A 267 46.87 16.36 4.38
C MET A 267 46.92 14.98 5.05
C MET A 267 46.89 14.97 5.00
N LEU A 268 45.87 14.63 5.81
CA LEU A 268 45.84 13.33 6.46
C LEU A 268 45.73 12.21 5.44
N ILE A 269 44.91 12.39 4.41
CA ILE A 269 44.80 11.39 3.36
C ILE A 269 46.11 11.29 2.60
N SER A 270 46.66 12.42 2.14
CA SER A 270 47.88 12.39 1.35
C SER A 270 49.06 11.86 2.16
N ASN A 271 49.10 12.14 3.46
CA ASN A 271 50.20 11.68 4.30
C ASN A 271 50.11 10.21 4.67
N ASN A 272 48.98 9.55 4.40
CA ASN A 272 48.80 8.14 4.74
C ASN A 272 48.57 7.25 3.53
N ILE A 273 48.39 7.82 2.34
CA ILE A 273 47.86 7.04 1.22
C ILE A 273 48.90 6.06 0.69
N GLU A 274 50.17 6.45 0.69
CA GLU A 274 51.19 5.58 0.11
C GLU A 274 51.30 4.27 0.87
N LYS A 275 51.13 4.32 2.20
CA LYS A 275 51.15 3.07 2.97
C LYS A 275 49.95 2.20 2.61
N CYS A 276 48.83 2.79 2.21
CA CYS A 276 47.75 1.97 1.68
C CYS A 276 48.16 1.33 0.36
N LEU A 277 48.89 2.07 -0.48
CA LEU A 277 49.34 1.51 -1.75
C LEU A 277 50.33 0.37 -1.53
N ILE A 278 51.27 0.54 -0.60
CA ILE A 278 52.28 -0.48 -0.36
C ILE A 278 51.63 -1.79 0.06
N GLU A 279 50.71 -1.71 1.04
CA GLU A 279 50.05 -2.92 1.51
C GLU A 279 49.27 -3.59 0.40
N ALA A 280 48.66 -2.79 -0.48
CA ALA A 280 47.79 -3.32 -1.51
C ALA A 280 48.56 -3.92 -2.68
N PHE A 281 49.70 -3.36 -3.04
CA PHE A 281 50.38 -3.76 -4.27
C PHE A 281 51.69 -4.51 -4.05
N THR A 282 52.20 -4.58 -2.82
CA THR A 282 53.41 -5.36 -2.59
C THR A 282 53.22 -6.84 -2.91
N PRO A 283 52.10 -7.47 -2.58
CA PRO A 283 51.90 -8.87 -3.03
C PRO A 283 51.88 -9.01 -4.54
N ILE A 284 51.48 -7.97 -5.26
CA ILE A 284 51.42 -8.00 -6.72
C ILE A 284 52.74 -7.61 -7.37
N GLY A 285 53.67 -7.03 -6.60
CA GLY A 285 54.96 -6.65 -7.14
C GLY A 285 54.93 -5.36 -7.92
N ILE A 286 54.24 -4.34 -7.41
CA ILE A 286 54.15 -3.04 -8.06
C ILE A 286 54.49 -1.96 -7.04
N SER A 287 55.39 -1.06 -7.44
CA SER A 287 55.88 0.02 -6.60
C SER A 287 55.74 1.40 -7.23
N ASP A 288 55.56 1.49 -8.54
CA ASP A 288 55.44 2.78 -9.24
C ASP A 288 53.97 3.13 -9.36
N TRP A 289 53.54 4.15 -8.61
CA TRP A 289 52.13 4.53 -8.58
C TRP A 289 51.67 5.24 -9.85
N ASN A 290 52.56 5.44 -10.82
CA ASN A 290 52.16 5.92 -12.14
C ASN A 290 51.97 4.79 -13.15
N SER A 291 52.37 3.56 -12.80
CA SER A 291 52.17 2.41 -13.67
C SER A 291 50.80 1.75 -13.48
N ILE A 292 49.88 2.42 -12.78
CA ILE A 292 48.54 1.91 -12.53
C ILE A 292 47.54 3.03 -12.74
N PHE A 293 46.29 2.64 -12.99
CA PHE A 293 45.23 3.63 -13.10
C PHE A 293 44.57 3.83 -11.75
N TRP A 294 43.87 4.96 -11.63
CA TRP A 294 43.26 5.38 -10.38
C TRP A 294 41.79 5.66 -10.60
N ILE A 295 40.97 5.20 -9.65
CA ILE A 295 39.55 5.55 -9.57
C ILE A 295 39.37 6.12 -8.16
N THR A 296 39.42 7.44 -8.05
CA THR A 296 39.57 8.12 -6.77
C THR A 296 38.34 8.97 -6.51
N HIS A 297 37.72 8.74 -5.35
CA HIS A 297 36.65 9.60 -4.87
C HIS A 297 37.13 11.05 -4.83
N PRO A 298 36.55 11.95 -5.61
CA PRO A 298 37.00 13.34 -5.57
C PRO A 298 36.31 14.11 -4.45
N GLY A 299 36.68 13.76 -3.22
CA GLY A 299 36.05 14.39 -2.07
C GLY A 299 36.17 15.89 -2.07
N GLY A 300 37.18 16.41 -2.76
CA GLY A 300 37.38 17.83 -2.89
C GLY A 300 38.62 18.07 -3.72
N LYS A 301 38.69 19.27 -4.30
CA LYS A 301 39.85 19.60 -5.14
C LYS A 301 41.15 19.49 -4.35
N ALA A 302 41.12 19.86 -3.07
CA ALA A 302 42.33 19.84 -2.26
C ALA A 302 42.84 18.41 -2.03
N ILE A 303 41.92 17.45 -1.89
CA ILE A 303 42.33 16.06 -1.67
C ILE A 303 43.08 15.54 -2.88
N LEU A 304 42.52 15.75 -4.08
CA LEU A 304 43.21 15.32 -5.29
C LEU A 304 44.54 16.05 -5.44
N ASP A 305 44.53 17.37 -5.23
CA ASP A 305 45.76 18.15 -5.37
C ASP A 305 46.86 17.59 -4.48
N LYS A 306 46.58 17.44 -3.17
CA LYS A 306 47.62 17.01 -2.24
C LYS A 306 48.09 15.60 -2.55
N VAL A 307 47.16 14.68 -2.83
CA VAL A 307 47.58 13.33 -3.18
C VAL A 307 48.45 13.37 -4.42
N GLU A 308 48.07 14.19 -5.40
CA GLU A 308 48.86 14.32 -6.62
C GLU A 308 50.29 14.76 -6.31
N GLU A 309 50.45 15.78 -5.46
CA GLU A 309 51.78 16.27 -5.11
C GLU A 309 52.58 15.21 -4.37
N LYS A 310 52.00 14.68 -3.28
CA LYS A 310 52.72 13.74 -2.42
C LYS A 310 53.34 12.61 -3.24
N LEU A 311 52.59 12.06 -4.18
CA LEU A 311 53.01 10.90 -4.95
C LEU A 311 53.60 11.26 -6.30
N HIS A 312 53.62 12.54 -6.66
CA HIS A 312 54.01 12.98 -8.00
C HIS A 312 53.32 12.14 -9.07
N LEU A 313 51.99 12.05 -8.95
CA LEU A 313 51.21 11.37 -9.98
C LEU A 313 51.16 12.22 -11.24
N LYS A 314 51.21 11.57 -12.39
CA LYS A 314 51.15 12.30 -13.64
C LYS A 314 49.71 12.71 -13.96
N SER A 315 49.58 13.65 -14.90
CA SER A 315 48.33 14.33 -15.16
C SER A 315 47.20 13.40 -15.58
N ASP A 316 47.50 12.16 -15.96
CA ASP A 316 46.47 11.26 -16.44
C ASP A 316 45.65 10.61 -15.32
N LYS A 317 46.16 10.58 -14.10
CA LYS A 317 45.52 9.78 -13.06
C LYS A 317 44.16 10.37 -12.68
N PHE A 318 44.12 11.67 -12.39
CA PHE A 318 42.93 12.28 -11.82
C PHE A 318 42.05 12.98 -12.86
N VAL A 319 42.21 12.65 -14.14
CA VAL A 319 41.39 13.28 -15.16
C VAL A 319 39.91 12.97 -14.94
N ASP A 320 39.59 11.70 -14.70
CA ASP A 320 38.19 11.30 -14.56
C ASP A 320 37.59 11.78 -13.24
N SER A 321 38.39 11.76 -12.17
CA SER A 321 37.92 12.29 -10.90
C SER A 321 37.60 13.78 -11.01
N ARG A 322 38.49 14.54 -11.66
CA ARG A 322 38.27 15.98 -11.75
C ARG A 322 37.12 16.30 -12.70
N HIS A 323 36.91 15.47 -13.73
CA HIS A 323 35.80 15.70 -14.64
C HIS A 323 34.47 15.43 -13.96
N VAL A 324 34.35 14.30 -13.25
CA VAL A 324 33.13 14.03 -12.48
C VAL A 324 32.89 15.13 -11.47
N LEU A 325 33.96 15.61 -10.83
CA LEU A 325 33.81 16.67 -9.84
C LEU A 325 33.30 17.95 -10.48
N SER A 326 33.73 18.23 -11.72
CA SER A 326 33.32 19.46 -12.36
C SER A 326 31.86 19.42 -12.80
N GLU A 327 31.36 18.25 -13.16
CA GLU A 327 30.02 18.12 -13.72
C GLU A 327 28.97 17.66 -12.70
N HIS A 328 29.40 17.25 -11.50
CA HIS A 328 28.46 16.72 -10.52
C HIS A 328 28.79 17.13 -9.09
N GLY A 329 29.95 17.72 -8.82
CA GLY A 329 30.32 17.93 -7.46
C GLY A 329 30.54 16.59 -6.75
N ASN A 330 30.62 16.69 -5.42
CA ASN A 330 30.77 15.52 -4.56
C ASN A 330 29.39 14.95 -4.28
N MET A 331 29.11 13.75 -4.81
CA MET A 331 27.83 13.08 -4.62
C MET A 331 27.92 11.97 -3.58
N SER A 332 28.91 12.03 -2.71
CA SER A 332 29.14 11.04 -1.66
C SER A 332 29.43 9.67 -2.24
N SER A 333 28.80 8.60 -1.76
N SER A 333 28.81 8.59 -1.77
CA SER A 333 29.23 7.25 -2.05
CA SER A 333 29.23 7.25 -2.11
C SER A 333 29.23 6.95 -3.54
C SER A 333 29.24 7.03 -3.62
N SER A 334 28.32 7.54 -4.31
N SER A 334 28.27 7.59 -4.34
CA SER A 334 28.21 7.21 -5.72
CA SER A 334 28.12 7.29 -5.75
C SER A 334 29.34 7.80 -6.56
C SER A 334 29.26 7.87 -6.60
N THR A 335 29.98 8.87 -6.09
CA THR A 335 30.93 9.60 -6.92
C THR A 335 32.00 8.69 -7.50
N VAL A 336 32.65 7.89 -6.65
CA VAL A 336 33.72 7.02 -7.15
C VAL A 336 33.20 6.08 -8.24
N LEU A 337 31.92 5.73 -8.19
CA LEU A 337 31.35 4.91 -9.27
C LEU A 337 31.13 5.73 -10.52
N PHE A 338 30.79 7.01 -10.38
CA PHE A 338 30.77 7.89 -11.55
C PHE A 338 32.14 7.92 -12.20
N VAL A 339 33.20 7.90 -11.39
CA VAL A 339 34.57 7.96 -11.93
C VAL A 339 34.89 6.68 -12.68
N MET A 340 34.54 5.53 -12.09
CA MET A 340 34.75 4.25 -12.77
C MET A 340 34.09 4.25 -14.13
N ASP A 341 32.85 4.72 -14.20
CA ASP A 341 32.11 4.69 -15.45
C ASP A 341 32.80 5.53 -16.51
N GLU A 342 33.22 6.76 -16.15
CA GLU A 342 33.87 7.62 -17.12
C GLU A 342 35.20 7.05 -17.56
N LEU A 343 35.95 6.44 -16.64
CA LEU A 343 37.25 5.88 -16.99
C LEU A 343 37.11 4.85 -18.09
N ARG A 344 36.16 3.91 -17.96
CA ARG A 344 36.02 2.89 -18.99
C ARG A 344 35.39 3.46 -20.25
N LYS A 345 34.59 4.52 -20.13
CA LYS A 345 33.98 5.11 -21.32
C LYS A 345 34.98 5.94 -22.10
N ARG A 346 35.77 6.77 -21.39
CA ARG A 346 36.78 7.58 -22.07
C ARG A 346 37.85 6.71 -22.71
N SER A 347 38.22 5.60 -22.07
CA SER A 347 39.28 4.76 -22.61
C SER A 347 38.90 4.19 -23.97
N LEU A 348 37.63 3.80 -24.14
CA LEU A 348 37.19 3.31 -25.43
C LEU A 348 37.05 4.44 -26.44
N GLU A 349 36.53 5.59 -26.00
CA GLU A 349 36.43 6.73 -26.90
C GLU A 349 37.81 7.16 -27.40
N GLU A 350 38.85 6.95 -26.60
CA GLU A 350 40.21 7.33 -26.96
C GLU A 350 41.02 6.16 -27.48
N GLY A 351 40.42 4.98 -27.64
CA GLY A 351 41.15 3.85 -28.18
C GLY A 351 42.31 3.39 -27.33
N LYS A 352 42.11 3.32 -26.02
CA LYS A 352 43.16 2.85 -25.13
C LYS A 352 43.18 1.32 -25.09
N SER A 353 44.31 0.78 -24.63
CA SER A 353 44.49 -0.67 -24.65
C SER A 353 43.50 -1.39 -23.74
N THR A 354 43.12 -0.78 -22.62
CA THR A 354 42.28 -1.43 -21.62
C THR A 354 41.22 -0.47 -21.13
N THR A 355 40.30 -1.01 -20.32
CA THR A 355 39.29 -0.18 -19.64
C THR A 355 39.91 0.75 -18.61
N GLY A 356 41.17 0.51 -18.23
CA GLY A 356 41.87 1.34 -17.28
C GLY A 356 42.93 2.20 -17.94
N ASP A 357 42.54 2.92 -19.00
CA ASP A 357 43.42 3.90 -19.64
C ASP A 357 44.68 3.26 -20.19
N GLY A 358 44.57 2.00 -20.62
CA GLY A 358 45.70 1.26 -21.14
C GLY A 358 46.49 0.50 -20.10
N PHE A 359 46.31 0.80 -18.82
CA PHE A 359 47.01 0.08 -17.76
C PHE A 359 46.27 -1.20 -17.41
N GLU A 360 47.01 -2.16 -16.87
CA GLU A 360 46.41 -3.42 -16.45
C GLU A 360 45.86 -3.32 -15.03
N TRP A 361 46.69 -2.87 -14.10
CA TRP A 361 46.35 -2.82 -12.69
C TRP A 361 45.94 -1.41 -12.28
N GLY A 362 45.00 -1.34 -11.33
CA GLY A 362 44.51 -0.07 -10.84
C GLY A 362 44.10 -0.15 -9.38
N VAL A 363 43.78 1.02 -8.84
CA VAL A 363 43.38 1.15 -7.44
C VAL A 363 42.17 2.07 -7.37
N LEU A 364 41.18 1.67 -6.58
CA LEU A 364 39.99 2.45 -6.32
C LEU A 364 40.02 2.88 -4.86
N PHE A 365 39.73 4.15 -4.61
CA PHE A 365 39.78 4.72 -3.26
C PHE A 365 38.48 5.47 -2.96
N GLY A 366 37.91 5.18 -1.80
CA GLY A 366 36.91 6.04 -1.21
C GLY A 366 37.38 6.52 0.15
N PHE A 367 36.97 7.74 0.51
CA PHE A 367 37.37 8.36 1.76
C PHE A 367 36.15 8.96 2.45
N GLY A 368 36.08 8.82 3.77
CA GLY A 368 34.92 9.29 4.50
C GLY A 368 35.09 9.27 6.00
N PRO A 369 33.96 9.29 6.72
CA PRO A 369 34.02 9.38 8.18
C PRO A 369 34.87 8.27 8.81
N GLY A 370 35.72 8.66 9.77
CA GLY A 370 36.58 7.71 10.42
C GLY A 370 37.81 8.31 11.07
N LEU A 371 38.74 8.86 10.30
CA LEU A 371 38.66 8.94 8.84
C LEU A 371 38.88 7.56 8.23
N THR A 372 37.92 7.13 7.43
CA THR A 372 37.93 5.79 6.85
C THR A 372 38.39 5.88 5.40
N VAL A 373 39.26 4.97 5.01
CA VAL A 373 39.67 4.83 3.62
C VAL A 373 39.26 3.45 3.15
N GLU A 374 38.50 3.40 2.06
CA GLU A 374 38.17 2.15 1.39
C GLU A 374 39.06 2.02 0.16
N ARG A 375 39.72 0.87 0.04
CA ARG A 375 40.67 0.60 -1.04
C ARG A 375 40.26 -0.69 -1.74
N VAL A 376 40.26 -0.67 -3.07
CA VAL A 376 39.99 -1.85 -3.87
C VAL A 376 41.05 -1.91 -4.97
N VAL A 377 41.90 -2.94 -4.93
CA VAL A 377 42.75 -3.23 -6.07
C VAL A 377 41.89 -3.80 -7.18
N VAL A 378 41.99 -3.22 -8.37
CA VAL A 378 41.19 -3.65 -9.50
C VAL A 378 42.11 -3.92 -10.69
N ARG A 379 41.66 -4.84 -11.54
CA ARG A 379 42.32 -5.11 -12.81
C ARG A 379 41.36 -4.79 -13.93
N SER A 380 41.85 -4.11 -14.96
CA SER A 380 41.06 -3.79 -16.13
C SER A 380 40.88 -5.02 -17.00
N VAL A 381 40.09 -4.86 -18.06
CA VAL A 381 39.87 -5.93 -19.05
C VAL A 381 40.36 -5.38 -20.39
N PRO A 382 41.11 -6.15 -21.17
CA PRO A 382 41.61 -5.62 -22.45
C PRO A 382 40.47 -5.20 -23.36
N ILE A 383 40.66 -4.06 -24.03
CA ILE A 383 39.79 -3.64 -25.12
C ILE A 383 40.44 -4.13 -26.41
N LYS A 384 39.83 -5.13 -27.03
CA LYS A 384 40.37 -5.70 -28.27
C LYS A 384 39.84 -4.91 -29.47
N TYR A 385 40.75 -4.56 -30.37
CA TYR A 385 40.36 -3.86 -31.61
C TYR A 385 40.73 -4.71 -32.82
N HIS B 3 -21.84 -24.36 -14.09
CA HIS B 3 -21.72 -23.54 -15.30
C HIS B 3 -20.34 -23.66 -15.91
N LEU B 4 -20.18 -23.13 -17.12
CA LEU B 4 -18.88 -23.04 -17.78
C LEU B 4 -18.42 -21.59 -17.77
N ARG B 5 -17.12 -21.39 -17.62
CA ARG B 5 -16.52 -20.07 -17.68
C ARG B 5 -15.98 -19.82 -19.09
N ALA B 6 -15.88 -18.55 -19.46
CA ALA B 6 -15.38 -18.17 -20.77
C ALA B 6 -13.87 -18.32 -20.81
N GLU B 7 -13.35 -18.75 -21.95
CA GLU B 7 -11.92 -18.86 -22.16
C GLU B 7 -11.38 -17.55 -22.72
N GLY B 8 -10.13 -17.24 -22.37
CA GLY B 8 -9.48 -16.05 -22.85
C GLY B 8 -10.01 -14.80 -22.18
N PRO B 9 -9.41 -13.66 -22.50
CA PRO B 9 -9.77 -12.42 -21.79
C PRO B 9 -11.06 -11.80 -22.32
N ALA B 10 -11.68 -11.01 -21.45
CA ALA B 10 -12.81 -10.20 -21.86
C ALA B 10 -12.33 -9.07 -22.78
N SER B 11 -13.21 -8.69 -23.71
CA SER B 11 -12.88 -7.65 -24.67
C SER B 11 -14.06 -6.72 -24.87
N VAL B 12 -13.75 -5.45 -25.16
CA VAL B 12 -14.76 -4.49 -25.61
C VAL B 12 -15.07 -4.81 -27.07
N LEU B 13 -16.34 -5.06 -27.36
CA LEU B 13 -16.77 -5.46 -28.70
C LEU B 13 -17.50 -4.34 -29.45
N ALA B 14 -17.85 -3.25 -28.78
CA ALA B 14 -18.56 -2.15 -29.41
C ALA B 14 -18.60 -1.00 -28.42
N ILE B 15 -18.74 0.20 -28.97
CA ILE B 15 -18.76 1.44 -28.18
C ILE B 15 -19.77 2.37 -28.82
N GLY B 16 -20.68 2.91 -28.02
CA GLY B 16 -21.62 3.91 -28.47
C GLY B 16 -21.57 5.12 -27.56
N THR B 17 -22.02 6.25 -28.10
CA THR B 17 -21.84 7.56 -27.48
C THR B 17 -23.06 8.42 -27.77
N ALA B 18 -23.44 9.25 -26.80
CA ALA B 18 -24.57 10.15 -26.99
C ALA B 18 -24.43 11.36 -26.08
N ASN B 19 -24.93 12.51 -26.55
CA ASN B 19 -24.88 13.77 -25.82
C ASN B 19 -26.18 14.52 -26.07
N PRO B 20 -26.58 15.40 -25.15
CA PRO B 20 -27.75 16.24 -25.40
C PRO B 20 -27.52 17.16 -26.59
N GLU B 21 -28.62 17.74 -27.07
CA GLU B 21 -28.57 18.54 -28.29
C GLU B 21 -28.01 19.94 -28.03
N ASN B 22 -28.54 20.64 -27.04
N ASN B 22 -28.54 20.64 -27.04
CA ASN B 22 -28.13 22.02 -26.79
CA ASN B 22 -28.13 22.03 -26.81
C ASN B 22 -26.63 22.11 -26.56
C ASN B 22 -26.64 22.12 -26.53
N ILE B 23 -26.02 23.18 -27.06
CA ILE B 23 -24.58 23.37 -27.00
C ILE B 23 -24.26 24.56 -26.11
N LEU B 24 -23.13 24.46 -25.41
CA LEU B 24 -22.57 25.57 -24.66
C LEU B 24 -21.20 25.89 -25.23
N LEU B 25 -21.04 27.09 -25.77
CA LEU B 25 -19.74 27.54 -26.28
C LEU B 25 -18.97 28.21 -25.15
N GLN B 26 -17.78 27.69 -24.86
CA GLN B 26 -17.02 28.18 -23.71
C GLN B 26 -16.63 29.64 -23.86
N ASP B 27 -16.52 30.15 -25.10
CA ASP B 27 -16.27 31.58 -25.29
C ASP B 27 -17.41 32.41 -24.69
N GLU B 28 -18.65 31.97 -24.88
CA GLU B 28 -19.82 32.71 -24.44
C GLU B 28 -20.22 32.41 -23.01
N PHE B 29 -19.72 31.32 -22.43
CA PHE B 29 -20.31 30.85 -21.18
C PHE B 29 -20.16 31.83 -20.02
N PRO B 30 -19.00 32.46 -19.79
CA PRO B 30 -18.94 33.45 -18.70
C PRO B 30 -20.05 34.50 -18.82
N ASP B 31 -20.29 35.01 -20.03
CA ASP B 31 -21.36 35.97 -20.23
C ASP B 31 -22.73 35.33 -19.93
N TYR B 32 -22.97 34.14 -20.49
CA TYR B 32 -24.26 33.49 -20.31
C TYR B 32 -24.47 33.07 -18.87
N TYR B 33 -23.46 32.44 -18.26
CA TYR B 33 -23.63 31.91 -16.91
C TYR B 33 -23.95 33.03 -15.92
N PHE B 34 -23.27 34.17 -16.04
CA PHE B 34 -23.49 35.26 -15.10
C PHE B 34 -24.73 36.08 -15.42
N ARG B 35 -25.26 35.98 -16.64
CA ARG B 35 -26.52 36.63 -16.94
C ARG B 35 -27.70 35.81 -16.42
N VAL B 36 -27.70 34.51 -16.72
CA VAL B 36 -28.79 33.63 -16.28
C VAL B 36 -28.88 33.57 -14.77
N THR B 37 -27.76 33.79 -14.07
CA THR B 37 -27.72 33.69 -12.61
C THR B 37 -27.87 35.05 -11.93
N LYS B 38 -28.30 36.08 -12.65
CA LYS B 38 -28.59 37.37 -12.05
C LYS B 38 -27.40 37.91 -11.27
N SER B 39 -26.18 37.58 -11.71
CA SER B 39 -24.98 37.90 -10.96
C SER B 39 -24.00 38.74 -11.76
N GLU B 40 -24.50 39.57 -12.66
CA GLU B 40 -23.61 40.44 -13.44
C GLU B 40 -22.89 41.48 -12.58
N HIS B 41 -23.32 41.68 -11.34
CA HIS B 41 -22.70 42.66 -10.45
C HIS B 41 -21.45 42.14 -9.77
N MET B 42 -21.08 40.88 -9.98
CA MET B 42 -19.89 40.31 -9.36
C MET B 42 -18.70 40.40 -10.32
N THR B 43 -18.41 41.63 -10.75
CA THR B 43 -17.39 41.84 -11.77
C THR B 43 -16.08 41.13 -11.42
N GLN B 44 -15.66 41.20 -10.16
CA GLN B 44 -14.43 40.55 -9.75
C GLN B 44 -14.54 39.04 -9.88
N LEU B 45 -15.74 38.48 -9.66
CA LEU B 45 -15.92 37.04 -9.74
C LEU B 45 -16.03 36.57 -11.19
N LYS B 46 -16.82 37.28 -12.00
CA LYS B 46 -16.94 36.90 -13.40
C LYS B 46 -15.58 36.91 -14.09
N GLU B 47 -14.75 37.90 -13.78
CA GLU B 47 -13.41 37.94 -14.35
C GLU B 47 -12.61 36.71 -13.96
N LYS B 48 -12.61 36.37 -12.67
CA LYS B 48 -11.97 35.13 -12.25
C LYS B 48 -12.54 33.93 -12.99
N PHE B 49 -13.85 33.96 -13.29
CA PHE B 49 -14.47 32.86 -14.02
C PHE B 49 -14.01 32.82 -15.47
N ARG B 50 -13.87 34.00 -16.09
CA ARG B 50 -13.42 34.05 -17.48
C ARG B 50 -12.04 33.42 -17.62
N LYS B 51 -11.15 33.66 -16.65
CA LYS B 51 -9.82 33.05 -16.71
C LYS B 51 -9.91 31.55 -16.50
N ILE B 52 -10.83 31.08 -15.66
CA ILE B 52 -11.03 29.65 -15.50
C ILE B 52 -11.52 29.02 -16.79
N CYS B 53 -12.47 29.67 -17.46
CA CYS B 53 -12.97 29.13 -18.72
C CYS B 53 -11.90 29.20 -19.81
N ASP B 54 -11.21 30.34 -19.94
CA ASP B 54 -10.23 30.47 -21.00
C ASP B 54 -9.11 29.45 -20.86
N LYS B 55 -8.69 29.16 -19.62
CA LYS B 55 -7.60 28.22 -19.38
C LYS B 55 -8.04 26.76 -19.47
N SER B 56 -9.34 26.49 -19.55
CA SER B 56 -9.83 25.13 -19.38
C SER B 56 -9.54 24.24 -20.58
N MET B 57 -9.14 24.81 -21.72
N MET B 57 -9.14 24.79 -21.72
CA MET B 57 -8.95 24.04 -22.95
CA MET B 57 -8.93 24.02 -22.94
C MET B 57 -10.22 23.31 -23.37
C MET B 57 -10.21 23.31 -23.38
N ILE B 58 -11.36 23.88 -23.01
CA ILE B 58 -12.67 23.37 -23.40
C ILE B 58 -13.27 24.34 -24.40
N ARG B 59 -13.66 23.82 -25.57
CA ARG B 59 -14.27 24.69 -26.58
C ARG B 59 -15.79 24.72 -26.44
N LYS B 60 -16.41 23.56 -26.29
CA LYS B 60 -17.85 23.51 -26.13
C LYS B 60 -18.22 22.32 -25.24
N ARG B 61 -19.45 22.37 -24.72
CA ARG B 61 -20.02 21.29 -23.95
C ARG B 61 -21.48 21.11 -24.35
N ASN B 62 -21.98 19.89 -24.14
CA ASN B 62 -23.38 19.56 -24.36
C ASN B 62 -24.10 19.56 -23.03
N CYS B 63 -25.29 20.15 -23.00
CA CYS B 63 -25.97 20.43 -21.74
C CYS B 63 -27.48 20.34 -21.95
N PHE B 64 -28.11 19.39 -21.27
CA PHE B 64 -29.56 19.26 -21.35
C PHE B 64 -30.25 20.50 -20.81
N LEU B 65 -29.85 20.95 -19.63
CA LEU B 65 -30.41 22.15 -19.02
C LEU B 65 -30.24 23.35 -19.94
N ASN B 66 -31.34 24.02 -20.26
CA ASN B 66 -31.34 25.20 -21.12
C ASN B 66 -31.93 26.39 -20.36
N GLU B 67 -31.94 27.55 -21.02
CA GLU B 67 -32.43 28.75 -20.36
C GLU B 67 -33.93 28.67 -20.10
N GLU B 68 -34.68 27.94 -20.94
CA GLU B 68 -36.09 27.73 -20.66
C GLU B 68 -36.29 27.08 -19.30
N HIS B 69 -35.47 26.07 -18.98
CA HIS B 69 -35.59 25.43 -17.67
C HIS B 69 -35.36 26.44 -16.55
N LEU B 70 -34.38 27.32 -16.71
CA LEU B 70 -34.10 28.31 -15.68
C LEU B 70 -35.23 29.32 -15.54
N LYS B 71 -35.93 29.63 -16.64
CA LYS B 71 -37.07 30.53 -16.55
C LYS B 71 -38.23 29.88 -15.82
N GLN B 72 -38.47 28.59 -16.09
CA GLN B 72 -39.58 27.89 -15.44
C GLN B 72 -39.33 27.70 -13.95
N ASN B 73 -38.08 27.78 -13.49
CA ASN B 73 -37.75 27.57 -12.08
C ASN B 73 -36.52 28.39 -11.73
N PRO B 74 -36.71 29.70 -11.48
CA PRO B 74 -35.56 30.55 -11.14
C PRO B 74 -34.84 30.13 -9.86
N ARG B 75 -35.42 29.23 -9.06
CA ARG B 75 -34.70 28.71 -7.91
C ARG B 75 -33.41 28.00 -8.32
N LEU B 76 -33.33 27.52 -9.56
CA LEU B 76 -32.17 26.77 -10.02
C LEU B 76 -30.96 27.65 -10.26
N VAL B 77 -31.14 28.98 -10.35
CA VAL B 77 -30.03 29.89 -10.60
C VAL B 77 -29.54 30.57 -9.33
N GLU B 78 -30.18 30.31 -8.19
CA GLU B 78 -29.62 30.73 -6.91
C GLU B 78 -28.44 29.84 -6.54
N HIS B 79 -27.70 30.25 -5.51
CA HIS B 79 -26.56 29.46 -5.06
C HIS B 79 -27.02 28.16 -4.42
N GLU B 80 -27.62 28.23 -3.22
CA GLU B 80 -27.98 27.05 -2.43
C GLU B 80 -29.43 27.18 -1.96
N MET B 81 -30.37 26.90 -2.85
CA MET B 81 -31.77 26.86 -2.51
C MET B 81 -32.30 25.44 -2.73
N GLN B 82 -33.32 25.08 -1.94
CA GLN B 82 -33.90 23.75 -1.99
C GLN B 82 -34.48 23.45 -3.37
N THR B 83 -33.77 22.64 -4.16
CA THR B 83 -34.17 22.38 -5.54
C THR B 83 -33.97 20.92 -5.93
N LEU B 84 -33.61 20.05 -4.99
CA LEU B 84 -33.32 18.66 -5.36
C LEU B 84 -34.53 18.01 -6.01
N ASP B 85 -35.73 18.22 -5.45
CA ASP B 85 -36.91 17.56 -5.98
C ASP B 85 -37.13 17.93 -7.44
N ALA B 86 -37.00 19.21 -7.77
CA ALA B 86 -37.11 19.62 -9.17
C ALA B 86 -36.04 18.97 -10.02
N ARG B 87 -34.79 18.97 -9.55
CA ARG B 87 -33.71 18.32 -10.29
C ARG B 87 -34.01 16.84 -10.49
N GLN B 88 -34.36 16.15 -9.40
CA GLN B 88 -34.63 14.71 -9.48
C GLN B 88 -35.76 14.40 -10.46
N ASP B 89 -36.80 15.23 -10.47
CA ASP B 89 -37.91 14.98 -11.39
C ASP B 89 -37.42 14.95 -12.83
N MET B 90 -36.45 15.80 -13.16
CA MET B 90 -35.91 15.83 -14.52
C MET B 90 -34.99 14.63 -14.77
N LEU B 91 -34.08 14.35 -13.85
CA LEU B 91 -32.98 13.45 -14.16
C LEU B 91 -33.35 11.97 -14.08
N VAL B 92 -34.33 11.60 -13.26
CA VAL B 92 -34.73 10.20 -13.23
C VAL B 92 -35.29 9.76 -14.57
N VAL B 93 -35.75 10.72 -15.37
CA VAL B 93 -36.24 10.41 -16.71
C VAL B 93 -35.16 10.57 -17.76
N GLU B 94 -34.36 11.64 -17.68
CA GLU B 94 -33.43 11.96 -18.76
C GLU B 94 -32.17 11.10 -18.69
N VAL B 95 -31.66 10.82 -17.49
CA VAL B 95 -30.46 9.99 -17.36
C VAL B 95 -30.65 8.62 -17.98
N PRO B 96 -31.73 7.88 -17.69
CA PRO B 96 -31.92 6.59 -18.38
C PRO B 96 -32.11 6.74 -19.88
N LYS B 97 -32.72 7.84 -20.34
CA LYS B 97 -33.00 7.99 -21.76
C LYS B 97 -31.72 8.31 -22.53
N LEU B 98 -30.91 9.24 -22.04
CA LEU B 98 -29.64 9.53 -22.70
C LEU B 98 -28.75 8.30 -22.71
N GLY B 99 -28.74 7.53 -21.62
CA GLY B 99 -27.98 6.30 -21.59
C GLY B 99 -28.52 5.25 -22.55
N LYS B 100 -29.84 5.18 -22.69
CA LYS B 100 -30.41 4.24 -23.65
C LYS B 100 -29.90 4.52 -25.05
N ASP B 101 -29.77 5.80 -25.41
CA ASP B 101 -29.31 6.16 -26.75
C ASP B 101 -27.86 5.73 -26.98
N ALA B 102 -27.01 5.87 -25.97
CA ALA B 102 -25.64 5.38 -26.10
C ALA B 102 -25.62 3.86 -26.23
N CYS B 103 -26.49 3.17 -25.49
CA CYS B 103 -26.58 1.71 -25.59
C CYS B 103 -27.05 1.29 -26.97
N ALA B 104 -28.01 2.01 -27.55
CA ALA B 104 -28.53 1.66 -28.86
C ALA B 104 -27.43 1.72 -29.92
N LYS B 105 -26.67 2.82 -29.92
N LYS B 105 -26.68 2.83 -29.93
CA LYS B 105 -25.57 2.94 -30.87
CA LYS B 105 -25.56 2.94 -30.87
C LYS B 105 -24.55 1.83 -30.65
C LYS B 105 -24.56 1.82 -30.66
N ALA B 106 -24.27 1.49 -29.40
CA ALA B 106 -23.34 0.40 -29.12
C ALA B 106 -23.88 -0.92 -29.65
N ILE B 107 -25.18 -1.17 -29.45
CA ILE B 107 -25.77 -2.43 -29.91
C ILE B 107 -25.79 -2.49 -31.42
N LYS B 108 -26.03 -1.36 -32.08
CA LYS B 108 -25.96 -1.30 -33.54
C LYS B 108 -24.61 -1.80 -34.05
N GLU B 109 -23.52 -1.25 -33.50
CA GLU B 109 -22.19 -1.70 -33.90
C GLU B 109 -21.98 -3.17 -33.57
N TRP B 110 -22.36 -3.58 -32.37
CA TRP B 110 -22.27 -4.98 -31.98
C TRP B 110 -22.94 -5.88 -33.01
N GLY B 111 -24.13 -5.49 -33.46
CA GLY B 111 -24.81 -6.20 -34.53
C GLY B 111 -25.43 -7.52 -34.14
N GLN B 112 -25.62 -7.77 -32.86
CA GLN B 112 -26.19 -9.02 -32.38
C GLN B 112 -27.53 -8.75 -31.72
N PRO B 113 -28.39 -9.76 -31.61
CA PRO B 113 -29.71 -9.53 -31.02
C PRO B 113 -29.59 -9.00 -29.60
N LYS B 114 -30.38 -7.97 -29.29
CA LYS B 114 -30.43 -7.49 -27.91
C LYS B 114 -30.92 -8.58 -26.95
N SER B 115 -31.49 -9.66 -27.49
CA SER B 115 -31.81 -10.82 -26.67
C SER B 115 -30.57 -11.47 -26.08
N LYS B 116 -29.42 -11.31 -26.74
CA LYS B 116 -28.20 -11.97 -26.29
C LYS B 116 -27.51 -11.22 -25.16
N ILE B 117 -28.04 -10.11 -24.70
CA ILE B 117 -27.41 -9.36 -23.62
C ILE B 117 -27.79 -10.00 -22.30
N THR B 118 -26.79 -10.44 -21.54
CA THR B 118 -27.03 -11.14 -20.27
C THR B 118 -26.89 -10.23 -19.05
N HIS B 119 -26.16 -9.13 -19.14
CA HIS B 119 -25.99 -8.23 -18.00
C HIS B 119 -26.06 -6.78 -18.46
N LEU B 120 -26.44 -5.90 -17.53
CA LEU B 120 -26.49 -4.47 -17.78
C LEU B 120 -25.90 -3.75 -16.57
N ILE B 121 -24.74 -3.12 -16.75
CA ILE B 121 -24.13 -2.28 -15.73
C ILE B 121 -24.46 -0.84 -16.06
N PHE B 122 -24.88 -0.07 -15.06
CA PHE B 122 -25.23 1.33 -15.26
C PHE B 122 -24.64 2.14 -14.12
N THR B 123 -23.93 3.21 -14.44
CA THR B 123 -23.42 4.10 -13.42
C THR B 123 -23.76 5.55 -13.78
N SER B 124 -24.08 6.33 -12.75
CA SER B 124 -24.39 7.73 -12.91
C SER B 124 -24.28 8.41 -11.55
N ALA B 125 -23.74 9.62 -11.54
CA ALA B 125 -23.63 10.42 -10.34
C ALA B 125 -24.63 11.56 -10.29
N SER B 126 -25.45 11.73 -11.33
CA SER B 126 -26.32 12.88 -11.45
C SER B 126 -27.70 12.66 -10.84
N THR B 127 -27.95 11.50 -10.24
CA THR B 127 -29.26 11.21 -9.68
C THR B 127 -29.16 9.90 -8.91
N THR B 128 -30.31 9.42 -8.43
CA THR B 128 -30.43 8.16 -7.70
C THR B 128 -31.91 7.91 -7.46
N ASP B 129 -32.33 6.66 -7.61
CA ASP B 129 -33.74 6.33 -7.57
C ASP B 129 -33.89 4.82 -7.48
N MET B 130 -35.07 4.38 -7.02
CA MET B 130 -35.42 2.96 -6.86
C MET B 130 -36.84 2.70 -7.34
N PRO B 131 -37.04 1.86 -8.37
CA PRO B 131 -36.02 1.23 -9.21
C PRO B 131 -35.17 2.28 -9.90
N GLY B 132 -34.01 1.89 -10.42
CA GLY B 132 -33.00 2.82 -10.87
C GLY B 132 -32.94 2.96 -12.39
N ALA B 133 -31.88 3.66 -12.83
CA ALA B 133 -31.70 3.89 -14.26
C ALA B 133 -31.47 2.58 -15.00
N ASP B 134 -30.84 1.60 -14.36
CA ASP B 134 -30.66 0.30 -15.00
C ASP B 134 -31.99 -0.31 -15.36
N TYR B 135 -32.99 -0.15 -14.50
CA TYR B 135 -34.31 -0.72 -14.78
C TYR B 135 -34.94 -0.05 -15.98
N HIS B 136 -34.99 1.28 -15.98
CA HIS B 136 -35.66 1.99 -17.08
C HIS B 136 -34.88 1.86 -18.38
N CYS B 137 -33.55 1.95 -18.32
CA CYS B 137 -32.74 1.79 -19.52
C CYS B 137 -32.95 0.39 -20.11
N ALA B 138 -33.10 -0.62 -19.25
CA ALA B 138 -33.38 -1.96 -19.74
C ALA B 138 -34.79 -2.05 -20.32
N LYS B 139 -35.74 -1.28 -19.77
CA LYS B 139 -37.10 -1.26 -20.32
C LYS B 139 -37.11 -0.56 -21.67
N LEU B 140 -36.50 0.61 -21.75
CA LEU B 140 -36.51 1.37 -23.00
C LEU B 140 -35.84 0.60 -24.13
N LEU B 141 -34.89 -0.27 -23.80
CA LEU B 141 -34.17 -1.06 -24.78
C LEU B 141 -34.89 -2.35 -25.16
N GLY B 142 -35.93 -2.74 -24.41
CA GLY B 142 -36.56 -4.02 -24.63
C GLY B 142 -35.70 -5.20 -24.21
N LEU B 143 -34.82 -5.00 -23.24
CA LEU B 143 -34.00 -6.11 -22.78
C LEU B 143 -34.85 -7.16 -22.07
N SER B 144 -34.32 -8.37 -22.03
CA SER B 144 -34.98 -9.44 -21.30
C SER B 144 -35.21 -9.01 -19.85
N PRO B 145 -36.36 -9.33 -19.26
CA PRO B 145 -36.56 -8.99 -17.84
C PRO B 145 -35.59 -9.70 -16.92
N SER B 146 -34.99 -10.81 -17.35
CA SER B 146 -34.01 -11.54 -16.55
C SER B 146 -32.58 -11.10 -16.80
N VAL B 147 -32.37 -9.91 -17.37
CA VAL B 147 -31.02 -9.38 -17.51
C VAL B 147 -30.47 -9.06 -16.13
N LYS B 148 -29.29 -9.59 -15.82
N LYS B 148 -29.30 -9.60 -15.82
CA LYS B 148 -28.66 -9.40 -14.52
CA LYS B 148 -28.66 -9.39 -14.52
C LYS B 148 -28.04 -8.00 -14.47
C LYS B 148 -28.05 -8.00 -14.47
N ARG B 149 -28.60 -7.15 -13.62
CA ARG B 149 -28.22 -5.74 -13.59
C ARG B 149 -27.24 -5.42 -12.45
N VAL B 150 -26.45 -4.37 -12.68
CA VAL B 150 -25.46 -3.89 -11.72
C VAL B 150 -25.62 -2.37 -11.69
N MET B 151 -26.37 -1.87 -10.72
CA MET B 151 -26.64 -0.44 -10.60
C MET B 151 -25.64 0.18 -9.63
N MET B 152 -24.90 1.18 -10.10
CA MET B 152 -23.84 1.82 -9.31
C MET B 152 -24.05 3.33 -9.38
N TYR B 153 -24.86 3.86 -8.47
CA TYR B 153 -25.06 5.29 -8.38
C TYR B 153 -23.91 5.96 -7.63
N GLN B 154 -23.65 7.22 -7.99
CA GLN B 154 -22.71 8.08 -7.28
C GLN B 154 -21.34 7.45 -7.13
N LEU B 155 -20.78 7.01 -8.25
CA LEU B 155 -19.36 6.67 -8.27
C LEU B 155 -18.52 7.91 -8.55
N GLY B 156 -18.86 8.64 -9.60
CA GLY B 156 -18.10 9.82 -9.97
C GLY B 156 -17.20 9.54 -11.14
N TYR B 158 -14.30 8.32 -11.77
CA TYR B 158 -13.54 7.09 -11.96
C TYR B 158 -14.43 5.96 -12.47
N GLY B 159 -15.74 6.21 -12.56
CA GLY B 159 -16.69 5.15 -12.84
C GLY B 159 -16.52 4.49 -14.18
N GLY B 160 -15.88 5.17 -15.14
CA GLY B 160 -15.62 4.55 -16.43
C GLY B 160 -14.73 3.33 -16.32
N GLY B 161 -13.69 3.42 -15.49
CA GLY B 161 -12.90 2.24 -15.21
C GLY B 161 -13.65 1.21 -14.39
N THR B 162 -14.48 1.68 -13.45
CA THR B 162 -15.22 0.76 -12.59
C THR B 162 -16.09 -0.19 -13.41
N VAL B 163 -16.85 0.35 -14.38
CA VAL B 163 -17.79 -0.50 -15.10
C VAL B 163 -17.05 -1.51 -15.97
N LEU B 164 -15.84 -1.15 -16.44
CA LEU B 164 -15.02 -2.12 -17.16
C LEU B 164 -14.48 -3.19 -16.24
N ARG B 165 -14.02 -2.79 -15.06
CA ARG B 165 -13.54 -3.78 -14.10
C ARG B 165 -14.64 -4.75 -13.69
N ILE B 166 -15.86 -4.26 -13.49
CA ILE B 166 -16.96 -5.15 -13.15
C ILE B 166 -17.27 -6.08 -14.32
N ALA B 167 -17.28 -5.54 -15.54
CA ALA B 167 -17.63 -6.34 -16.72
C ALA B 167 -16.61 -7.45 -16.98
N LYS B 168 -15.33 -7.18 -16.71
N LYS B 168 -15.33 -7.19 -16.70
CA LYS B 168 -14.29 -8.17 -17.02
CA LYS B 168 -14.29 -8.17 -17.01
C LYS B 168 -14.56 -9.49 -16.31
C LYS B 168 -14.56 -9.48 -16.30
N ASP B 169 -14.76 -9.44 -14.98
CA ASP B 169 -14.99 -10.66 -14.22
C ASP B 169 -16.29 -11.35 -14.60
N ILE B 170 -17.34 -10.57 -14.86
CA ILE B 170 -18.61 -11.18 -15.24
C ILE B 170 -18.49 -11.86 -16.59
N ALA B 171 -17.77 -11.25 -17.53
CA ALA B 171 -17.66 -11.83 -18.86
C ALA B 171 -16.78 -13.06 -18.87
N GLU B 172 -15.75 -13.10 -18.03
CA GLU B 172 -14.83 -14.22 -18.04
C GLU B 172 -15.37 -15.40 -17.24
N ASN B 173 -16.14 -15.15 -16.19
CA ASN B 173 -16.66 -16.24 -15.38
C ASN B 173 -17.94 -16.86 -15.92
N ASN B 174 -18.45 -16.39 -17.06
CA ASN B 174 -19.71 -16.88 -17.59
C ASN B 174 -19.61 -17.00 -19.10
N LYS B 175 -19.59 -18.24 -19.60
CA LYS B 175 -19.49 -18.48 -21.03
C LYS B 175 -20.71 -17.91 -21.75
N GLY B 176 -20.46 -17.19 -22.85
CA GLY B 176 -21.52 -16.58 -23.62
C GLY B 176 -22.04 -15.26 -23.08
N ALA B 177 -21.64 -14.87 -21.88
CA ALA B 177 -22.16 -13.63 -21.30
C ALA B 177 -21.76 -12.44 -22.15
N ARG B 178 -22.72 -11.56 -22.40
CA ARG B 178 -22.50 -10.33 -23.16
C ARG B 178 -23.00 -9.18 -22.30
N VAL B 179 -22.06 -8.38 -21.80
CA VAL B 179 -22.34 -7.38 -20.78
C VAL B 179 -22.47 -6.02 -21.46
N LEU B 180 -23.60 -5.36 -21.23
CA LEU B 180 -23.81 -3.98 -21.65
C LEU B 180 -23.54 -3.08 -20.45
N ALA B 181 -22.53 -2.23 -20.56
CA ALA B 181 -22.12 -1.34 -19.48
C ALA B 181 -22.16 0.09 -19.99
N VAL B 182 -22.87 0.96 -19.27
CA VAL B 182 -23.13 2.31 -19.74
C VAL B 182 -22.93 3.29 -18.59
N CYS B 183 -22.32 4.43 -18.91
CA CYS B 183 -22.17 5.56 -18.00
C CYS B 183 -22.95 6.75 -18.57
N CYS B 184 -23.54 7.55 -17.69
N CYS B 184 -23.54 7.55 -17.69
CA CYS B 184 -24.28 8.72 -18.13
CA CYS B 184 -24.30 8.72 -18.10
C CYS B 184 -24.37 9.74 -17.00
C CYS B 184 -24.32 9.73 -16.98
N ASP B 185 -24.19 11.00 -17.34
CA ASP B 185 -24.30 12.08 -16.36
C ASP B 185 -24.84 13.32 -17.04
N ILE B 186 -25.69 14.04 -16.32
CA ILE B 186 -26.34 15.27 -16.77
C ILE B 186 -26.16 16.29 -15.66
N MET B 187 -25.44 17.37 -15.97
CA MET B 187 -24.98 18.29 -14.93
C MET B 187 -26.06 19.25 -14.45
N ALA B 188 -27.32 19.03 -14.81
CA ALA B 188 -28.39 19.75 -14.12
C ALA B 188 -28.46 19.40 -12.64
N CYS B 189 -27.76 18.35 -12.21
CA CYS B 189 -27.77 17.96 -10.80
C CYS B 189 -26.98 18.94 -9.93
N GLY B 190 -26.01 19.65 -10.51
CA GLY B 190 -25.10 20.50 -9.76
C GLY B 190 -25.09 21.96 -10.18
N PHE B 191 -25.83 22.30 -11.25
CA PHE B 191 -25.88 23.67 -11.71
C PHE B 191 -26.46 24.59 -10.63
N ARG B 192 -25.82 25.74 -10.44
CA ARG B 192 -26.32 26.71 -9.47
C ARG B 192 -25.59 28.03 -9.68
N GLY B 193 -26.17 29.10 -9.15
CA GLY B 193 -25.58 30.41 -9.23
C GLY B 193 -24.27 30.46 -8.47
N PRO B 194 -23.48 31.50 -8.72
CA PRO B 194 -22.17 31.60 -8.07
C PRO B 194 -22.22 32.31 -6.72
N SER B 195 -21.07 32.32 -6.06
CA SER B 195 -20.88 33.08 -4.82
C SER B 195 -19.38 33.32 -4.66
N GLU B 196 -19.04 34.48 -4.09
CA GLU B 196 -17.63 34.79 -3.84
C GLU B 196 -16.98 33.73 -2.96
N SER B 197 -17.76 33.10 -2.07
CA SER B 197 -17.20 32.13 -1.14
C SER B 197 -16.79 30.84 -1.85
N ASP B 198 -17.42 30.52 -2.97
CA ASP B 198 -17.34 29.20 -3.58
C ASP B 198 -16.48 29.27 -4.84
N LEU B 199 -15.17 29.29 -4.65
CA LEU B 199 -14.27 29.27 -5.81
C LEU B 199 -14.25 27.89 -6.46
N GLU B 200 -14.50 26.83 -5.68
CA GLU B 200 -14.53 25.49 -6.26
C GLU B 200 -15.72 25.29 -7.18
N LEU B 201 -16.85 25.93 -6.87
CA LEU B 201 -18.05 25.78 -7.70
C LEU B 201 -17.80 26.27 -9.12
N LEU B 202 -17.20 27.44 -9.26
CA LEU B 202 -16.97 27.99 -10.59
C LEU B 202 -16.14 27.05 -11.45
N VAL B 203 -15.18 26.33 -10.85
CA VAL B 203 -14.40 25.38 -11.62
C VAL B 203 -15.29 24.28 -12.16
N GLY B 204 -16.17 23.74 -11.33
CA GLY B 204 -17.12 22.75 -11.82
C GLY B 204 -18.04 23.32 -12.88
N GLN B 205 -18.55 24.53 -12.67
CA GLN B 205 -19.43 25.15 -13.66
C GLN B 205 -18.72 25.35 -15.00
N ALA B 206 -17.40 25.31 -15.03
CA ALA B 206 -16.69 25.61 -16.27
C ALA B 206 -16.20 24.37 -17.01
N ILE B 207 -16.19 23.20 -16.37
CA ILE B 207 -15.60 22.03 -17.00
C ILE B 207 -16.61 20.89 -17.15
N PHE B 208 -17.62 20.83 -16.29
CA PHE B 208 -18.52 19.68 -16.32
C PHE B 208 -19.51 19.80 -17.47
N GLY B 209 -19.65 18.72 -18.24
CA GLY B 209 -20.63 18.64 -19.31
C GLY B 209 -21.42 17.34 -19.24
N ASP B 210 -22.39 17.22 -20.15
CA ASP B 210 -23.28 16.07 -20.20
C ASP B 210 -22.85 15.09 -21.29
N GLY B 211 -23.15 13.81 -21.06
CA GLY B 211 -22.90 12.79 -22.06
C GLY B 211 -23.10 11.39 -21.53
N ALA B 212 -23.21 10.42 -22.45
CA ALA B 212 -23.39 9.03 -22.10
C ALA B 212 -22.56 8.16 -23.02
N ALA B 213 -22.02 7.07 -22.48
CA ALA B 213 -21.22 6.14 -23.27
C ALA B 213 -21.50 4.72 -22.82
N ALA B 214 -21.67 3.82 -23.78
CA ALA B 214 -21.95 2.42 -23.49
C ALA B 214 -21.01 1.52 -24.28
N VAL B 215 -20.63 0.41 -23.65
CA VAL B 215 -19.78 -0.59 -24.27
C VAL B 215 -20.43 -1.95 -24.13
N ILE B 216 -20.11 -2.83 -25.08
CA ILE B 216 -20.43 -4.24 -25.01
C ILE B 216 -19.13 -4.97 -24.70
N VAL B 217 -19.13 -5.76 -23.62
CA VAL B 217 -17.96 -6.51 -23.18
C VAL B 217 -18.31 -7.99 -23.19
N GLY B 218 -17.41 -8.80 -23.75
CA GLY B 218 -17.59 -10.23 -23.76
C GLY B 218 -16.26 -10.91 -23.98
N ALA B 219 -16.20 -12.18 -23.58
CA ALA B 219 -15.07 -13.05 -23.86
C ALA B 219 -15.46 -14.06 -24.93
N GLU B 220 -14.44 -14.60 -25.60
CA GLU B 220 -14.66 -15.53 -26.71
C GLU B 220 -15.51 -14.85 -27.79
N PRO B 221 -15.08 -13.72 -28.33
CA PRO B 221 -15.85 -13.09 -29.41
C PRO B 221 -16.00 -14.02 -30.60
N ASP B 222 -17.20 -14.05 -31.17
CA ASP B 222 -17.54 -14.95 -32.27
C ASP B 222 -17.47 -14.16 -33.58
N GLU B 223 -16.34 -14.27 -34.28
CA GLU B 223 -16.21 -13.57 -35.56
C GLU B 223 -17.24 -14.05 -36.57
N SER B 224 -17.69 -15.30 -36.44
CA SER B 224 -18.62 -15.86 -37.43
C SER B 224 -19.91 -15.08 -37.52
N VAL B 225 -20.28 -14.36 -36.46
CA VAL B 225 -21.58 -13.69 -36.38
C VAL B 225 -21.45 -12.18 -36.39
N GLY B 226 -20.25 -11.65 -36.62
CA GLY B 226 -20.05 -10.22 -36.72
C GLY B 226 -19.41 -9.57 -35.53
N GLU B 227 -19.13 -10.32 -34.47
CA GLU B 227 -18.41 -9.77 -33.33
C GLU B 227 -16.94 -9.58 -33.70
N ARG B 228 -16.36 -8.45 -33.24
CA ARG B 228 -14.94 -8.18 -33.45
C ARG B 228 -14.43 -7.41 -32.23
N PRO B 229 -13.34 -7.86 -31.60
CA PRO B 229 -12.84 -7.15 -30.42
C PRO B 229 -12.14 -5.84 -30.80
N ILE B 230 -12.23 -4.87 -29.89
CA ILE B 230 -11.61 -3.56 -30.07
C ILE B 230 -10.46 -3.35 -29.10
N PHE B 231 -10.64 -3.73 -27.84
CA PHE B 231 -9.60 -3.71 -26.84
C PHE B 231 -9.80 -4.91 -25.92
N GLU B 232 -8.70 -5.56 -25.53
CA GLU B 232 -8.75 -6.58 -24.51
C GLU B 232 -8.57 -5.94 -23.14
N LEU B 233 -9.33 -6.40 -22.16
CA LEU B 233 -9.19 -5.98 -20.78
C LEU B 233 -8.31 -7.02 -20.09
N VAL B 234 -7.07 -6.65 -19.79
CA VAL B 234 -6.09 -7.63 -19.34
C VAL B 234 -6.03 -7.73 -17.82
N SER B 235 -6.04 -6.60 -17.13
CA SER B 235 -6.00 -6.59 -15.68
C SER B 235 -6.55 -5.27 -15.20
N THR B 236 -6.90 -5.22 -13.91
CA THR B 236 -7.53 -4.05 -13.36
C THR B 236 -6.97 -3.74 -11.98
N GLY B 237 -7.06 -2.49 -11.60
CA GLY B 237 -6.68 -2.06 -10.26
C GLY B 237 -7.48 -0.86 -9.85
N GLN B 238 -7.75 -0.76 -8.55
CA GLN B 238 -8.37 0.42 -7.96
C GLN B 238 -7.61 0.73 -6.66
N THR B 239 -7.31 2.00 -6.44
CA THR B 239 -6.52 2.37 -5.28
C THR B 239 -6.92 3.76 -4.81
N ILE B 240 -6.57 4.05 -3.56
CA ILE B 240 -6.81 5.35 -2.95
C ILE B 240 -5.46 6.01 -2.74
N LEU B 241 -5.26 7.17 -3.36
CA LEU B 241 -3.97 7.84 -3.26
C LEU B 241 -3.71 8.28 -1.82
N PRO B 242 -2.47 8.22 -1.35
CA PRO B 242 -2.18 8.68 0.01
C PRO B 242 -2.34 10.19 0.13
N ASN B 243 -2.68 10.62 1.35
CA ASN B 243 -2.90 12.04 1.65
C ASN B 243 -3.83 12.68 0.63
N SER B 244 -4.90 11.97 0.32
CA SER B 244 -5.86 12.38 -0.70
C SER B 244 -7.23 12.70 -0.13
N GLU B 245 -7.40 12.61 1.19
CA GLU B 245 -8.74 12.66 1.78
C GLU B 245 -9.40 14.01 1.52
N GLY B 246 -10.65 13.96 1.06
CA GLY B 246 -11.46 15.15 0.87
C GLY B 246 -11.18 15.91 -0.40
N THR B 247 -10.20 15.50 -1.21
CA THR B 247 -9.78 16.34 -2.32
C THR B 247 -10.80 16.34 -3.46
N ILE B 248 -11.61 15.28 -3.58
CA ILE B 248 -12.61 15.19 -4.65
C ILE B 248 -13.88 14.62 -4.03
N GLY B 249 -14.95 15.44 -4.00
CA GLY B 249 -16.16 15.05 -3.31
C GLY B 249 -17.40 15.39 -4.10
N GLY B 250 -18.46 14.66 -3.80
CA GLY B 250 -19.77 14.91 -4.37
C GLY B 250 -20.85 14.47 -3.39
N HIS B 251 -21.75 15.38 -3.04
CA HIS B 251 -22.72 15.14 -1.98
C HIS B 251 -24.12 15.46 -2.47
N ILE B 252 -25.05 14.57 -2.14
CA ILE B 252 -26.46 14.73 -2.50
C ILE B 252 -27.15 15.46 -1.35
N ARG B 253 -27.59 16.69 -1.62
CA ARG B 253 -28.16 17.57 -0.60
C ARG B 253 -29.47 18.16 -1.10
N GLU B 254 -30.18 18.82 -0.18
CA GLU B 254 -31.42 19.50 -0.57
C GLU B 254 -31.15 20.55 -1.65
N ALA B 255 -29.98 21.16 -1.64
CA ALA B 255 -29.60 22.12 -2.68
C ALA B 255 -29.20 21.43 -3.98
N GLY B 256 -29.21 20.09 -4.03
CA GLY B 256 -28.76 19.37 -5.19
C GLY B 256 -27.38 18.75 -4.98
N LEU B 257 -26.64 18.53 -6.07
CA LEU B 257 -25.31 17.94 -5.97
C LEU B 257 -24.28 19.03 -5.68
N ILE B 258 -23.63 18.92 -4.52
CA ILE B 258 -22.55 19.80 -4.11
C ILE B 258 -21.24 19.03 -4.23
N PHE B 259 -20.24 19.65 -4.87
CA PHE B 259 -18.98 18.97 -5.13
C PHE B 259 -17.81 19.77 -4.58
N ASP B 260 -16.78 19.04 -4.13
CA ASP B 260 -15.54 19.62 -3.66
C ASP B 260 -14.44 19.33 -4.66
N LEU B 261 -13.48 20.25 -4.76
CA LEU B 261 -12.36 20.10 -5.68
C LEU B 261 -11.16 20.81 -5.10
N HIS B 262 -10.18 20.04 -4.62
CA HIS B 262 -8.99 20.62 -4.01
C HIS B 262 -7.97 20.95 -5.10
N LYS B 263 -7.23 22.05 -4.87
CA LYS B 263 -6.28 22.51 -5.87
C LYS B 263 -5.18 21.48 -6.13
N ASP B 264 -4.88 20.63 -5.14
CA ASP B 264 -3.78 19.69 -5.23
C ASP B 264 -4.10 18.43 -6.02
N VAL B 265 -5.29 18.33 -6.63
CA VAL B 265 -5.65 17.11 -7.35
C VAL B 265 -4.67 16.79 -8.48
N PRO B 266 -4.27 17.74 -9.32
CA PRO B 266 -3.29 17.40 -10.36
C PRO B 266 -1.96 16.92 -9.79
N MET B 267 -1.45 17.57 -8.75
CA MET B 267 -0.19 17.17 -8.16
C MET B 267 -0.28 15.76 -7.55
N LEU B 268 -1.39 15.47 -6.88
CA LEU B 268 -1.53 14.16 -6.22
C LEU B 268 -1.58 13.04 -7.25
N ILE B 269 -2.26 13.25 -8.36
CA ILE B 269 -2.34 12.22 -9.38
C ILE B 269 -0.97 12.00 -10.02
N SER B 270 -0.28 13.09 -10.40
CA SER B 270 1.00 12.96 -11.07
C SER B 270 2.07 12.40 -10.14
N ASN B 271 2.03 12.76 -8.85
CA ASN B 271 3.05 12.26 -7.92
C ASN B 271 2.85 10.79 -7.55
N ASN B 272 1.68 10.20 -7.84
CA ASN B 272 1.42 8.80 -7.50
C ASN B 272 1.15 7.91 -8.71
N ILE B 273 1.01 8.47 -9.91
CA ILE B 273 0.56 7.67 -11.03
C ILE B 273 1.61 6.62 -11.42
N GLU B 274 2.89 6.98 -11.33
CA GLU B 274 3.93 6.05 -11.77
C GLU B 274 3.89 4.76 -10.95
N LYS B 275 3.61 4.87 -9.64
CA LYS B 275 3.46 3.66 -8.84
C LYS B 275 2.33 2.80 -9.36
N CYS B 276 1.27 3.41 -9.89
CA CYS B 276 0.22 2.64 -10.53
C CYS B 276 0.75 1.90 -11.76
N LEU B 277 1.54 2.59 -12.58
CA LEU B 277 2.08 1.95 -13.78
C LEU B 277 3.00 0.80 -13.43
N ILE B 278 3.84 0.99 -12.40
CA ILE B 278 4.79 -0.05 -12.01
C ILE B 278 4.05 -1.30 -11.55
N GLU B 279 3.07 -1.12 -10.66
CA GLU B 279 2.30 -2.29 -10.22
C GLU B 279 1.59 -2.96 -11.39
N ALA B 280 1.14 -2.16 -12.36
CA ALA B 280 0.38 -2.70 -13.48
C ALA B 280 1.27 -3.43 -14.48
N PHE B 281 2.46 -2.91 -14.77
CA PHE B 281 3.21 -3.40 -15.91
C PHE B 281 4.45 -4.20 -15.57
N THR B 282 4.91 -4.18 -14.32
CA THR B 282 6.07 -5.00 -13.98
C THR B 282 5.81 -6.49 -14.20
N PRO B 283 4.63 -7.03 -13.95
CA PRO B 283 4.36 -8.42 -14.38
C PRO B 283 4.47 -8.61 -15.88
N ILE B 284 4.26 -7.55 -16.66
CA ILE B 284 4.34 -7.64 -18.11
C ILE B 284 5.74 -7.36 -18.64
N GLY B 285 6.60 -6.73 -17.84
CA GLY B 285 7.94 -6.44 -18.27
C GLY B 285 8.11 -5.11 -18.96
N ILE B 286 7.17 -4.19 -18.82
CA ILE B 286 7.23 -2.88 -19.46
C ILE B 286 7.56 -1.84 -18.40
N SER B 287 8.55 -1.00 -18.71
CA SER B 287 8.97 0.09 -17.85
C SER B 287 8.98 1.43 -18.56
N ASP B 288 8.87 1.46 -19.88
CA ASP B 288 8.86 2.70 -20.66
C ASP B 288 7.41 3.08 -20.96
N TRP B 289 6.96 4.20 -20.37
CA TRP B 289 5.57 4.62 -20.48
C TRP B 289 5.25 5.28 -21.81
N ASN B 290 6.23 5.42 -22.69
CA ASN B 290 5.98 5.84 -24.06
C ASN B 290 5.84 4.65 -25.01
N SER B 291 6.14 3.43 -24.57
CA SER B 291 5.96 2.26 -25.42
C SER B 291 4.55 1.70 -25.35
N ILE B 292 3.61 2.42 -24.70
CA ILE B 292 2.23 1.99 -24.54
C ILE B 292 1.30 3.14 -24.92
N PHE B 293 0.05 2.79 -25.26
CA PHE B 293 -0.96 3.81 -25.48
C PHE B 293 -1.73 4.09 -24.19
N TRP B 294 -2.40 5.24 -24.17
CA TRP B 294 -3.07 5.75 -22.98
C TRP B 294 -4.52 6.06 -23.29
N ILE B 295 -5.41 5.73 -22.34
CA ILE B 295 -6.80 6.12 -22.36
C ILE B 295 -7.07 6.76 -21.01
N THR B 296 -6.97 8.08 -20.94
CA THR B 296 -6.91 8.79 -19.67
C THR B 296 -8.12 9.71 -19.51
N HIS B 297 -8.77 9.62 -18.36
CA HIS B 297 -9.89 10.49 -18.04
C HIS B 297 -9.41 11.94 -17.99
N PRO B 298 -9.97 12.84 -18.79
CA PRO B 298 -9.50 14.24 -18.78
C PRO B 298 -10.19 15.07 -17.70
N GLY B 299 -9.93 14.73 -16.44
CA GLY B 299 -10.54 15.44 -15.34
C GLY B 299 -10.32 16.94 -15.43
N GLY B 300 -9.18 17.35 -15.97
CA GLY B 300 -8.88 18.74 -16.19
C GLY B 300 -7.57 18.87 -16.94
N LYS B 301 -7.40 20.01 -17.60
CA LYS B 301 -6.19 20.22 -18.39
C LYS B 301 -4.94 20.10 -17.52
N ALA B 302 -5.03 20.56 -16.26
CA ALA B 302 -3.87 20.48 -15.36
C ALA B 302 -3.53 19.04 -15.04
N ILE B 303 -4.53 18.17 -14.90
CA ILE B 303 -4.24 16.77 -14.62
C ILE B 303 -3.43 16.16 -15.76
N LEU B 304 -3.89 16.37 -17.00
CA LEU B 304 -3.16 15.84 -18.13
C LEU B 304 -1.77 16.45 -18.22
N ASP B 305 -1.68 17.77 -18.03
CA ASP B 305 -0.38 18.44 -18.11
C ASP B 305 0.61 17.88 -17.10
N LYS B 306 0.21 17.80 -15.83
CA LYS B 306 1.17 17.43 -14.78
C LYS B 306 1.58 15.97 -14.91
N VAL B 307 0.65 15.09 -15.27
CA VAL B 307 1.03 13.70 -15.53
C VAL B 307 1.99 13.65 -16.72
N GLU B 308 1.73 14.47 -17.73
CA GLU B 308 2.58 14.53 -18.91
C GLU B 308 3.99 14.96 -18.55
N GLU B 309 4.12 16.05 -17.80
CA GLU B 309 5.44 16.52 -17.37
C GLU B 309 6.15 15.46 -16.54
N LYS B 310 5.43 14.91 -15.54
CA LYS B 310 6.09 14.06 -14.55
C LYS B 310 6.74 12.84 -15.19
N LEU B 311 6.11 12.29 -16.22
CA LEU B 311 6.64 11.10 -16.87
C LEU B 311 7.34 11.39 -18.18
N HIS B 312 7.31 12.64 -18.64
CA HIS B 312 7.83 13.01 -19.96
C HIS B 312 7.17 12.17 -21.05
N LEU B 313 5.83 12.15 -21.04
CA LEU B 313 5.09 11.46 -22.08
C LEU B 313 5.08 12.29 -23.36
N LYS B 314 5.28 11.62 -24.50
CA LYS B 314 5.21 12.30 -25.78
C LYS B 314 3.78 12.79 -26.03
N SER B 315 3.66 13.72 -26.98
CA SER B 315 2.38 14.37 -27.26
C SER B 315 1.35 13.44 -27.87
N ASP B 316 1.71 12.20 -28.21
CA ASP B 316 0.73 11.30 -28.82
C ASP B 316 -0.21 10.68 -27.79
N LYS B 317 0.22 10.58 -26.53
CA LYS B 317 -0.53 9.80 -25.55
C LYS B 317 -1.88 10.44 -25.22
N PHE B 318 -1.90 11.75 -25.01
CA PHE B 318 -3.10 12.47 -24.58
C PHE B 318 -3.82 13.16 -25.74
N VAL B 319 -3.59 12.72 -26.98
CA VAL B 319 -4.24 13.33 -28.13
C VAL B 319 -5.75 13.25 -28.00
N ASP B 320 -6.27 12.06 -27.69
CA ASP B 320 -7.71 11.83 -27.66
C ASP B 320 -8.33 12.36 -26.39
N SER B 321 -7.64 12.23 -25.25
CA SER B 321 -8.12 12.82 -24.01
C SER B 321 -8.37 14.31 -24.19
N ARG B 322 -7.44 15.01 -24.85
CA ARG B 322 -7.56 16.45 -24.97
C ARG B 322 -8.59 16.86 -26.01
N HIS B 323 -8.78 16.06 -27.06
CA HIS B 323 -9.83 16.34 -28.01
C HIS B 323 -11.21 16.17 -27.37
N VAL B 324 -11.43 15.04 -26.69
CA VAL B 324 -12.71 14.82 -26.03
C VAL B 324 -13.00 15.95 -25.05
N LEU B 325 -11.98 16.39 -24.32
CA LEU B 325 -12.18 17.47 -23.36
C LEU B 325 -12.58 18.77 -24.06
N SER B 326 -11.96 19.04 -25.22
CA SER B 326 -12.24 20.30 -25.92
C SER B 326 -13.65 20.29 -26.51
N GLU B 327 -14.10 19.14 -27.02
CA GLU B 327 -15.41 19.07 -27.66
C GLU B 327 -16.54 18.70 -26.70
N HIS B 328 -16.23 18.19 -25.52
CA HIS B 328 -17.28 17.70 -24.62
C HIS B 328 -17.11 18.09 -23.17
N GLY B 329 -15.99 18.69 -22.77
CA GLY B 329 -15.76 18.93 -21.36
C GLY B 329 -15.60 17.61 -20.61
N ASN B 330 -15.64 17.71 -19.29
CA ASN B 330 -15.56 16.56 -18.41
C ASN B 330 -16.98 16.07 -18.16
N MET B 331 -17.30 14.87 -18.67
CA MET B 331 -18.61 14.25 -18.51
C MET B 331 -18.62 13.18 -17.44
N SER B 332 -17.68 13.23 -16.50
CA SER B 332 -17.61 12.27 -15.41
C SER B 332 -17.25 10.87 -15.91
N SER B 333 -18.02 9.86 -15.48
N SER B 333 -18.02 9.85 -15.50
CA SER B 333 -17.62 8.47 -15.72
CA SER B 333 -17.63 8.48 -15.80
C SER B 333 -17.48 8.18 -17.22
C SER B 333 -17.53 8.23 -17.30
N SER B 334 -18.39 8.70 -18.04
N SER B 334 -18.46 8.78 -18.08
CA SER B 334 -18.40 8.31 -19.44
CA SER B 334 -18.52 8.46 -19.49
C SER B 334 -17.21 8.86 -20.22
C SER B 334 -17.31 8.97 -20.27
N THR B 335 -16.58 9.93 -19.73
CA THR B 335 -15.54 10.61 -20.52
C THR B 335 -14.49 9.62 -21.00
N VAL B 336 -13.91 8.84 -20.10
CA VAL B 336 -12.82 7.96 -20.51
C VAL B 336 -13.27 6.96 -21.58
N LEU B 337 -14.57 6.68 -21.68
CA LEU B 337 -15.06 5.82 -22.75
C LEU B 337 -15.21 6.58 -24.06
N PHE B 338 -15.49 7.88 -24.01
CA PHE B 338 -15.36 8.71 -25.20
C PHE B 338 -13.92 8.67 -25.73
N VAL B 339 -12.93 8.71 -24.83
CA VAL B 339 -11.54 8.69 -25.27
C VAL B 339 -11.22 7.37 -25.95
N MET B 340 -11.71 6.26 -25.39
N MET B 340 -11.70 6.26 -25.37
CA MET B 340 -11.47 4.95 -26.00
CA MET B 340 -11.49 4.96 -26.00
C MET B 340 -12.11 4.89 -27.39
C MET B 340 -12.10 4.92 -27.39
N ASP B 341 -13.27 5.54 -27.56
CA ASP B 341 -13.93 5.52 -28.85
C ASP B 341 -13.16 6.36 -29.87
N GLU B 342 -12.69 7.54 -29.47
CA GLU B 342 -11.92 8.34 -30.39
C GLU B 342 -10.57 7.69 -30.72
N LEU B 343 -9.96 7.01 -29.76
CA LEU B 343 -8.66 6.38 -30.00
C LEU B 343 -8.75 5.33 -31.10
N ARG B 344 -9.66 4.38 -30.96
CA ARG B 344 -9.76 3.32 -31.98
C ARG B 344 -10.22 3.88 -33.31
N LYS B 345 -11.01 4.96 -33.30
CA LYS B 345 -11.45 5.58 -34.54
C LYS B 345 -10.32 6.35 -35.20
N ARG B 346 -9.61 7.19 -34.44
CA ARG B 346 -8.48 7.92 -35.00
C ARG B 346 -7.44 6.96 -35.55
N SER B 347 -7.14 5.89 -34.81
CA SER B 347 -6.14 4.93 -35.28
C SER B 347 -6.47 4.47 -36.70
N LEU B 348 -7.73 4.13 -36.96
CA LEU B 348 -8.11 3.68 -38.29
C LEU B 348 -7.99 4.81 -39.31
N GLU B 349 -8.54 5.98 -38.99
CA GLU B 349 -8.47 7.10 -39.92
C GLU B 349 -7.05 7.43 -40.33
N GLU B 350 -6.09 7.24 -39.41
CA GLU B 350 -4.69 7.54 -39.67
C GLU B 350 -3.89 6.33 -40.12
N GLY B 351 -4.55 5.19 -40.35
CA GLY B 351 -3.86 4.03 -40.88
C GLY B 351 -2.91 3.36 -39.93
N LYS B 352 -3.10 3.51 -38.62
CA LYS B 352 -2.23 2.84 -37.67
C LYS B 352 -2.47 1.34 -37.67
N SER B 353 -1.48 0.60 -37.17
CA SER B 353 -1.51 -0.85 -37.26
C SER B 353 -2.42 -1.50 -36.22
N THR B 354 -2.82 -0.78 -35.16
CA THR B 354 -3.69 -1.34 -34.13
C THR B 354 -4.71 -0.30 -33.71
N THR B 355 -5.68 -0.75 -32.91
CA THR B 355 -6.69 0.14 -32.35
C THR B 355 -6.10 1.07 -31.31
N GLY B 356 -4.90 0.78 -30.81
CA GLY B 356 -4.23 1.66 -29.88
C GLY B 356 -3.11 2.46 -30.52
N ASP B 357 -3.41 3.18 -31.59
CA ASP B 357 -2.45 4.09 -32.21
C ASP B 357 -1.19 3.37 -32.69
N GLY B 358 -1.29 2.06 -32.94
CA GLY B 358 -0.16 1.27 -33.37
C GLY B 358 0.56 0.52 -32.27
N PHE B 359 0.31 0.86 -31.01
CA PHE B 359 0.92 0.17 -29.89
C PHE B 359 0.14 -1.11 -29.57
N GLU B 360 0.81 -2.03 -28.88
CA GLU B 360 0.20 -3.30 -28.50
C GLU B 360 -0.42 -3.23 -27.11
N TRP B 361 0.31 -2.65 -26.15
CA TRP B 361 -0.13 -2.56 -24.77
C TRP B 361 -0.57 -1.14 -24.44
N GLY B 362 -1.59 -1.03 -23.59
CA GLY B 362 -2.08 0.27 -23.18
C GLY B 362 -2.60 0.26 -21.76
N VAL B 363 -2.89 1.46 -21.27
CA VAL B 363 -3.38 1.65 -19.92
C VAL B 363 -4.54 2.64 -19.96
N LEU B 364 -5.59 2.34 -19.22
CA LEU B 364 -6.77 3.18 -19.08
C LEU B 364 -6.86 3.62 -17.64
N PHE B 365 -7.09 4.92 -17.43
CA PHE B 365 -7.09 5.51 -16.09
C PHE B 365 -8.37 6.31 -15.87
N GLY B 366 -8.97 6.13 -14.71
CA GLY B 366 -10.06 6.98 -14.25
C GLY B 366 -9.70 7.56 -12.89
N PHE B 367 -10.09 8.81 -12.66
CA PHE B 367 -9.78 9.53 -11.44
C PHE B 367 -11.06 10.12 -10.87
N GLY B 368 -11.28 9.93 -9.56
CA GLY B 368 -12.48 10.41 -8.93
C GLY B 368 -12.36 10.49 -7.42
N PRO B 369 -13.52 10.55 -6.75
CA PRO B 369 -13.52 10.71 -5.29
C PRO B 369 -12.78 9.59 -4.58
N GLY B 370 -12.00 9.97 -3.57
CA GLY B 370 -11.17 9.02 -2.86
C GLY B 370 -9.99 9.65 -2.15
N LEU B 371 -9.01 10.19 -2.89
CA LEU B 371 -9.01 10.23 -4.34
C LEU B 371 -8.75 8.86 -4.91
N THR B 372 -9.64 8.42 -5.80
CA THR B 372 -9.64 7.06 -6.32
C THR B 372 -9.10 7.04 -7.74
N VAL B 373 -8.23 6.07 -8.02
CA VAL B 373 -7.71 5.83 -9.35
C VAL B 373 -8.15 4.44 -9.78
N GLU B 374 -8.89 4.36 -10.88
CA GLU B 374 -9.20 3.10 -11.53
C GLU B 374 -8.21 2.89 -12.67
N ARG B 375 -7.61 1.71 -12.73
CA ARG B 375 -6.61 1.39 -13.74
C ARG B 375 -6.98 0.10 -14.44
N VAL B 376 -6.88 0.10 -15.77
CA VAL B 376 -7.04 -1.10 -16.59
C VAL B 376 -5.85 -1.18 -17.54
N VAL B 377 -5.09 -2.28 -17.46
CA VAL B 377 -4.15 -2.63 -18.50
C VAL B 377 -4.94 -3.23 -19.66
N VAL B 378 -4.83 -2.62 -20.84
CA VAL B 378 -5.57 -3.06 -22.01
C VAL B 378 -4.59 -3.45 -23.11
N ARG B 379 -5.09 -4.23 -24.06
CA ARG B 379 -4.36 -4.55 -25.28
C ARG B 379 -5.22 -4.12 -26.47
N SER B 380 -4.58 -3.55 -27.48
CA SER B 380 -5.24 -3.23 -28.72
C SER B 380 -5.41 -4.49 -29.56
N VAL B 381 -6.03 -4.35 -30.72
CA VAL B 381 -6.16 -5.43 -31.69
C VAL B 381 -5.62 -4.93 -33.03
N PRO B 382 -5.02 -5.80 -33.85
CA PRO B 382 -4.58 -5.35 -35.18
C PRO B 382 -5.74 -4.82 -36.00
N ILE B 383 -5.40 -4.01 -36.99
CA ILE B 383 -6.40 -3.52 -37.95
C ILE B 383 -6.08 -4.10 -39.32
N LEU C 4 42.93 -16.48 -1.61
CA LEU C 4 42.80 -17.67 -0.78
C LEU C 4 41.41 -17.76 -0.13
N ARG C 5 40.60 -18.71 -0.60
CA ARG C 5 39.26 -18.93 -0.05
C ARG C 5 39.28 -20.05 0.98
N ALA C 6 38.28 -20.04 1.86
CA ALA C 6 38.21 -21.02 2.93
C ALA C 6 37.52 -22.29 2.46
N GLU C 7 37.85 -23.40 3.11
CA GLU C 7 37.25 -24.69 2.83
C GLU C 7 36.15 -24.98 3.84
N GLY C 8 35.08 -25.61 3.37
CA GLY C 8 33.99 -25.96 4.25
C GLY C 8 33.13 -24.77 4.64
N PRO C 9 32.17 -24.98 5.52
CA PRO C 9 31.19 -23.95 5.84
C PRO C 9 31.56 -23.10 7.04
N ALA C 10 31.01 -21.87 7.05
CA ALA C 10 31.20 -20.97 8.17
C ALA C 10 30.37 -21.43 9.37
N SER C 11 30.92 -21.23 10.56
CA SER C 11 30.29 -21.69 11.78
C SER C 11 30.38 -20.62 12.85
N VAL C 12 29.43 -20.65 13.78
CA VAL C 12 29.46 -19.80 14.96
C VAL C 12 30.41 -20.43 15.96
N LEU C 13 31.45 -19.70 16.35
CA LEU C 13 32.49 -20.22 17.23
C LEU C 13 32.34 -19.74 18.67
N ALA C 14 31.52 -18.73 18.91
CA ALA C 14 31.38 -18.18 20.25
C ALA C 14 30.19 -17.24 20.25
N ILE C 15 29.62 -17.05 21.43
CA ILE C 15 28.47 -16.18 21.61
C ILE C 15 28.63 -15.41 22.90
N GLY C 16 28.33 -14.12 22.86
CA GLY C 16 28.31 -13.29 24.05
C GLY C 16 27.12 -12.37 24.05
N THR C 17 26.54 -12.11 25.23
CA THR C 17 25.39 -11.23 25.33
C THR C 17 25.55 -10.30 26.53
N ALA C 18 24.82 -9.20 26.48
CA ALA C 18 24.91 -8.19 27.52
C ALA C 18 23.59 -7.43 27.56
N ASN C 19 23.25 -6.94 28.75
CA ASN C 19 22.06 -6.14 28.98
C ASN C 19 22.40 -5.04 29.97
N PRO C 20 21.68 -3.92 29.92
CA PRO C 20 21.85 -2.91 30.97
C PRO C 20 21.53 -3.50 32.34
N GLU C 21 22.00 -2.82 33.37
CA GLU C 21 21.79 -3.31 34.73
C GLU C 21 20.34 -3.11 35.17
N ASN C 22 19.77 -1.94 34.87
CA ASN C 22 18.45 -1.60 35.39
C ASN C 22 17.38 -2.53 34.83
N ILE C 23 16.45 -2.95 35.70
CA ILE C 23 15.50 -4.00 35.38
C ILE C 23 14.08 -3.47 35.48
N LEU C 24 13.22 -3.91 34.55
CA LEU C 24 11.80 -3.57 34.53
C LEU C 24 10.99 -4.84 34.76
N LEU C 25 10.45 -4.99 35.96
CA LEU C 25 9.57 -6.12 36.23
C LEU C 25 8.22 -5.87 35.57
N GLN C 26 7.78 -6.80 34.72
CA GLN C 26 6.58 -6.56 33.93
C GLN C 26 5.33 -6.42 34.81
N ASP C 27 5.30 -7.09 35.96
CA ASP C 27 4.16 -6.94 36.87
C ASP C 27 4.03 -5.51 37.37
N GLU C 28 5.14 -4.78 37.44
CA GLU C 28 5.16 -3.42 37.95
C GLU C 28 5.23 -2.37 36.84
N PHE C 29 5.23 -2.78 35.58
CA PHE C 29 5.49 -1.81 34.53
C PHE C 29 4.28 -0.92 34.24
N PRO C 30 3.05 -1.46 34.20
CA PRO C 30 1.89 -0.56 34.05
C PRO C 30 1.90 0.57 35.05
N ASP C 31 2.14 0.29 36.33
CA ASP C 31 2.18 1.36 37.33
C ASP C 31 3.35 2.31 37.06
N TYR C 32 4.53 1.76 36.79
CA TYR C 32 5.69 2.59 36.47
C TYR C 32 5.42 3.47 35.27
N TYR C 33 5.08 2.86 34.13
CA TYR C 33 4.89 3.61 32.90
C TYR C 33 3.90 4.75 33.08
N PHE C 34 2.71 4.45 33.61
CA PHE C 34 1.69 5.50 33.70
C PHE C 34 2.01 6.54 34.75
N ARG C 35 2.84 6.21 35.76
CA ARG C 35 3.25 7.21 36.73
C ARG C 35 4.29 8.16 36.15
N VAL C 36 5.40 7.61 35.63
CA VAL C 36 6.47 8.47 35.12
C VAL C 36 6.03 9.25 33.89
N THR C 37 4.99 8.79 33.20
CA THR C 37 4.42 9.54 32.10
C THR C 37 3.23 10.40 32.53
N LYS C 38 3.01 10.52 33.85
CA LYS C 38 1.97 11.40 34.39
C LYS C 38 0.64 11.18 33.67
N SER C 39 0.35 9.92 33.35
CA SER C 39 -0.88 9.56 32.66
C SER C 39 -1.79 8.71 33.53
N GLU C 40 -1.58 8.71 34.86
CA GLU C 40 -2.32 7.81 35.74
C GLU C 40 -3.82 8.05 35.70
N HIS C 41 -4.27 9.19 35.16
CA HIS C 41 -5.70 9.45 35.05
C HIS C 41 -6.36 8.65 33.94
N MET C 42 -5.59 8.04 33.04
CA MET C 42 -6.14 7.22 31.96
C MET C 42 -6.30 5.80 32.48
N THR C 43 -7.33 5.62 33.32
CA THR C 43 -7.54 4.33 33.98
C THR C 43 -7.87 3.23 32.98
N GLN C 44 -8.83 3.49 32.08
CA GLN C 44 -9.22 2.46 31.12
C GLN C 44 -8.05 2.08 30.23
N LEU C 45 -7.29 3.08 29.77
CA LEU C 45 -6.09 2.80 28.99
C LEU C 45 -5.09 1.98 29.80
N LYS C 46 -4.81 2.41 31.04
CA LYS C 46 -3.93 1.62 31.89
C LYS C 46 -4.46 0.20 32.08
N GLU C 47 -5.78 0.03 32.11
CA GLU C 47 -6.35 -1.31 32.22
C GLU C 47 -6.04 -2.14 30.98
N LYS C 48 -6.17 -1.56 29.79
CA LYS C 48 -5.80 -2.29 28.58
C LYS C 48 -4.29 -2.52 28.53
N PHE C 49 -3.49 -1.53 28.92
CA PHE C 49 -2.05 -1.73 28.91
C PHE C 49 -1.66 -2.84 29.88
N ARG C 50 -2.35 -2.93 31.02
CA ARG C 50 -2.04 -3.99 31.97
C ARG C 50 -2.29 -5.36 31.37
N LYS C 51 -3.36 -5.50 30.60
N LYS C 51 -3.37 -5.50 30.60
CA LYS C 51 -3.66 -6.79 29.98
CA LYS C 51 -3.66 -6.79 29.98
C LYS C 51 -2.65 -7.12 28.89
C LYS C 51 -2.64 -7.12 28.89
N ILE C 52 -2.20 -6.11 28.14
CA ILE C 52 -1.16 -6.34 27.14
C ILE C 52 0.11 -6.85 27.83
N CYS C 53 0.52 -6.19 28.91
CA CYS C 53 1.72 -6.62 29.62
C CYS C 53 1.55 -8.02 30.21
N ASP C 54 0.38 -8.29 30.82
CA ASP C 54 0.18 -9.59 31.43
C ASP C 54 0.12 -10.69 30.38
N LYS C 55 -0.43 -10.41 29.21
CA LYS C 55 -0.51 -11.41 28.15
C LYS C 55 0.78 -11.55 27.36
N SER C 56 1.72 -10.62 27.49
CA SER C 56 2.93 -10.65 26.68
C SER C 56 3.85 -11.80 27.03
N MET C 57 3.63 -12.49 28.15
CA MET C 57 4.53 -13.56 28.60
C MET C 57 5.96 -13.06 28.78
N ILE C 58 6.10 -11.79 29.17
CA ILE C 58 7.39 -11.19 29.51
C ILE C 58 7.41 -10.99 31.01
N ARG C 59 8.37 -11.62 31.68
CA ARG C 59 8.49 -11.44 33.12
C ARG C 59 9.31 -10.20 33.46
N LYS C 60 10.33 -9.90 32.65
CA LYS C 60 11.26 -8.85 33.02
C LYS C 60 12.06 -8.43 31.78
N ARG C 61 12.42 -7.16 31.76
CA ARG C 61 13.29 -6.60 30.73
C ARG C 61 14.38 -5.79 31.40
N ASN C 62 15.49 -5.63 30.69
CA ASN C 62 16.54 -4.70 31.08
C ASN C 62 16.44 -3.47 30.20
N CYS C 63 16.64 -2.30 30.80
N CYS C 63 16.60 -2.30 30.80
CA CYS C 63 16.42 -1.01 30.14
CA CYS C 63 16.47 -1.06 30.05
C CYS C 63 17.48 -0.02 30.61
C CYS C 63 17.46 -0.04 30.58
N PHE C 64 18.17 0.62 29.65
CA PHE C 64 19.15 1.63 30.03
C PHE C 64 18.48 2.90 30.55
N LEU C 65 17.39 3.31 29.91
CA LEU C 65 16.68 4.52 30.33
C LEU C 65 16.03 4.30 31.68
N ASN C 66 16.29 5.19 32.63
CA ASN C 66 15.77 5.11 33.99
C ASN C 66 15.03 6.40 34.32
N GLU C 67 14.40 6.41 35.50
CA GLU C 67 13.53 7.51 35.86
C GLU C 67 14.29 8.82 35.98
N GLU C 68 15.56 8.76 36.37
CA GLU C 68 16.33 10.00 36.47
C GLU C 68 16.55 10.63 35.10
N HIS C 69 16.70 9.81 34.05
CA HIS C 69 16.73 10.36 32.70
C HIS C 69 15.43 11.11 32.39
N LEU C 70 14.31 10.59 32.88
CA LEU C 70 13.01 11.19 32.57
C LEU C 70 12.82 12.50 33.33
N LYS C 71 13.23 12.55 34.60
CA LYS C 71 13.17 13.81 35.33
C LYS C 71 14.18 14.80 34.80
N GLN C 72 15.34 14.34 34.33
CA GLN C 72 16.32 15.24 33.75
C GLN C 72 15.82 15.85 32.44
N ASN C 73 14.97 15.13 31.71
CA ASN C 73 14.38 15.62 30.47
C ASN C 73 12.93 15.17 30.41
N PRO C 74 12.03 15.92 31.04
CA PRO C 74 10.60 15.54 31.01
C PRO C 74 10.04 15.39 29.61
N ARG C 75 10.66 15.99 28.60
CA ARG C 75 10.15 15.90 27.24
C ARG C 75 10.05 14.45 26.78
N LEU C 76 10.88 13.57 27.34
CA LEU C 76 10.87 12.17 26.91
C LEU C 76 9.62 11.43 27.36
N VAL C 77 8.93 11.91 28.39
CA VAL C 77 7.72 11.23 28.84
C VAL C 77 6.47 11.71 28.12
N GLU C 78 6.57 12.75 27.29
CA GLU C 78 5.43 13.18 26.49
C GLU C 78 5.22 12.20 25.34
N HIS C 79 4.08 12.36 24.66
CA HIS C 79 3.70 11.42 23.62
C HIS C 79 4.48 11.66 22.33
N GLU C 80 4.33 12.85 21.75
N GLU C 80 4.31 12.84 21.73
CA GLU C 80 5.00 13.24 20.51
CA GLU C 80 5.03 13.22 20.52
C GLU C 80 5.62 14.61 20.74
C GLU C 80 5.63 14.60 20.74
N MET C 81 6.95 14.67 20.73
CA MET C 81 7.65 15.90 21.06
C MET C 81 9.07 15.79 20.54
N GLN C 82 9.58 16.89 19.99
CA GLN C 82 10.92 16.89 19.42
C GLN C 82 11.94 16.45 20.46
N THR C 83 12.47 15.23 20.30
CA THR C 83 13.39 14.66 21.27
C THR C 83 14.54 13.90 20.63
N LEU C 84 14.65 13.88 19.30
CA LEU C 84 15.64 13.01 18.67
C LEU C 84 17.06 13.38 19.08
N ASP C 85 17.35 14.67 19.20
CA ASP C 85 18.68 15.09 19.61
C ASP C 85 19.03 14.53 20.99
N ALA C 86 18.10 14.65 21.94
CA ALA C 86 18.34 14.15 23.29
C ALA C 86 18.56 12.64 23.29
N ARG C 87 17.78 11.91 22.49
CA ARG C 87 17.96 10.46 22.41
C ARG C 87 19.28 10.13 21.73
N GLN C 88 19.56 10.77 20.60
CA GLN C 88 20.81 10.52 19.90
C GLN C 88 22.00 10.76 20.80
N ASP C 89 21.99 11.86 21.55
CA ASP C 89 23.11 12.18 22.43
C ASP C 89 23.43 11.02 23.36
N MET C 90 22.39 10.34 23.85
N MET C 90 22.39 10.35 23.86
CA MET C 90 22.59 9.21 24.75
CA MET C 90 22.60 9.20 24.75
C MET C 90 23.02 7.96 23.98
C MET C 90 23.05 7.98 23.96
N LEU C 91 22.35 7.66 22.86
CA LEU C 91 22.50 6.35 22.23
C LEU C 91 23.77 6.23 21.39
N VAL C 92 24.24 7.29 20.74
CA VAL C 92 25.49 7.17 19.99
C VAL C 92 26.64 6.77 20.93
N VAL C 93 26.50 7.01 22.23
CA VAL C 93 27.46 6.51 23.21
C VAL C 93 27.08 5.11 23.68
N GLU C 94 25.85 4.91 24.15
CA GLU C 94 25.53 3.66 24.83
C GLU C 94 25.46 2.48 23.89
N VAL C 95 25.00 2.68 22.64
CA VAL C 95 24.84 1.54 21.75
C VAL C 95 26.18 0.88 21.49
N PRO C 96 27.21 1.58 21.03
CA PRO C 96 28.54 0.94 20.91
C PRO C 96 29.07 0.39 22.23
N LYS C 97 28.82 1.07 23.34
CA LYS C 97 29.29 0.56 24.63
C LYS C 97 28.66 -0.80 24.93
N LEU C 98 27.33 -0.87 24.97
CA LEU C 98 26.67 -2.15 25.23
C LEU C 98 27.09 -3.20 24.20
N GLY C 99 27.20 -2.81 22.93
CA GLY C 99 27.70 -3.74 21.93
C GLY C 99 29.09 -4.26 22.26
N LYS C 100 29.98 -3.37 22.70
CA LYS C 100 31.32 -3.81 23.07
C LYS C 100 31.28 -4.77 24.25
N ASP C 101 30.32 -4.60 25.17
CA ASP C 101 30.17 -5.52 26.29
C ASP C 101 29.89 -6.93 25.79
N ALA C 102 28.96 -7.08 24.84
CA ALA C 102 28.65 -8.40 24.30
C ALA C 102 29.81 -8.95 23.48
N CYS C 103 30.49 -8.09 22.73
CA CYS C 103 31.64 -8.53 21.94
C CYS C 103 32.71 -9.14 22.83
N ALA C 104 33.01 -8.49 23.95
CA ALA C 104 34.08 -8.96 24.83
C ALA C 104 33.80 -10.38 25.32
N LYS C 105 32.57 -10.64 25.78
CA LYS C 105 32.24 -11.97 26.27
C LYS C 105 32.36 -13.01 25.17
N ALA C 106 31.97 -12.66 23.94
CA ALA C 106 32.11 -13.60 22.84
C ALA C 106 33.58 -13.87 22.55
N ILE C 107 34.43 -12.85 22.64
CA ILE C 107 35.85 -13.05 22.38
C ILE C 107 36.47 -13.87 23.50
N LYS C 108 36.02 -13.67 24.74
CA LYS C 108 36.52 -14.48 25.85
C LYS C 108 36.30 -15.96 25.58
N GLU C 109 35.07 -16.35 25.22
CA GLU C 109 34.81 -17.74 24.86
C GLU C 109 35.69 -18.16 23.69
N TRP C 110 35.70 -17.35 22.63
CA TRP C 110 36.49 -17.66 21.45
C TRP C 110 37.93 -17.98 21.82
N GLY C 111 38.54 -17.16 22.67
CA GLY C 111 39.88 -17.45 23.15
C GLY C 111 41.00 -17.19 22.16
N GLN C 112 40.89 -16.15 21.35
CA GLN C 112 41.91 -15.82 20.37
C GLN C 112 42.26 -14.34 20.46
N PRO C 113 43.40 -13.94 19.92
CA PRO C 113 43.76 -12.52 19.94
C PRO C 113 42.75 -11.71 19.13
N LYS C 114 42.40 -10.53 19.65
CA LYS C 114 41.53 -9.63 18.90
C LYS C 114 42.16 -9.22 17.57
N SER C 115 43.47 -9.35 17.43
CA SER C 115 44.11 -9.04 16.16
C SER C 115 43.74 -10.04 15.07
N LYS C 116 43.21 -11.20 15.45
CA LYS C 116 42.72 -12.17 14.45
C LYS C 116 41.32 -11.85 13.96
N ILE C 117 40.65 -10.86 14.54
CA ILE C 117 39.33 -10.44 14.08
C ILE C 117 39.54 -9.60 12.82
N THR C 118 39.18 -10.16 11.67
CA THR C 118 39.40 -9.48 10.40
C THR C 118 38.21 -8.61 9.99
N HIS C 119 37.02 -8.87 10.53
CA HIS C 119 35.82 -8.16 10.15
C HIS C 119 34.95 -7.88 11.36
N LEU C 120 34.23 -6.77 11.31
CA LEU C 120 33.27 -6.40 12.35
C LEU C 120 31.96 -6.04 11.68
N ILE C 121 30.90 -6.76 12.01
CA ILE C 121 29.55 -6.45 11.55
C ILE C 121 28.79 -5.89 12.74
N PHE C 122 28.12 -4.76 12.54
CA PHE C 122 27.35 -4.11 13.59
C PHE C 122 26.00 -3.69 13.05
N THR C 123 24.94 -4.06 13.75
CA THR C 123 23.60 -3.67 13.38
C THR C 123 22.86 -3.09 14.57
N SER C 124 22.13 -2.00 14.34
CA SER C 124 21.31 -1.42 15.37
C SER C 124 20.20 -0.64 14.67
N ALA C 125 19.01 -0.66 15.28
CA ALA C 125 17.89 0.15 14.82
C ALA C 125 17.68 1.37 15.70
N SER C 126 18.43 1.51 16.79
CA SER C 126 18.14 2.50 17.81
C SER C 126 18.80 3.86 17.57
N THR C 127 19.72 3.95 16.61
CA THR C 127 20.46 5.19 16.43
C THR C 127 21.08 5.17 15.04
N THR C 128 21.75 6.27 14.71
CA THR C 128 22.36 6.46 13.40
C THR C 128 23.41 7.56 13.55
N ASP C 129 24.62 7.32 13.05
CA ASP C 129 25.68 8.31 13.16
C ASP C 129 26.78 7.96 12.19
N MET C 130 27.59 8.97 11.87
CA MET C 130 28.76 8.81 11.01
C MET C 130 29.92 9.57 11.65
N PRO C 131 31.03 8.90 12.01
CA PRO C 131 31.23 7.44 11.93
C PRO C 131 30.23 6.70 12.81
N GLY C 132 30.01 5.43 12.50
CA GLY C 132 28.96 4.66 13.13
C GLY C 132 29.42 3.93 14.37
N ALA C 133 28.49 3.12 14.91
CA ALA C 133 28.77 2.34 16.10
C ALA C 133 29.83 1.28 15.87
N ASP C 134 29.99 0.84 14.61
CA ASP C 134 31.08 -0.08 14.29
C ASP C 134 32.43 0.54 14.61
N TYR C 135 32.62 1.81 14.25
CA TYR C 135 33.87 2.50 14.52
C TYR C 135 34.14 2.57 16.02
N HIS C 136 33.14 2.99 16.80
CA HIS C 136 33.36 3.17 18.24
C HIS C 136 33.55 1.82 18.93
N CYS C 137 32.75 0.82 18.55
CA CYS C 137 32.93 -0.50 19.14
C CYS C 137 34.31 -1.06 18.81
N ALA C 138 34.77 -0.89 17.57
CA ALA C 138 36.11 -1.32 17.21
C ALA C 138 37.16 -0.62 18.06
N LYS C 139 37.00 0.69 18.27
CA LYS C 139 37.97 1.43 19.08
C LYS C 139 37.92 0.96 20.54
N LEU C 140 36.71 0.76 21.08
CA LEU C 140 36.58 0.34 22.46
C LEU C 140 37.18 -1.05 22.67
N LEU C 141 37.12 -1.91 21.66
CA LEU C 141 37.70 -3.23 21.78
C LEU C 141 39.20 -3.25 21.55
N GLY C 142 39.75 -2.21 20.94
CA GLY C 142 41.15 -2.24 20.57
C GLY C 142 41.43 -3.15 19.40
N LEU C 143 40.52 -3.18 18.43
CA LEU C 143 40.74 -3.97 17.22
C LEU C 143 41.71 -3.25 16.29
N SER C 144 42.21 -3.99 15.31
CA SER C 144 43.09 -3.40 14.32
C SER C 144 42.39 -2.22 13.64
N PRO C 145 43.10 -1.12 13.37
CA PRO C 145 42.49 -0.04 12.58
C PRO C 145 42.10 -0.46 11.18
N SER C 146 42.60 -1.60 10.70
CA SER C 146 42.26 -2.10 9.38
C SER C 146 41.22 -3.21 9.41
N VAL C 147 40.49 -3.35 10.51
CA VAL C 147 39.36 -4.28 10.54
C VAL C 147 38.32 -3.79 9.55
N LYS C 148 37.81 -4.71 8.74
CA LYS C 148 36.84 -4.36 7.70
C LYS C 148 35.45 -4.42 8.30
N ARG C 149 34.80 -3.27 8.37
CA ARG C 149 33.55 -3.10 9.10
C ARG C 149 32.36 -3.12 8.15
N VAL C 150 31.26 -3.68 8.61
CA VAL C 150 30.01 -3.74 7.87
C VAL C 150 28.94 -3.16 8.80
N MET C 151 28.68 -1.86 8.65
CA MET C 151 27.71 -1.16 9.48
C MET C 151 26.35 -1.20 8.80
N MET C 152 25.33 -1.65 9.55
N MET C 152 25.33 -1.67 9.54
CA MET C 152 23.98 -1.85 9.02
CA MET C 152 23.98 -1.83 9.00
C MET C 152 22.99 -1.24 10.00
C MET C 152 22.99 -1.24 10.00
N TYR C 153 22.74 0.06 9.86
CA TYR C 153 21.79 0.75 10.71
C TYR C 153 20.35 0.49 10.26
N GLN C 154 19.43 0.53 11.22
CA GLN C 154 18.00 0.48 10.95
C GLN C 154 17.61 -0.71 10.08
N LEU C 155 17.99 -1.91 10.54
CA LEU C 155 17.45 -3.12 9.94
C LEU C 155 16.11 -3.48 10.58
N GLY C 156 16.09 -3.65 11.89
CA GLY C 156 14.90 -4.11 12.58
C GLY C 156 15.11 -5.52 13.10
N TYR C 158 14.64 -8.47 12.17
CA TYR C 158 15.17 -9.54 11.34
C TYR C 158 16.71 -9.48 11.27
N GLY C 159 17.28 -8.40 11.79
CA GLY C 159 18.71 -8.14 11.60
C GLY C 159 19.64 -9.19 12.18
N GLY C 160 19.18 -9.95 13.17
CA GLY C 160 20.01 -11.02 13.70
C GLY C 160 20.30 -12.10 12.68
N GLY C 161 19.33 -12.42 11.83
CA GLY C 161 19.59 -13.32 10.73
C GLY C 161 20.48 -12.70 9.67
N THR C 162 20.34 -11.39 9.47
CA THR C 162 21.12 -10.70 8.44
C THR C 162 22.62 -10.82 8.70
N VAL C 163 23.07 -10.49 9.91
CA VAL C 163 24.51 -10.46 10.17
C VAL C 163 25.11 -11.85 10.02
N LEU C 164 24.35 -12.89 10.36
CA LEU C 164 24.79 -14.26 10.09
C LEU C 164 24.92 -14.50 8.60
N ARG C 165 23.95 -14.01 7.82
CA ARG C 165 24.04 -14.18 6.37
C ARG C 165 25.27 -13.49 5.82
N ILE C 166 25.50 -12.24 6.24
CA ILE C 166 26.68 -11.51 5.78
C ILE C 166 27.95 -12.21 6.23
N ALA C 167 28.00 -12.63 7.48
CA ALA C 167 29.22 -13.26 8.00
C ALA C 167 29.53 -14.56 7.29
N LYS C 168 28.51 -15.32 6.89
N LYS C 168 28.51 -15.32 6.89
CA LYS C 168 28.75 -16.60 6.24
CA LYS C 168 28.75 -16.60 6.24
C LYS C 168 29.59 -16.43 4.97
C LYS C 168 29.59 -16.43 4.97
N ASP C 169 29.15 -15.55 4.07
CA ASP C 169 29.85 -15.38 2.80
C ASP C 169 31.25 -14.81 3.01
N ILE C 170 31.42 -13.93 3.99
CA ILE C 170 32.74 -13.37 4.24
C ILE C 170 33.69 -14.45 4.76
N ALA C 171 33.23 -15.21 5.75
CA ALA C 171 34.11 -16.21 6.36
C ALA C 171 34.55 -17.24 5.35
N GLU C 172 33.61 -17.75 4.53
CA GLU C 172 33.92 -18.84 3.61
C GLU C 172 34.75 -18.40 2.42
N ASN C 173 34.71 -17.12 2.06
CA ASN C 173 35.42 -16.62 0.90
C ASN C 173 36.79 -16.06 1.24
N ASN C 174 37.18 -16.05 2.51
CA ASN C 174 38.44 -15.49 2.95
C ASN C 174 39.05 -16.42 4.00
N LYS C 175 40.02 -17.22 3.58
CA LYS C 175 40.67 -18.16 4.50
C LYS C 175 41.26 -17.40 5.69
N GLY C 176 41.00 -17.92 6.89
CA GLY C 176 41.44 -17.27 8.10
C GLY C 176 40.57 -16.12 8.55
N ALA C 177 39.62 -15.67 7.74
CA ALA C 177 38.74 -14.59 8.15
C ALA C 177 37.94 -15.01 9.38
N ARG C 178 37.92 -14.12 10.38
CA ARG C 178 37.14 -14.32 11.60
C ARG C 178 36.26 -13.08 11.79
N VAL C 179 34.94 -13.28 11.71
CA VAL C 179 33.98 -12.20 11.67
C VAL C 179 33.32 -12.03 13.04
N LEU C 180 33.43 -10.83 13.59
CA LEU C 180 32.73 -10.45 14.82
C LEU C 180 31.44 -9.72 14.40
N ALA C 181 30.29 -10.36 14.66
CA ALA C 181 28.99 -9.80 14.32
C ALA C 181 28.24 -9.50 15.60
N VAL C 182 27.78 -8.25 15.75
CA VAL C 182 27.10 -7.83 16.97
C VAL C 182 25.84 -7.07 16.61
N CYS C 183 24.76 -7.35 17.36
CA CYS C 183 23.53 -6.60 17.33
C CYS C 183 23.34 -5.91 18.68
N CYS C 184 22.75 -4.72 18.65
CA CYS C 184 22.52 -3.99 19.90
C CYS C 184 21.39 -3.00 19.70
N ASP C 185 20.49 -2.94 20.67
CA ASP C 185 19.38 -1.99 20.63
C ASP C 185 19.08 -1.52 22.03
N ILE C 186 18.73 -0.24 22.14
CA ILE C 186 18.40 0.41 23.39
C ILE C 186 17.13 1.20 23.14
N MET C 187 16.05 0.82 23.81
CA MET C 187 14.72 1.33 23.51
C MET C 187 14.48 2.75 24.00
N ALA C 188 15.51 3.42 24.52
CA ALA C 188 15.40 4.86 24.70
C ALA C 188 15.16 5.58 23.38
N CYS C 189 15.35 4.90 22.25
CA CYS C 189 15.11 5.52 20.95
C CYS C 189 13.63 5.77 20.71
N GLY C 190 12.76 4.98 21.34
CA GLY C 190 11.34 5.04 21.05
C GLY C 190 10.44 5.14 22.27
N PHE C 191 11.03 5.25 23.45
CA PHE C 191 10.22 5.44 24.65
C PHE C 191 9.43 6.74 24.53
N ARG C 192 8.14 6.68 24.83
CA ARG C 192 7.30 7.87 24.83
C ARG C 192 6.05 7.58 25.65
N GLY C 193 5.30 8.64 25.92
CA GLY C 193 4.11 8.54 26.74
C GLY C 193 2.92 8.07 25.94
N PRO C 194 1.85 7.73 26.66
CA PRO C 194 0.67 7.15 26.04
C PRO C 194 -0.23 8.18 25.39
N SER C 195 -1.05 7.68 24.45
CA SER C 195 -2.11 8.44 23.81
C SER C 195 -3.34 7.56 23.73
N GLU C 196 -4.52 8.18 23.86
CA GLU C 196 -5.76 7.42 23.80
C GLU C 196 -6.00 6.81 22.42
N SER C 197 -5.33 7.31 21.39
CA SER C 197 -5.53 6.88 20.02
C SER C 197 -4.54 5.81 19.57
N ASP C 198 -3.68 5.31 20.47
CA ASP C 198 -2.61 4.39 20.11
C ASP C 198 -2.54 3.22 21.10
N LEU C 199 -3.10 2.08 20.72
CA LEU C 199 -2.72 0.82 21.33
C LEU C 199 -1.49 0.23 20.64
N GLU C 200 -1.31 0.56 19.35
CA GLU C 200 -0.09 0.20 18.64
C GLU C 200 1.15 0.64 19.44
N LEU C 201 1.13 1.87 19.93
CA LEU C 201 2.24 2.34 20.77
C LEU C 201 2.39 1.48 22.03
N LEU C 202 1.28 1.24 22.74
CA LEU C 202 1.36 0.52 24.00
C LEU C 202 1.92 -0.88 23.82
N VAL C 203 1.65 -1.52 22.68
CA VAL C 203 2.20 -2.85 22.45
C VAL C 203 3.72 -2.79 22.43
N GLY C 204 4.28 -1.85 21.69
CA GLY C 204 5.73 -1.72 21.66
C GLY C 204 6.30 -1.34 23.01
N GLN C 205 5.62 -0.44 23.72
CA GLN C 205 6.10 -0.02 25.03
C GLN C 205 6.17 -1.16 26.02
N ALA C 206 5.44 -2.25 25.77
CA ALA C 206 5.38 -3.36 26.70
C ALA C 206 6.34 -4.50 26.38
N ILE C 207 6.71 -4.67 25.11
CA ILE C 207 7.44 -5.88 24.71
C ILE C 207 8.92 -5.62 24.47
N PHE C 208 9.29 -4.40 24.07
CA PHE C 208 10.66 -4.13 23.67
C PHE C 208 11.58 -3.91 24.86
N GLY C 209 12.70 -4.64 24.89
CA GLY C 209 13.72 -4.48 25.91
C GLY C 209 15.07 -4.24 25.28
N ASP C 210 16.05 -3.99 26.15
CA ASP C 210 17.40 -3.65 25.74
C ASP C 210 18.34 -4.85 25.81
N GLY C 211 19.28 -4.91 24.87
CA GLY C 211 20.27 -5.97 24.90
C GLY C 211 21.21 -5.90 23.71
N ALA C 212 22.32 -6.63 23.83
CA ALA C 212 23.26 -6.82 22.75
C ALA C 212 23.70 -8.26 22.72
N ALA C 213 23.95 -8.77 21.52
CA ALA C 213 24.41 -10.13 21.33
C ALA C 213 25.48 -10.12 20.25
N ALA C 214 26.57 -10.83 20.50
CA ALA C 214 27.68 -10.90 19.57
C ALA C 214 28.09 -12.35 19.35
N VAL C 215 28.53 -12.63 18.14
CA VAL C 215 29.06 -13.95 17.80
C VAL C 215 30.36 -13.78 17.05
N ILE C 216 31.21 -14.80 17.13
CA ILE C 216 32.38 -14.95 16.26
C ILE C 216 32.03 -16.00 15.22
N VAL C 217 32.14 -15.64 13.95
CA VAL C 217 31.86 -16.54 12.84
C VAL C 217 33.15 -16.78 12.07
N GLY C 218 33.36 -18.02 11.67
CA GLY C 218 34.55 -18.36 10.90
C GLY C 218 34.42 -19.75 10.32
N ALA C 219 35.16 -19.96 9.24
CA ALA C 219 35.31 -21.28 8.65
C ALA C 219 36.65 -21.89 9.09
N GLU C 220 36.82 -23.18 8.84
CA GLU C 220 38.01 -23.92 9.22
C GLU C 220 38.38 -23.63 10.68
N PRO C 221 37.50 -23.94 11.63
CA PRO C 221 37.85 -23.75 13.03
C PRO C 221 39.10 -24.54 13.37
N ASP C 222 39.93 -23.95 14.23
CA ASP C 222 41.25 -24.49 14.54
C ASP C 222 41.23 -25.03 15.97
N GLU C 223 40.93 -26.33 16.10
CA GLU C 223 40.99 -26.98 17.40
C GLU C 223 42.40 -26.92 17.98
N SER C 224 43.41 -26.72 17.14
CA SER C 224 44.80 -26.63 17.61
C SER C 224 44.95 -25.56 18.69
N VAL C 225 44.21 -24.46 18.57
CA VAL C 225 44.39 -23.31 19.45
C VAL C 225 43.15 -23.04 20.31
N GLY C 226 42.24 -24.01 20.40
CA GLY C 226 41.08 -23.88 21.26
C GLY C 226 39.80 -23.43 20.59
N GLU C 227 39.76 -23.34 19.27
CA GLU C 227 38.53 -23.01 18.56
C GLU C 227 37.70 -24.29 18.39
N ARG C 228 36.39 -24.17 18.66
CA ARG C 228 35.46 -25.25 18.39
C ARG C 228 34.15 -24.59 17.97
N PRO C 229 33.52 -25.04 16.89
CA PRO C 229 32.24 -24.45 16.49
C PRO C 229 31.10 -24.97 17.36
N ILE C 230 30.04 -24.17 17.38
CA ILE C 230 28.80 -24.53 18.06
C ILE C 230 27.69 -24.82 17.06
N PHE C 231 27.54 -23.98 16.04
CA PHE C 231 26.53 -24.16 15.00
C PHE C 231 27.14 -23.86 13.64
N GLU C 232 26.89 -24.75 12.68
CA GLU C 232 27.24 -24.48 11.29
C GLU C 232 26.15 -23.64 10.64
N LEU C 233 26.55 -22.71 9.78
CA LEU C 233 25.63 -21.93 8.97
C LEU C 233 25.62 -22.56 7.58
N VAL C 234 24.51 -23.23 7.25
CA VAL C 234 24.49 -24.10 6.06
C VAL C 234 23.97 -23.36 4.84
N SER C 235 22.87 -22.64 4.99
CA SER C 235 22.27 -21.91 3.87
C SER C 235 21.50 -20.74 4.45
N THR C 236 21.32 -19.70 3.62
CA THR C 236 20.65 -18.49 4.03
C THR C 236 19.61 -18.10 2.99
N GLY C 237 18.61 -17.36 3.44
CA GLY C 237 17.62 -16.80 2.54
C GLY C 237 17.01 -15.57 3.19
N GLN C 238 16.48 -14.69 2.34
CA GLN C 238 15.74 -13.52 2.79
C GLN C 238 14.60 -13.28 1.82
N THR C 239 13.40 -13.06 2.34
CA THR C 239 12.24 -12.86 1.48
C THR C 239 11.31 -11.84 2.10
N ILE C 240 10.42 -11.32 1.26
CA ILE C 240 9.36 -10.40 1.66
C ILE C 240 8.04 -11.17 1.58
N LEU C 241 7.30 -11.20 2.68
CA LEU C 241 6.05 -11.94 2.69
C LEU C 241 4.99 -11.20 1.86
N PRO C 242 4.23 -11.91 1.04
CA PRO C 242 3.16 -11.24 0.29
C PRO C 242 2.10 -10.67 1.21
N ASN C 243 1.41 -9.66 0.71
CA ASN C 243 0.31 -9.02 1.45
C ASN C 243 0.78 -8.57 2.83
N SER C 244 2.02 -8.07 2.90
CA SER C 244 2.59 -7.63 4.16
C SER C 244 3.00 -6.17 4.15
N GLU C 245 2.75 -5.44 3.06
CA GLU C 245 3.29 -4.09 2.95
C GLU C 245 2.73 -3.20 4.05
N GLY C 246 3.62 -2.47 4.72
CA GLY C 246 3.23 -1.55 5.76
C GLY C 246 2.97 -2.18 7.12
N THR C 247 3.00 -3.51 7.24
CA THR C 247 2.59 -4.13 8.48
C THR C 247 3.60 -3.92 9.60
N ILE C 248 4.87 -3.71 9.26
CA ILE C 248 5.94 -3.53 10.24
C ILE C 248 6.82 -2.39 9.75
N GLY C 249 6.86 -1.29 10.47
CA GLY C 249 7.62 -0.13 10.06
C GLY C 249 8.23 0.59 11.24
N GLY C 250 9.32 1.30 10.97
CA GLY C 250 10.00 2.08 11.97
C GLY C 250 10.70 3.25 11.33
N HIS C 251 10.51 4.45 11.88
CA HIS C 251 10.92 5.68 11.24
C HIS C 251 11.66 6.58 12.21
N ILE C 252 12.76 7.17 11.73
CA ILE C 252 13.54 8.14 12.50
C ILE C 252 12.94 9.52 12.26
N ARG C 253 12.41 10.11 13.33
CA ARG C 253 11.67 11.37 13.25
C ARG C 253 12.15 12.28 14.37
N GLU C 254 11.72 13.54 14.29
CA GLU C 254 12.05 14.52 15.32
C GLU C 254 11.59 14.06 16.69
N ALA C 255 10.52 13.25 16.76
CA ALA C 255 10.03 12.68 18.00
C ALA C 255 10.77 11.42 18.43
N GLY C 256 11.79 11.00 17.67
CA GLY C 256 12.48 9.76 17.97
C GLY C 256 12.07 8.66 17.02
N LEU C 257 12.15 7.41 17.47
CA LEU C 257 11.75 6.27 16.64
C LEU C 257 10.25 6.06 16.77
N ILE C 258 9.55 6.16 15.63
CA ILE C 258 8.10 5.98 15.54
C ILE C 258 7.87 4.71 14.73
N PHE C 259 7.08 3.78 15.28
CA PHE C 259 6.91 2.48 14.65
C PHE C 259 5.44 2.22 14.31
N ASP C 260 5.28 1.38 13.28
CA ASP C 260 4.00 0.86 12.86
C ASP C 260 3.98 -0.65 13.10
N LEU C 261 2.89 -1.14 13.66
CA LEU C 261 2.78 -2.56 14.01
C LEU C 261 1.35 -2.99 13.76
N HIS C 262 1.14 -3.79 12.71
CA HIS C 262 -0.19 -4.23 12.33
C HIS C 262 -0.57 -5.49 13.08
N LYS C 263 -1.86 -5.60 13.41
CA LYS C 263 -2.36 -6.79 14.10
C LYS C 263 -2.22 -8.05 13.25
N ASP C 264 -2.13 -7.92 11.94
CA ASP C 264 -2.03 -9.08 11.05
C ASP C 264 -0.70 -9.81 11.13
N VAL C 265 0.32 -9.21 11.76
CA VAL C 265 1.67 -9.76 11.65
C VAL C 265 1.75 -11.22 12.06
N PRO C 266 1.20 -11.64 13.20
CA PRO C 266 1.29 -13.08 13.55
C PRO C 266 0.69 -14.00 12.50
N MET C 267 -0.49 -13.68 11.99
N MET C 267 -0.49 -13.67 11.98
CA MET C 267 -1.11 -14.54 10.98
CA MET C 267 -1.12 -14.53 10.99
C MET C 267 -0.30 -14.55 9.69
C MET C 267 -0.33 -14.55 9.68
N LEU C 268 0.21 -13.39 9.27
CA LEU C 268 1.00 -13.35 8.05
C LEU C 268 2.23 -14.25 8.15
N ILE C 269 2.87 -14.27 9.31
CA ILE C 269 4.06 -15.12 9.47
C ILE C 269 3.65 -16.58 9.47
N SER C 270 2.61 -16.93 10.24
N SER C 270 2.61 -16.93 10.24
CA SER C 270 2.19 -18.33 10.33
CA SER C 270 2.19 -18.32 10.33
C SER C 270 1.74 -18.86 8.99
C SER C 270 1.76 -18.86 8.97
N ASN C 271 0.97 -18.08 8.24
CA ASN C 271 0.44 -18.56 6.97
C ASN C 271 1.50 -18.67 5.87
N ASN C 272 2.71 -18.14 6.09
CA ASN C 272 3.76 -18.18 5.08
C ASN C 272 5.01 -18.95 5.50
N ILE C 273 5.18 -19.25 6.78
CA ILE C 273 6.47 -19.75 7.24
C ILE C 273 6.75 -21.15 6.69
N GLU C 274 5.71 -21.95 6.46
CA GLU C 274 5.95 -23.32 6.00
C GLU C 274 6.58 -23.34 4.62
N LYS C 275 6.30 -22.33 3.77
CA LYS C 275 6.96 -22.27 2.48
C LYS C 275 8.45 -21.99 2.63
N CYS C 276 8.83 -21.18 3.63
CA CYS C 276 10.24 -20.98 3.91
C CYS C 276 10.92 -22.28 4.32
N LEU C 277 10.21 -23.13 5.07
CA LEU C 277 10.78 -24.40 5.49
C LEU C 277 10.93 -25.34 4.30
N ILE C 278 9.89 -25.46 3.48
CA ILE C 278 9.98 -26.28 2.27
C ILE C 278 11.12 -25.79 1.40
N GLU C 279 11.15 -24.48 1.13
CA GLU C 279 12.19 -23.92 0.27
C GLU C 279 13.58 -24.17 0.86
N ALA C 280 13.69 -24.17 2.18
CA ALA C 280 14.98 -24.32 2.85
C ALA C 280 15.39 -25.79 3.01
N PHE C 281 14.44 -26.70 3.21
CA PHE C 281 14.77 -28.08 3.56
C PHE C 281 14.49 -29.09 2.46
N THR C 282 13.77 -28.73 1.40
CA THR C 282 13.60 -29.67 0.30
C THR C 282 14.91 -30.21 -0.22
N PRO C 283 15.95 -29.40 -0.45
CA PRO C 283 17.24 -29.98 -0.88
C PRO C 283 17.84 -30.94 0.13
N ILE C 284 17.62 -30.71 1.43
CA ILE C 284 18.13 -31.61 2.46
C ILE C 284 17.22 -32.81 2.67
N GLY C 285 16.05 -32.83 2.06
CA GLY C 285 15.16 -33.96 2.18
C GLY C 285 14.45 -34.09 3.52
N ILE C 286 14.12 -32.97 4.15
CA ILE C 286 13.46 -32.95 5.46
C ILE C 286 12.10 -32.31 5.29
N SER C 287 11.08 -32.94 5.89
CA SER C 287 9.72 -32.41 5.85
C SER C 287 9.03 -32.42 7.20
N ASP C 288 9.52 -33.17 8.19
CA ASP C 288 8.96 -33.15 9.53
C ASP C 288 9.58 -31.98 10.29
N TRP C 289 8.78 -30.94 10.54
CA TRP C 289 9.29 -29.76 11.22
C TRP C 289 9.48 -29.99 12.72
N ASN C 290 9.22 -31.18 13.22
CA ASN C 290 9.54 -31.52 14.60
C ASN C 290 10.86 -32.27 14.74
N SER C 291 11.43 -32.74 13.64
CA SER C 291 12.70 -33.45 13.64
C SER C 291 13.90 -32.52 13.58
N ILE C 292 13.68 -31.21 13.64
CA ILE C 292 14.75 -30.22 13.61
C ILE C 292 14.64 -29.37 14.86
N PHE C 293 15.69 -28.58 15.11
CA PHE C 293 15.64 -27.61 16.20
C PHE C 293 15.36 -26.24 15.62
N TRP C 294 14.80 -25.37 16.45
CA TRP C 294 14.37 -24.04 16.04
C TRP C 294 15.10 -22.99 16.87
N ILE C 295 15.54 -21.93 16.19
CA ILE C 295 16.07 -20.73 16.81
C ILE C 295 15.24 -19.59 16.26
N THR C 296 14.18 -19.22 16.96
CA THR C 296 13.14 -18.36 16.43
C THR C 296 13.13 -17.04 17.18
N HIS C 297 13.13 -15.95 16.43
CA HIS C 297 12.97 -14.64 17.02
C HIS C 297 11.59 -14.55 17.69
N PRO C 298 11.53 -14.30 19.00
CA PRO C 298 10.22 -14.20 19.66
C PRO C 298 9.62 -12.79 19.53
N GLY C 299 9.26 -12.42 18.30
CA GLY C 299 8.75 -11.08 18.08
C GLY C 299 7.55 -10.78 18.94
N GLY C 300 6.80 -11.81 19.31
CA GLY C 300 5.64 -11.68 20.17
C GLY C 300 5.10 -13.04 20.53
N LYS C 301 4.59 -13.18 21.76
CA LYS C 301 3.88 -14.38 22.16
C LYS C 301 3.02 -14.93 21.02
N ALA C 302 2.22 -14.05 20.40
CA ALA C 302 1.28 -14.51 19.39
C ALA C 302 1.99 -15.16 18.21
N ILE C 303 3.08 -14.55 17.74
CA ILE C 303 3.81 -15.11 16.61
C ILE C 303 4.20 -16.56 16.90
N LEU C 304 4.84 -16.79 18.05
CA LEU C 304 5.22 -18.15 18.42
C LEU C 304 4.00 -19.06 18.50
N ASP C 305 2.93 -18.58 19.15
CA ASP C 305 1.75 -19.43 19.33
C ASP C 305 1.17 -19.85 18.00
N LYS C 306 1.04 -18.92 17.06
CA LYS C 306 0.38 -19.22 15.80
C LYS C 306 1.23 -20.13 14.92
N VAL C 307 2.54 -19.86 14.85
CA VAL C 307 3.43 -20.75 14.11
C VAL C 307 3.35 -22.16 14.69
N GLU C 308 3.50 -22.27 16.02
CA GLU C 308 3.35 -23.56 16.68
C GLU C 308 2.02 -24.20 16.32
N GLU C 309 0.96 -23.40 16.24
CA GLU C 309 -0.37 -23.93 15.93
C GLU C 309 -0.45 -24.42 14.50
N LYS C 310 -0.05 -23.57 13.54
CA LYS C 310 -0.25 -23.94 12.14
C LYS C 310 0.56 -25.16 11.75
N LEU C 311 1.75 -25.31 12.34
CA LEU C 311 2.63 -26.42 12.01
C LEU C 311 2.52 -27.58 12.98
N HIS C 312 1.70 -27.46 14.02
CA HIS C 312 1.55 -28.50 15.02
C HIS C 312 2.92 -28.88 15.60
N LEU C 313 3.66 -27.86 16.02
CA LEU C 313 4.97 -28.09 16.61
C LEU C 313 4.81 -28.55 18.05
N LYS C 314 5.62 -29.54 18.43
CA LYS C 314 5.72 -29.90 19.84
C LYS C 314 6.15 -28.68 20.63
N SER C 315 5.76 -28.64 21.91
CA SER C 315 6.03 -27.48 22.75
C SER C 315 7.51 -27.32 23.08
N ASP C 316 8.34 -28.32 22.77
CA ASP C 316 9.76 -28.22 23.09
C ASP C 316 10.52 -27.35 22.09
N LYS C 317 9.89 -26.91 21.01
CA LYS C 317 10.65 -26.27 19.94
C LYS C 317 10.92 -24.80 20.26
N PHE C 318 9.94 -24.10 20.84
CA PHE C 318 10.07 -22.69 21.17
C PHE C 318 10.42 -22.46 22.63
N VAL C 319 10.90 -23.49 23.34
CA VAL C 319 11.19 -23.33 24.76
C VAL C 319 12.23 -22.23 24.96
N ASP C 320 13.29 -22.24 24.16
CA ASP C 320 14.33 -21.22 24.34
C ASP C 320 13.83 -19.84 23.91
N SER C 321 13.05 -19.79 22.82
CA SER C 321 12.48 -18.51 22.42
C SER C 321 11.62 -17.92 23.55
N ARG C 322 10.80 -18.74 24.18
CA ARG C 322 9.93 -18.22 25.24
C ARG C 322 10.71 -17.84 26.49
N HIS C 323 11.77 -18.58 26.80
CA HIS C 323 12.58 -18.26 27.97
C HIS C 323 13.30 -16.93 27.80
N VAL C 324 13.78 -16.66 26.58
CA VAL C 324 14.44 -15.38 26.32
C VAL C 324 13.42 -14.25 26.33
N LEU C 325 12.24 -14.49 25.75
CA LEU C 325 11.20 -13.47 25.79
C LEU C 325 10.75 -13.18 27.21
N SER C 326 10.79 -14.19 28.08
CA SER C 326 10.34 -14.00 29.45
C SER C 326 11.33 -13.18 30.26
N GLU C 327 12.62 -13.46 30.10
CA GLU C 327 13.66 -12.82 30.90
C GLU C 327 14.21 -11.54 30.26
N HIS C 328 13.85 -11.24 29.01
CA HIS C 328 14.44 -10.10 28.32
C HIS C 328 13.48 -9.33 27.42
N GLY C 329 12.31 -9.86 27.10
CA GLY C 329 11.46 -9.20 26.14
C GLY C 329 12.01 -9.35 24.74
N ASN C 330 11.45 -8.52 23.84
CA ASN C 330 11.90 -8.44 22.46
C ASN C 330 13.01 -7.40 22.37
N MET C 331 14.22 -7.85 22.04
CA MET C 331 15.39 -6.97 21.95
C MET C 331 15.76 -6.69 20.50
N SER C 332 14.83 -6.89 19.57
CA SER C 332 15.06 -6.68 18.15
C SER C 332 16.09 -7.65 17.58
N SER C 333 17.09 -7.14 16.86
N SER C 333 17.11 -7.15 16.87
CA SER C 333 17.99 -8.01 16.10
CA SER C 333 18.01 -8.04 16.15
C SER C 333 18.75 -8.98 16.99
C SER C 333 18.76 -8.98 17.10
N SER C 334 19.10 -8.55 18.20
N SER C 334 19.11 -8.49 18.29
CA SER C 334 19.91 -9.41 19.06
CA SER C 334 19.91 -9.30 19.20
C SER C 334 19.12 -10.63 19.54
C SER C 334 19.15 -10.52 19.73
N THR C 335 17.81 -10.48 19.72
CA THR C 335 17.04 -11.51 20.41
C THR C 335 17.34 -12.91 19.86
N VAL C 336 17.37 -13.06 18.54
CA VAL C 336 17.53 -14.38 17.96
C VAL C 336 18.87 -15.01 18.34
N LEU C 337 19.88 -14.20 18.66
CA LEU C 337 21.16 -14.76 19.10
C LEU C 337 21.18 -15.06 20.59
N PHE C 338 20.38 -14.34 21.38
CA PHE C 338 20.12 -14.80 22.74
C PHE C 338 19.55 -16.22 22.75
N VAL C 339 18.61 -16.49 21.84
CA VAL C 339 17.96 -17.80 21.77
C VAL C 339 18.97 -18.87 21.38
N MET C 340 19.80 -18.58 20.37
CA MET C 340 20.89 -19.49 20.00
C MET C 340 21.71 -19.85 21.24
N ASP C 341 22.10 -18.85 22.01
CA ASP C 341 22.95 -19.10 23.17
C ASP C 341 22.23 -19.97 24.20
N GLU C 342 20.96 -19.67 24.47
CA GLU C 342 20.20 -20.47 25.42
C GLU C 342 20.05 -21.91 24.94
N LEU C 343 19.81 -22.10 23.65
CA LEU C 343 19.66 -23.44 23.12
C LEU C 343 20.89 -24.29 23.43
N ARG C 344 22.09 -23.74 23.21
CA ARG C 344 23.29 -24.55 23.46
C ARG C 344 23.60 -24.67 24.94
N LYS C 345 23.28 -23.65 25.75
CA LYS C 345 23.52 -23.78 27.18
C LYS C 345 22.54 -24.76 27.83
N ARG C 346 21.30 -24.81 27.36
CA ARG C 346 20.36 -25.79 27.89
C ARG C 346 20.72 -27.19 27.44
N SER C 347 21.07 -27.35 26.17
CA SER C 347 21.47 -28.66 25.66
C SER C 347 22.58 -29.25 26.52
N LEU C 348 23.59 -28.44 26.84
CA LEU C 348 24.70 -28.92 27.67
C LEU C 348 24.23 -29.26 29.07
N GLU C 349 23.38 -28.41 29.66
CA GLU C 349 22.97 -28.61 31.04
C GLU C 349 22.01 -29.78 31.19
N GLU C 350 21.26 -30.11 30.14
CA GLU C 350 20.34 -31.23 30.14
C GLU C 350 20.96 -32.50 29.58
N GLY C 351 22.23 -32.47 29.22
CA GLY C 351 22.91 -33.67 28.76
C GLY C 351 22.49 -34.12 27.38
N LYS C 352 22.02 -33.21 26.53
CA LYS C 352 21.67 -33.57 25.17
C LYS C 352 22.94 -33.89 24.37
N SER C 353 22.76 -34.67 23.30
CA SER C 353 23.89 -35.17 22.52
C SER C 353 24.48 -34.12 21.59
N THR C 354 23.77 -33.03 21.31
CA THR C 354 24.25 -32.01 20.41
C THR C 354 23.90 -30.65 20.97
N THR C 355 24.55 -29.61 20.42
CA THR C 355 24.23 -28.24 20.79
C THR C 355 22.86 -27.80 20.31
N GLY C 356 22.17 -28.63 19.53
CA GLY C 356 20.83 -28.29 19.06
C GLY C 356 19.77 -29.16 19.70
N ASP C 357 19.82 -29.27 21.03
CA ASP C 357 18.82 -30.02 21.78
C ASP C 357 18.79 -31.49 21.38
N GLY C 358 19.93 -32.02 20.92
CA GLY C 358 20.01 -33.40 20.50
C GLY C 358 19.73 -33.65 19.04
N PHE C 359 19.28 -32.64 18.30
CA PHE C 359 19.03 -32.80 16.87
C PHE C 359 20.27 -32.45 16.05
N GLU C 360 20.25 -32.84 14.78
CA GLU C 360 21.34 -32.57 13.85
C GLU C 360 21.11 -31.29 13.06
N TRP C 361 19.90 -31.11 12.53
CA TRP C 361 19.55 -29.99 11.67
C TRP C 361 18.62 -29.02 12.41
N GLY C 362 18.73 -27.75 12.05
CA GLY C 362 17.89 -26.73 12.65
C GLY C 362 17.65 -25.59 11.68
N VAL C 363 16.83 -24.65 12.12
CA VAL C 363 16.46 -23.49 11.32
C VAL C 363 16.41 -22.27 12.25
N LEU C 364 16.88 -21.14 11.74
CA LEU C 364 16.89 -19.88 12.47
C LEU C 364 16.09 -18.87 11.67
N PHE C 365 15.22 -18.12 12.36
CA PHE C 365 14.31 -17.19 11.72
C PHE C 365 14.39 -15.83 12.38
N GLY C 366 14.39 -14.78 11.56
CA GLY C 366 14.15 -13.44 12.03
C GLY C 366 13.00 -12.85 11.25
N PHE C 367 12.26 -11.94 11.89
CA PHE C 367 11.09 -11.30 11.30
C PHE C 367 11.18 -9.80 11.58
N GLY C 368 10.92 -8.99 10.57
CA GLY C 368 10.99 -7.56 10.72
C GLY C 368 10.40 -6.81 9.55
N PRO C 369 10.66 -5.50 9.48
CA PRO C 369 10.04 -4.66 8.45
C PRO C 369 10.19 -5.25 7.05
N GLY C 370 9.10 -5.16 6.28
CA GLY C 370 9.06 -5.74 4.95
C GLY C 370 7.66 -6.07 4.49
N LEU C 371 7.02 -7.10 5.09
CA LEU C 371 7.58 -7.85 6.21
C LEU C 371 8.65 -8.83 5.75
N THR C 372 9.87 -8.64 6.25
CA THR C 372 11.03 -9.41 5.82
C THR C 372 11.28 -10.60 6.76
N VAL C 373 11.60 -11.75 6.17
CA VAL C 373 11.94 -12.94 6.91
C VAL C 373 13.38 -13.32 6.55
N GLU C 374 14.22 -13.44 7.55
CA GLU C 374 15.58 -13.96 7.39
C GLU C 374 15.58 -15.42 7.86
N ARG C 375 16.18 -16.28 7.06
CA ARG C 375 16.19 -17.71 7.35
C ARG C 375 17.62 -18.24 7.22
N VAL C 376 18.01 -19.07 8.19
CA VAL C 376 19.32 -19.73 8.16
C VAL C 376 19.12 -21.18 8.55
N VAL C 377 19.43 -22.11 7.64
CA VAL C 377 19.52 -23.51 7.99
C VAL C 377 20.84 -23.73 8.72
N VAL C 378 20.78 -24.37 9.89
CA VAL C 378 21.95 -24.54 10.73
C VAL C 378 22.07 -26.00 11.15
N ARG C 379 23.29 -26.39 11.47
CA ARG C 379 23.62 -27.75 11.87
C ARG C 379 24.31 -27.71 13.22
N SER C 380 23.97 -28.68 14.07
N SER C 380 23.97 -28.68 14.07
CA SER C 380 24.49 -28.73 15.42
CA SER C 380 24.49 -28.74 15.43
C SER C 380 25.87 -29.41 15.44
C SER C 380 25.85 -29.43 15.44
N VAL C 381 26.47 -29.46 16.61
CA VAL C 381 27.75 -30.14 16.83
CA VAL C 381 27.73 -30.17 16.81
C VAL C 381 27.57 -31.12 17.99
N PRO C 382 28.17 -32.31 17.94
CA PRO C 382 28.07 -33.22 19.10
C PRO C 382 28.69 -32.62 20.34
N ILE C 383 28.14 -32.95 21.49
CA ILE C 383 28.66 -32.51 22.77
C ILE C 383 29.53 -33.63 23.35
N LYS C 384 30.80 -33.33 23.59
CA LYS C 384 31.73 -34.32 24.12
C LYS C 384 31.53 -34.45 25.62
N TYR C 385 31.22 -35.66 26.07
CA TYR C 385 31.07 -35.94 27.50
C TYR C 385 32.18 -36.87 27.99
N HIS D 3 -2.76 -14.23 -15.37
CA HIS D 3 -4.10 -14.22 -14.82
C HIS D 3 -4.61 -15.63 -14.53
N LEU D 4 -4.69 -15.97 -13.25
CA LEU D 4 -5.15 -17.29 -12.82
C LEU D 4 -6.53 -17.17 -12.18
N ARG D 5 -7.47 -17.96 -12.69
CA ARG D 5 -8.81 -18.02 -12.14
C ARG D 5 -8.88 -19.03 -11.01
N ALA D 6 -9.93 -18.94 -10.22
CA ALA D 6 -10.14 -19.86 -9.10
C ALA D 6 -10.83 -21.12 -9.62
N GLU D 7 -10.45 -22.24 -9.04
CA GLU D 7 -11.04 -23.54 -9.38
C GLU D 7 -12.06 -23.89 -8.32
N GLY D 8 -13.29 -24.17 -8.76
CA GLY D 8 -14.36 -24.47 -7.85
C GLY D 8 -15.27 -23.29 -7.61
N PRO D 9 -16.35 -23.51 -6.87
CA PRO D 9 -17.33 -22.46 -6.65
C PRO D 9 -16.98 -21.53 -5.48
N ALA D 10 -17.57 -20.34 -5.54
CA ALA D 10 -17.42 -19.40 -4.44
C ALA D 10 -18.34 -19.80 -3.29
N SER D 11 -17.84 -19.61 -2.08
CA SER D 11 -18.58 -19.94 -0.87
C SER D 11 -18.53 -18.75 0.08
N VAL D 12 -19.56 -18.66 0.91
CA VAL D 12 -19.54 -17.76 2.06
C VAL D 12 -18.68 -18.42 3.12
N LEU D 13 -17.63 -17.72 3.56
CA LEU D 13 -16.71 -18.27 4.53
C LEU D 13 -16.96 -17.77 5.94
N ALA D 14 -17.73 -16.70 6.10
CA ALA D 14 -17.99 -16.12 7.40
C ALA D 14 -19.16 -15.16 7.26
N ILE D 15 -19.80 -14.87 8.40
CA ILE D 15 -20.97 -14.00 8.45
C ILE D 15 -20.91 -13.18 9.73
N GLY D 16 -21.09 -11.88 9.62
CA GLY D 16 -21.18 -11.00 10.79
C GLY D 16 -22.33 -10.04 10.65
N THR D 17 -23.02 -9.82 11.79
CA THR D 17 -24.18 -8.92 11.81
C THR D 17 -24.03 -7.90 12.93
N ALA D 18 -24.72 -6.77 12.79
CA ALA D 18 -24.68 -5.71 13.78
C ALA D 18 -26.00 -4.94 13.74
N ASN D 19 -26.35 -4.34 14.88
CA ASN D 19 -27.54 -3.51 14.98
C ASN D 19 -27.26 -2.38 15.96
N PRO D 20 -27.91 -1.22 15.79
CA PRO D 20 -27.81 -0.17 16.82
C PRO D 20 -28.30 -0.68 18.16
N GLU D 21 -27.84 -0.03 19.23
CA GLU D 21 -28.16 -0.48 20.58
C GLU D 21 -29.61 -0.19 20.96
N ASN D 22 -30.18 0.90 20.47
CA ASN D 22 -31.50 1.30 20.90
C ASN D 22 -32.57 0.38 20.31
N ILE D 23 -33.58 0.08 21.12
CA ILE D 23 -34.56 -0.94 20.82
C ILE D 23 -35.95 -0.30 20.78
N LEU D 24 -36.74 -0.68 19.78
CA LEU D 24 -38.13 -0.26 19.64
C LEU D 24 -39.01 -1.49 19.83
N LEU D 25 -39.59 -1.64 21.02
CA LEU D 25 -40.54 -2.72 21.24
C LEU D 25 -41.82 -2.44 20.44
N GLN D 26 -42.25 -3.41 19.65
CA GLN D 26 -43.40 -3.16 18.78
C GLN D 26 -44.68 -2.90 19.57
N ASP D 27 -44.83 -3.53 20.75
CA ASP D 27 -46.01 -3.26 21.55
C ASP D 27 -46.13 -1.78 21.89
N GLU D 28 -45.00 -1.10 22.07
CA GLU D 28 -44.96 0.29 22.49
C GLU D 28 -44.90 1.26 21.32
N PHE D 29 -44.74 0.78 20.10
CA PHE D 29 -44.42 1.67 19.00
C PHE D 29 -45.61 2.52 18.58
N PRO D 30 -46.83 1.98 18.54
CA PRO D 30 -47.98 2.85 18.20
C PRO D 30 -48.06 4.09 19.06
N ASP D 31 -47.87 3.94 20.37
CA ASP D 31 -47.91 5.08 21.28
C ASP D 31 -46.69 5.98 21.08
N TYR D 32 -45.49 5.38 21.10
CA TYR D 32 -44.28 6.17 20.89
C TYR D 32 -44.35 6.93 19.57
N TYR D 33 -44.64 6.23 18.48
CA TYR D 33 -44.64 6.86 17.17
C TYR D 33 -45.61 8.04 17.12
N PHE D 34 -46.84 7.85 17.61
CA PHE D 34 -47.83 8.92 17.58
C PHE D 34 -47.58 9.99 18.64
N ARG D 35 -46.79 9.68 19.68
CA ARG D 35 -46.42 10.72 20.64
C ARG D 35 -45.31 11.59 20.09
N VAL D 36 -44.19 10.99 19.66
CA VAL D 36 -43.07 11.78 19.19
C VAL D 36 -43.48 12.63 17.99
N THR D 37 -44.43 12.15 17.19
CA THR D 37 -44.94 12.91 16.06
C THR D 37 -46.15 13.76 16.44
N LYS D 38 -46.40 13.95 17.74
CA LYS D 38 -47.52 14.73 18.24
C LYS D 38 -48.76 14.60 17.36
N SER D 39 -49.20 13.36 17.15
CA SER D 39 -50.32 13.06 16.27
C SER D 39 -51.42 12.26 16.97
N GLU D 40 -51.44 12.28 18.30
CA GLU D 40 -52.36 11.41 19.04
C GLU D 40 -53.82 11.73 18.70
N HIS D 41 -54.13 12.97 18.34
CA HIS D 41 -55.51 13.36 18.06
C HIS D 41 -56.02 12.84 16.72
N MET D 42 -55.19 12.10 15.96
CA MET D 42 -55.68 11.33 14.82
C MET D 42 -56.02 9.92 15.33
N THR D 43 -57.12 9.86 16.08
CA THR D 43 -57.42 8.68 16.88
C THR D 43 -57.67 7.46 16.01
N GLN D 44 -58.49 7.61 14.96
CA GLN D 44 -58.75 6.48 14.08
C GLN D 44 -57.47 6.03 13.38
N LEU D 45 -56.66 6.99 12.91
CA LEU D 45 -55.41 6.63 12.26
C LEU D 45 -54.54 5.81 13.20
N LYS D 46 -54.51 6.17 14.49
CA LYS D 46 -53.68 5.43 15.43
C LYS D 46 -54.19 4.01 15.63
N GLU D 47 -55.51 3.85 15.74
N GLU D 47 -55.51 3.85 15.75
CA GLU D 47 -56.08 2.51 15.91
CA GLU D 47 -56.08 2.51 15.91
C GLU D 47 -55.77 1.62 14.72
C GLU D 47 -55.75 1.62 14.71
N LYS D 48 -55.73 2.20 13.51
CA LYS D 48 -55.37 1.43 12.33
C LYS D 48 -53.88 1.08 12.32
N PHE D 49 -53.04 1.97 12.87
CA PHE D 49 -51.62 1.66 12.93
C PHE D 49 -51.32 0.60 13.99
N ARG D 50 -52.06 0.62 15.10
CA ARG D 50 -51.89 -0.43 16.10
C ARG D 50 -52.13 -1.80 15.47
N LYS D 51 -53.17 -1.90 14.63
CA LYS D 51 -53.46 -3.17 13.98
C LYS D 51 -52.34 -3.57 13.02
N ILE D 52 -51.82 -2.62 12.24
CA ILE D 52 -50.72 -2.93 11.34
C ILE D 52 -49.53 -3.47 12.10
N CYS D 53 -49.19 -2.85 13.24
CA CYS D 53 -48.09 -3.36 14.05
C CYS D 53 -48.42 -4.72 14.64
N ASP D 54 -49.66 -4.89 15.14
CA ASP D 54 -50.04 -6.15 15.75
C ASP D 54 -49.88 -7.30 14.76
N LYS D 55 -50.31 -7.11 13.52
CA LYS D 55 -50.23 -8.19 12.54
C LYS D 55 -48.86 -8.26 11.88
N SER D 56 -47.95 -7.33 12.17
CA SER D 56 -46.65 -7.34 11.50
C SER D 56 -45.82 -8.55 11.89
N MET D 57 -46.12 -9.20 13.01
CA MET D 57 -45.31 -10.32 13.51
C MET D 57 -43.89 -9.88 13.85
N ILE D 58 -43.74 -8.63 14.22
CA ILE D 58 -42.47 -8.07 14.66
C ILE D 58 -42.58 -7.78 16.14
N ARG D 59 -41.66 -8.34 16.92
CA ARG D 59 -41.63 -8.06 18.36
C ARG D 59 -40.79 -6.83 18.68
N LYS D 60 -39.67 -6.64 17.99
CA LYS D 60 -38.79 -5.52 18.29
C LYS D 60 -37.93 -5.23 17.07
N ARG D 61 -37.48 -3.98 17.00
CA ARG D 61 -36.53 -3.53 16.01
C ARG D 61 -35.48 -2.68 16.70
N ASN D 62 -34.28 -2.67 16.13
CA ASN D 62 -33.20 -1.80 16.57
C ASN D 62 -33.15 -0.60 15.65
N CYS D 63 -33.00 0.59 16.24
N CYS D 63 -33.06 0.59 16.23
CA CYS D 63 -33.13 1.86 15.52
CA CYS D 63 -33.08 1.82 15.45
C CYS D 63 -32.09 2.82 16.06
C CYS D 63 -32.10 2.82 16.03
N PHE D 64 -31.25 3.36 15.18
CA PHE D 64 -30.26 4.35 15.62
C PHE D 64 -30.95 5.64 16.05
N LEU D 65 -31.93 6.09 15.28
CA LEU D 65 -32.68 7.30 15.60
C LEU D 65 -33.43 7.12 16.91
N ASN D 66 -33.16 7.98 17.88
CA ASN D 66 -33.81 7.95 19.19
C ASN D 66 -34.51 9.29 19.42
N GLU D 67 -35.19 9.37 20.57
CA GLU D 67 -35.98 10.56 20.86
C GLU D 67 -35.10 11.80 21.07
N GLU D 68 -33.85 11.61 21.51
CA GLU D 68 -32.94 12.75 21.63
C GLU D 68 -32.68 13.38 20.27
N HIS D 69 -32.57 12.55 19.22
CA HIS D 69 -32.46 13.09 17.87
C HIS D 69 -33.71 13.89 17.50
N LEU D 70 -34.89 13.36 17.83
CA LEU D 70 -36.13 14.03 17.47
C LEU D 70 -36.26 15.36 18.20
N LYS D 71 -35.79 15.44 19.44
CA LYS D 71 -35.81 16.71 20.16
C LYS D 71 -34.86 17.71 19.53
N GLN D 72 -33.65 17.27 19.16
CA GLN D 72 -32.68 18.16 18.55
C GLN D 72 -33.03 18.58 17.14
N ASN D 73 -34.05 17.96 16.53
CA ASN D 73 -34.51 18.36 15.22
C ASN D 73 -35.96 17.94 15.04
N PRO D 74 -36.91 18.69 15.60
CA PRO D 74 -38.32 18.32 15.45
C PRO D 74 -38.80 18.27 14.00
N ARG D 75 -38.04 18.84 13.06
CA ARG D 75 -38.43 18.71 11.66
C ARG D 75 -38.50 17.25 11.23
N LEU D 76 -37.78 16.36 11.93
CA LEU D 76 -37.79 14.95 11.57
C LEU D 76 -39.15 14.29 11.85
N VAL D 77 -39.90 14.78 12.83
CA VAL D 77 -41.17 14.14 13.18
C VAL D 77 -42.34 14.67 12.37
N GLU D 78 -42.12 15.67 11.52
CA GLU D 78 -43.18 16.14 10.64
C GLU D 78 -43.38 15.13 9.50
N HIS D 79 -44.42 15.37 8.70
CA HIS D 79 -44.75 14.44 7.64
C HIS D 79 -43.82 14.58 6.43
N GLU D 80 -43.77 15.77 5.84
CA GLU D 80 -43.01 16.01 4.60
C GLU D 80 -42.33 17.37 4.65
N MET D 81 -41.39 17.52 5.58
CA MET D 81 -40.59 18.72 5.70
C MET D 81 -39.23 18.47 5.08
N GLN D 82 -38.61 19.55 4.58
CA GLN D 82 -37.27 19.45 4.00
C GLN D 82 -36.27 19.12 5.10
N THR D 83 -35.72 17.91 5.08
CA THR D 83 -34.81 17.47 6.13
C THR D 83 -33.69 16.57 5.60
N LEU D 84 -33.59 16.37 4.29
CA LEU D 84 -32.59 15.44 3.77
C LEU D 84 -31.19 15.80 4.27
N ASP D 85 -30.89 17.10 4.38
CA ASP D 85 -29.56 17.48 4.83
C ASP D 85 -29.28 16.94 6.22
N ALA D 86 -30.23 17.11 7.15
CA ALA D 86 -30.03 16.63 8.50
C ALA D 86 -29.89 15.11 8.53
N ARG D 87 -30.64 14.41 7.68
CA ARG D 87 -30.54 12.95 7.64
C ARG D 87 -29.19 12.52 7.09
N GLN D 88 -28.78 13.10 5.97
CA GLN D 88 -27.47 12.74 5.40
C GLN D 88 -26.35 13.03 6.40
N ASP D 89 -26.37 14.21 7.02
CA ASP D 89 -25.35 14.54 8.00
C ASP D 89 -25.15 13.39 8.99
N MET D 90 -26.25 12.73 9.38
CA MET D 90 -26.18 11.60 10.30
C MET D 90 -25.72 10.32 9.59
N LEU D 91 -26.30 10.04 8.43
CA LEU D 91 -26.16 8.70 7.85
C LEU D 91 -24.85 8.50 7.11
N VAL D 92 -24.23 9.55 6.56
CA VAL D 92 -22.92 9.36 5.93
C VAL D 92 -21.90 8.87 6.96
N VAL D 93 -22.14 9.18 8.24
CA VAL D 93 -21.29 8.69 9.32
C VAL D 93 -21.73 7.29 9.77
N GLU D 94 -23.00 7.12 10.12
CA GLU D 94 -23.42 5.91 10.81
C GLU D 94 -23.52 4.70 9.88
N VAL D 95 -23.82 4.90 8.61
CA VAL D 95 -23.96 3.75 7.72
C VAL D 95 -22.62 3.03 7.61
N PRO D 96 -21.52 3.70 7.23
CA PRO D 96 -20.24 2.98 7.17
C PRO D 96 -19.79 2.45 8.53
N LYS D 97 -20.10 3.16 9.61
CA LYS D 97 -19.75 2.67 10.93
C LYS D 97 -20.47 1.37 11.24
N LEU D 98 -21.81 1.37 11.16
CA LEU D 98 -22.55 0.13 11.42
C LEU D 98 -22.10 -0.98 10.47
N GLY D 99 -21.84 -0.63 9.20
CA GLY D 99 -21.36 -1.63 8.26
C GLY D 99 -20.02 -2.20 8.67
N LYS D 100 -19.13 -1.34 9.19
CA LYS D 100 -17.83 -1.81 9.64
C LYS D 100 -17.97 -2.73 10.85
N ASP D 101 -18.89 -2.42 11.76
CA ASP D 101 -19.11 -3.30 12.91
C ASP D 101 -19.46 -4.71 12.45
N ALA D 102 -20.33 -4.83 11.43
CA ALA D 102 -20.65 -6.15 10.93
C ALA D 102 -19.47 -6.79 10.23
N CYS D 103 -18.70 -6.00 9.47
CA CYS D 103 -17.49 -6.51 8.83
C CYS D 103 -16.51 -7.04 9.86
N ALA D 104 -16.31 -6.29 10.95
CA ALA D 104 -15.35 -6.70 11.95
C ALA D 104 -15.68 -8.09 12.48
N LYS D 105 -16.96 -8.33 12.81
CA LYS D 105 -17.34 -9.65 13.30
C LYS D 105 -17.10 -10.71 12.25
N ALA D 106 -17.39 -10.41 10.98
CA ALA D 106 -17.15 -11.39 9.93
C ALA D 106 -15.68 -11.74 9.84
N ILE D 107 -14.81 -10.73 9.88
CA ILE D 107 -13.38 -10.99 9.76
C ILE D 107 -12.87 -11.81 10.94
N LYS D 108 -13.38 -11.53 12.15
CA LYS D 108 -12.96 -12.30 13.32
C LYS D 108 -13.26 -13.78 13.12
N GLU D 109 -14.47 -14.10 12.65
CA GLU D 109 -14.78 -15.50 12.32
C GLU D 109 -13.86 -16.01 11.23
N TRP D 110 -13.72 -15.26 10.14
CA TRP D 110 -12.84 -15.65 9.05
C TRP D 110 -11.43 -15.93 9.58
N GLY D 111 -10.91 -15.03 10.40
CA GLY D 111 -9.67 -15.29 11.09
C GLY D 111 -8.42 -15.10 10.26
N GLN D 112 -8.51 -14.46 9.11
CA GLN D 112 -7.39 -14.26 8.22
C GLN D 112 -6.94 -12.80 8.24
N PRO D 113 -5.74 -12.52 7.73
CA PRO D 113 -5.26 -11.13 7.72
C PRO D 113 -6.17 -10.22 6.90
N LYS D 114 -6.37 -9.00 7.40
N LYS D 114 -6.36 -9.00 7.39
CA LYS D 114 -7.14 -8.01 6.65
CA LYS D 114 -7.14 -8.01 6.65
C LYS D 114 -6.52 -7.74 5.28
C LYS D 114 -6.52 -7.74 5.28
N SER D 115 -5.20 -7.87 5.16
CA SER D 115 -4.54 -7.64 3.89
C SER D 115 -4.97 -8.66 2.84
N LYS D 116 -5.54 -9.78 3.25
CA LYS D 116 -5.97 -10.78 2.29
C LYS D 116 -7.33 -10.47 1.68
N ILE D 117 -7.97 -9.38 2.08
CA ILE D 117 -9.26 -8.99 1.52
C ILE D 117 -8.99 -8.18 0.26
N THR D 118 -9.34 -8.75 -0.90
CA THR D 118 -9.03 -8.12 -2.17
C THR D 118 -10.14 -7.22 -2.68
N HIS D 119 -11.38 -7.44 -2.25
CA HIS D 119 -12.51 -6.68 -2.76
C HIS D 119 -13.48 -6.35 -1.62
N LEU D 120 -14.14 -5.20 -1.76
CA LEU D 120 -15.16 -4.76 -0.80
C LEU D 120 -16.39 -4.36 -1.58
N ILE D 121 -17.51 -5.02 -1.30
CA ILE D 121 -18.81 -4.67 -1.85
C ILE D 121 -19.64 -4.07 -0.72
N PHE D 122 -20.23 -2.91 -0.97
CA PHE D 122 -21.04 -2.22 0.03
C PHE D 122 -22.36 -1.81 -0.62
N THR D 123 -23.48 -2.14 0.01
CA THR D 123 -24.77 -1.72 -0.48
C THR D 123 -25.56 -1.11 0.66
N SER D 124 -26.22 0.01 0.36
CA SER D 124 -27.08 0.69 1.32
C SER D 124 -28.07 1.52 0.52
N ALA D 125 -29.31 1.55 0.99
CA ALA D 125 -30.36 2.36 0.41
C ALA D 125 -30.66 3.61 1.24
N SER D 126 -29.98 3.80 2.36
CA SER D 126 -30.34 4.81 3.33
C SER D 126 -29.59 6.12 3.15
N THR D 127 -28.71 6.21 2.16
CA THR D 127 -27.87 7.37 1.97
C THR D 127 -27.17 7.25 0.63
N THR D 128 -26.36 8.24 0.30
CA THR D 128 -25.52 8.25 -0.88
C THR D 128 -24.54 9.40 -0.74
N ASP D 129 -23.32 9.20 -1.22
CA ASP D 129 -22.26 10.19 -1.05
C ASP D 129 -21.07 9.78 -1.90
N MET D 130 -20.21 10.76 -2.17
N MET D 130 -20.19 10.75 -2.15
CA MET D 130 -18.97 10.54 -2.92
CA MET D 130 -18.98 10.58 -2.94
C MET D 130 -17.83 11.29 -2.23
C MET D 130 -17.83 11.31 -2.26
N PRO D 131 -16.78 10.59 -1.78
CA PRO D 131 -16.63 9.13 -1.76
C PRO D 131 -17.73 8.49 -0.91
N GLY D 132 -17.97 7.19 -1.10
CA GLY D 132 -19.12 6.53 -0.52
C GLY D 132 -18.81 5.76 0.74
N ALA D 133 -19.82 5.02 1.22
CA ALA D 133 -19.65 4.22 2.42
C ALA D 133 -18.55 3.18 2.25
N ASP D 134 -18.33 2.70 1.02
CA ASP D 134 -17.27 1.72 0.79
C ASP D 134 -15.91 2.30 1.18
N TYR D 135 -15.67 3.56 0.81
CA TYR D 135 -14.40 4.19 1.16
C TYR D 135 -14.23 4.30 2.67
N HIS D 136 -15.25 4.82 3.36
CA HIS D 136 -15.12 5.01 4.80
C HIS D 136 -15.09 3.68 5.54
N CYS D 137 -15.81 2.68 5.06
CA CYS D 137 -15.75 1.36 5.67
C CYS D 137 -14.37 0.73 5.49
N ALA D 138 -13.79 0.87 4.30
CA ALA D 138 -12.41 0.40 4.10
C ALA D 138 -11.45 1.09 5.06
N LYS D 139 -11.52 2.42 5.15
CA LYS D 139 -10.64 3.14 6.06
C LYS D 139 -10.82 2.67 7.50
N LEU D 140 -12.08 2.59 7.97
CA LEU D 140 -12.33 2.22 9.36
C LEU D 140 -11.78 0.82 9.66
N LEU D 141 -11.87 -0.08 8.69
CA LEU D 141 -11.32 -1.42 8.86
C LEU D 141 -9.80 -1.46 8.70
N GLY D 142 -9.19 -0.40 8.18
CA GLY D 142 -7.77 -0.45 7.89
C GLY D 142 -7.43 -1.41 6.77
N LEU D 143 -8.31 -1.54 5.79
CA LEU D 143 -8.01 -2.38 4.65
C LEU D 143 -6.94 -1.72 3.78
N SER D 144 -6.46 -2.46 2.81
CA SER D 144 -5.46 -1.91 1.91
C SER D 144 -6.05 -0.77 1.10
N PRO D 145 -5.27 0.27 0.80
CA PRO D 145 -5.79 1.32 -0.09
C PRO D 145 -6.10 0.81 -1.49
N SER D 146 -5.60 -0.37 -1.86
CA SER D 146 -5.84 -0.94 -3.18
C SER D 146 -6.93 -2.00 -3.18
N VAL D 147 -7.70 -2.12 -2.11
CA VAL D 147 -8.86 -3.00 -2.14
C VAL D 147 -9.78 -2.53 -3.25
N LYS D 148 -10.27 -3.47 -4.06
N LYS D 148 -10.26 -3.47 -4.06
CA LYS D 148 -11.15 -3.16 -5.18
CA LYS D 148 -11.15 -3.16 -5.18
C LYS D 148 -12.58 -3.07 -4.68
C LYS D 148 -12.58 -3.07 -4.67
N ARG D 149 -13.16 -1.87 -4.74
CA ARG D 149 -14.46 -1.60 -4.15
C ARG D 149 -15.59 -1.61 -5.18
N VAL D 150 -16.77 -2.02 -4.72
CA VAL D 150 -17.97 -2.08 -5.55
C VAL D 150 -19.08 -1.43 -4.73
N MET D 151 -19.34 -0.15 -4.98
CA MET D 151 -20.35 0.61 -4.24
C MET D 151 -21.67 0.56 -4.98
N MET D 152 -22.73 0.16 -4.27
CA MET D 152 -24.06 -0.01 -4.87
C MET D 152 -25.09 0.66 -3.96
N TYR D 153 -25.35 1.93 -4.22
CA TYR D 153 -26.33 2.68 -3.45
C TYR D 153 -27.73 2.46 -4.00
N GLN D 154 -28.72 2.53 -3.11
CA GLN D 154 -30.13 2.51 -3.48
C GLN D 154 -30.48 1.30 -4.34
N LEU D 155 -30.11 0.11 -3.86
CA LEU D 155 -30.63 -1.10 -4.48
C LEU D 155 -32.01 -1.41 -3.91
N GLY D 156 -32.14 -1.39 -2.59
CA GLY D 156 -33.38 -1.76 -1.96
C GLY D 156 -33.26 -3.13 -1.35
N TYR D 158 -33.64 -6.22 -2.32
CA TYR D 158 -33.06 -7.37 -3.00
C TYR D 158 -31.53 -7.32 -2.93
N GLY D 159 -30.99 -6.25 -2.35
CA GLY D 159 -29.56 -6.02 -2.41
C GLY D 159 -28.72 -7.09 -1.76
N GLY D 160 -29.28 -7.81 -0.78
CA GLY D 160 -28.53 -8.88 -0.16
C GLY D 160 -28.25 -10.01 -1.12
N GLY D 161 -29.18 -10.28 -2.04
CA GLY D 161 -28.90 -11.23 -3.10
C GLY D 161 -27.94 -10.70 -4.13
N THR D 162 -27.95 -9.37 -4.35
CA THR D 162 -27.10 -8.77 -5.37
C THR D 162 -25.63 -8.86 -5.01
N VAL D 163 -25.28 -8.55 -3.75
CA VAL D 163 -23.86 -8.57 -3.38
C VAL D 163 -23.31 -9.99 -3.44
N LEU D 164 -24.14 -11.00 -3.16
CA LEU D 164 -23.68 -12.37 -3.33
C LEU D 164 -23.45 -12.68 -4.80
N ARG D 165 -24.33 -12.19 -5.67
CA ARG D 165 -24.16 -12.44 -7.10
C ARG D 165 -22.88 -11.80 -7.61
N ILE D 166 -22.60 -10.57 -7.18
CA ILE D 166 -21.39 -9.88 -7.63
C ILE D 166 -20.16 -10.57 -7.07
N ALA D 167 -20.21 -10.97 -5.79
CA ALA D 167 -19.05 -11.61 -5.17
C ALA D 167 -18.72 -12.94 -5.83
N LYS D 168 -19.74 -13.69 -6.23
N LYS D 168 -19.74 -13.70 -6.22
CA LYS D 168 -19.50 -15.00 -6.83
CA LYS D 168 -19.50 -15.01 -6.83
C LYS D 168 -18.58 -14.91 -8.03
C LYS D 168 -18.56 -14.89 -8.02
N ASP D 169 -18.94 -14.06 -9.01
CA ASP D 169 -18.12 -13.93 -10.21
C ASP D 169 -16.72 -13.42 -9.88
N ILE D 170 -16.60 -12.45 -8.97
CA ILE D 170 -15.28 -11.96 -8.61
C ILE D 170 -14.45 -13.08 -8.00
N ALA D 171 -15.01 -13.79 -7.01
CA ALA D 171 -14.25 -14.77 -6.28
C ALA D 171 -13.79 -15.92 -7.18
N GLU D 172 -14.62 -16.29 -8.15
CA GLU D 172 -14.31 -17.45 -8.98
C GLU D 172 -13.37 -17.10 -10.12
N ASN D 173 -13.36 -15.85 -10.57
CA ASN D 173 -12.51 -15.47 -11.69
C ASN D 173 -11.14 -14.97 -11.26
N ASN D 174 -10.85 -14.93 -9.97
CA ASN D 174 -9.55 -14.47 -9.46
C ASN D 174 -9.11 -15.39 -8.33
N LYS D 175 -8.08 -16.20 -8.58
CA LYS D 175 -7.60 -17.09 -7.54
C LYS D 175 -7.06 -16.30 -6.36
N GLY D 176 -7.36 -16.77 -5.14
CA GLY D 176 -6.95 -16.11 -3.93
C GLY D 176 -7.80 -14.92 -3.53
N ALA D 177 -8.67 -14.44 -4.41
CA ALA D 177 -9.48 -13.29 -4.07
C ALA D 177 -10.42 -13.62 -2.90
N ARG D 178 -10.57 -12.65 -2.00
CA ARG D 178 -11.46 -12.78 -0.85
C ARG D 178 -12.31 -11.52 -0.79
N VAL D 179 -13.61 -11.69 -0.99
CA VAL D 179 -14.53 -10.58 -1.16
C VAL D 179 -15.27 -10.35 0.14
N LEU D 180 -15.18 -9.14 0.65
CA LEU D 180 -15.97 -8.71 1.81
C LEU D 180 -17.18 -7.96 1.27
N ALA D 181 -18.37 -8.53 1.44
CA ALA D 181 -19.61 -7.91 1.00
C ALA D 181 -20.43 -7.57 2.24
N VAL D 182 -20.85 -6.33 2.36
CA VAL D 182 -21.62 -5.89 3.52
C VAL D 182 -22.85 -5.11 3.04
N CYS D 183 -23.96 -5.31 3.75
CA CYS D 183 -25.20 -4.56 3.58
C CYS D 183 -25.48 -3.77 4.85
N CYS D 184 -26.09 -2.60 4.70
CA CYS D 184 -26.39 -1.82 5.89
C CYS D 184 -27.46 -0.79 5.56
N ASP D 185 -28.43 -0.65 6.45
CA ASP D 185 -29.47 0.35 6.30
C ASP D 185 -29.89 0.85 7.67
N ILE D 186 -30.11 2.17 7.77
CA ILE D 186 -30.52 2.83 8.99
C ILE D 186 -31.73 3.68 8.63
N MET D 187 -32.87 3.40 9.25
CA MET D 187 -34.15 3.92 8.78
C MET D 187 -34.41 5.36 9.18
N ALA D 188 -33.44 6.04 9.79
CA ALA D 188 -33.54 7.49 9.93
C ALA D 188 -33.69 8.18 8.58
N CYS D 189 -33.42 7.49 7.47
CA CYS D 189 -33.54 8.11 6.15
C CYS D 189 -34.99 8.38 5.78
N GLY D 190 -35.93 7.61 6.32
CA GLY D 190 -37.33 7.68 5.91
C GLY D 190 -38.34 7.82 7.04
N PHE D 191 -37.87 7.90 8.28
CA PHE D 191 -38.75 8.18 9.40
C PHE D 191 -39.41 9.55 9.21
N ARG D 192 -40.75 9.57 9.21
CA ARG D 192 -41.49 10.82 9.10
C ARG D 192 -42.83 10.66 9.79
N GLY D 193 -43.53 11.78 9.95
CA GLY D 193 -44.80 11.80 10.64
C GLY D 193 -45.91 11.21 9.80
N PRO D 194 -47.01 10.83 10.44
CA PRO D 194 -48.14 10.26 9.72
C PRO D 194 -48.98 11.33 9.04
N SER D 195 -49.81 10.87 8.10
CA SER D 195 -50.85 11.68 7.50
C SER D 195 -52.08 10.81 7.34
N GLU D 196 -53.27 11.41 7.51
CA GLU D 196 -54.50 10.64 7.35
C GLU D 196 -54.63 10.05 5.95
N SER D 197 -53.86 10.55 4.99
CA SER D 197 -53.97 10.13 3.60
C SER D 197 -53.09 8.94 3.24
N ASP D 198 -52.21 8.50 4.14
CA ASP D 198 -51.07 7.65 3.77
C ASP D 198 -51.03 6.40 4.65
N LEU D 199 -51.71 5.35 4.21
CA LEU D 199 -51.57 4.04 4.86
C LEU D 199 -50.29 3.35 4.44
N GLU D 200 -49.79 3.62 3.23
CA GLU D 200 -48.53 3.02 2.80
C GLU D 200 -47.40 3.43 3.73
N LEU D 201 -47.34 4.72 4.09
CA LEU D 201 -46.32 5.19 5.02
C LEU D 201 -46.37 4.42 6.34
N LEU D 202 -47.57 4.25 6.89
CA LEU D 202 -47.73 3.52 8.13
C LEU D 202 -47.09 2.14 8.05
N VAL D 203 -47.29 1.45 6.93
CA VAL D 203 -46.77 0.10 6.81
C VAL D 203 -45.25 0.10 6.92
N GLY D 204 -44.59 1.04 6.22
CA GLY D 204 -43.14 1.12 6.32
C GLY D 204 -42.69 1.47 7.72
N GLN D 205 -43.30 2.49 8.32
CA GLN D 205 -42.96 2.87 9.68
C GLN D 205 -43.08 1.70 10.66
N ALA D 206 -43.89 0.70 10.33
CA ALA D 206 -44.11 -0.41 11.25
C ALA D 206 -43.08 -1.53 11.10
N ILE D 207 -42.56 -1.76 9.89
CA ILE D 207 -41.78 -2.96 9.62
C ILE D 207 -40.28 -2.70 9.49
N PHE D 208 -39.85 -1.52 9.05
CA PHE D 208 -38.44 -1.34 8.73
C PHE D 208 -37.61 -1.11 9.99
N GLY D 209 -36.55 -1.91 10.15
CA GLY D 209 -35.59 -1.73 11.22
C GLY D 209 -34.18 -1.52 10.67
N ASP D 210 -33.26 -1.23 11.58
CA ASP D 210 -31.86 -0.98 11.25
C ASP D 210 -31.03 -2.25 11.38
N GLY D 211 -29.97 -2.34 10.57
CA GLY D 211 -29.07 -3.46 10.66
C GLY D 211 -28.00 -3.50 9.59
N ALA D 212 -26.91 -4.21 9.87
CA ALA D 212 -25.88 -4.46 8.88
C ALA D 212 -25.48 -5.91 8.97
N ALA D 213 -25.06 -6.46 7.83
CA ALA D 213 -24.65 -7.85 7.74
C ALA D 213 -23.53 -7.92 6.72
N ALA D 214 -22.52 -8.73 7.01
CA ALA D 214 -21.36 -8.86 6.13
C ALA D 214 -20.98 -10.32 6.00
N VAL D 215 -20.45 -10.67 4.84
CA VAL D 215 -19.91 -12.00 4.59
C VAL D 215 -18.52 -11.85 3.97
N ILE D 216 -17.73 -12.90 4.15
CA ILE D 216 -16.48 -13.09 3.41
C ILE D 216 -16.77 -14.17 2.38
N VAL D 217 -16.60 -13.84 1.09
CA VAL D 217 -16.87 -14.79 0.02
C VAL D 217 -15.55 -15.09 -0.69
N GLY D 218 -15.33 -16.38 -0.98
CA GLY D 218 -14.12 -16.77 -1.65
C GLY D 218 -14.20 -18.18 -2.19
N ALA D 219 -13.45 -18.46 -3.25
CA ALA D 219 -13.32 -19.80 -3.78
C ALA D 219 -12.05 -20.44 -3.25
N GLU D 220 -12.04 -21.78 -3.26
CA GLU D 220 -10.90 -22.56 -2.79
C GLU D 220 -10.56 -22.23 -1.35
N PRO D 221 -11.48 -22.46 -0.41
CA PRO D 221 -11.19 -22.19 1.00
C PRO D 221 -9.98 -22.98 1.46
N ASP D 222 -9.14 -22.32 2.26
CA ASP D 222 -7.88 -22.90 2.70
C ASP D 222 -8.03 -23.40 4.13
N GLU D 223 -8.26 -24.71 4.28
CA GLU D 223 -8.41 -25.31 5.60
C GLU D 223 -7.13 -25.19 6.42
N SER D 224 -5.97 -25.19 5.76
N SER D 224 -5.97 -25.18 5.75
CA SER D 224 -4.70 -25.16 6.47
CA SER D 224 -4.70 -25.16 6.47
C SER D 224 -4.59 -23.96 7.41
C SER D 224 -4.58 -23.96 7.39
N VAL D 225 -5.26 -22.86 7.08
CA VAL D 225 -5.14 -21.62 7.85
C VAL D 225 -6.45 -21.24 8.53
N GLY D 226 -7.43 -22.14 8.58
CA GLY D 226 -8.62 -21.92 9.36
C GLY D 226 -9.86 -21.52 8.58
N GLU D 227 -9.75 -21.37 7.26
CA GLU D 227 -10.92 -21.06 6.46
C GLU D 227 -11.79 -22.30 6.29
N ARG D 228 -13.12 -22.11 6.31
CA ARG D 228 -14.05 -23.21 6.07
C ARG D 228 -15.35 -22.67 5.52
N PRO D 229 -15.91 -23.29 4.49
CA PRO D 229 -17.13 -22.75 3.89
C PRO D 229 -18.36 -23.03 4.74
N ILE D 230 -19.33 -22.13 4.63
CA ILE D 230 -20.63 -22.28 5.27
C ILE D 230 -21.72 -22.60 4.26
N PHE D 231 -21.70 -21.91 3.12
CA PHE D 231 -22.65 -22.15 2.04
C PHE D 231 -21.95 -21.94 0.72
N GLU D 232 -22.18 -22.85 -0.23
N GLU D 232 -22.19 -22.85 -0.23
CA GLU D 232 -21.65 -22.70 -1.58
CA GLU D 232 -21.66 -22.72 -1.58
C GLU D 232 -22.65 -21.91 -2.42
C GLU D 232 -22.64 -21.94 -2.44
N LEU D 233 -22.11 -21.02 -3.26
CA LEU D 233 -22.93 -20.20 -4.16
C LEU D 233 -22.89 -20.85 -5.54
N VAL D 234 -23.99 -21.52 -5.91
CA VAL D 234 -23.99 -22.39 -7.09
C VAL D 234 -24.41 -21.64 -8.34
N SER D 235 -25.45 -20.82 -8.27
CA SER D 235 -25.98 -20.19 -9.48
C SER D 235 -26.81 -18.97 -9.07
N THR D 236 -26.90 -18.00 -9.97
CA THR D 236 -27.53 -16.72 -9.66
C THR D 236 -28.48 -16.31 -10.77
N GLY D 237 -29.43 -15.44 -10.39
CA GLY D 237 -30.41 -14.93 -11.33
C GLY D 237 -31.05 -13.69 -10.78
N GLN D 238 -31.46 -12.81 -11.68
CA GLN D 238 -32.20 -11.60 -11.33
C GLN D 238 -33.26 -11.40 -12.39
N THR D 239 -34.47 -11.05 -11.96
CA THR D 239 -35.54 -10.86 -12.93
C THR D 239 -36.55 -9.85 -12.40
N ILE D 240 -37.25 -9.21 -13.32
CA ILE D 240 -38.33 -8.29 -13.01
C ILE D 240 -39.64 -9.07 -13.18
N LEU D 241 -40.46 -9.09 -12.14
CA LEU D 241 -41.71 -9.81 -12.23
C LEU D 241 -42.67 -9.10 -13.18
N PRO D 242 -43.37 -9.83 -14.04
CA PRO D 242 -44.34 -9.18 -14.92
C PRO D 242 -45.44 -8.50 -14.10
N ASN D 243 -46.05 -7.49 -14.72
CA ASN D 243 -47.17 -6.77 -14.12
C ASN D 243 -46.83 -6.30 -12.71
N SER D 244 -45.62 -5.76 -12.55
CA SER D 244 -45.16 -5.29 -11.25
C SER D 244 -44.70 -3.84 -11.25
N GLU D 245 -44.81 -3.13 -12.37
CA GLU D 245 -44.26 -1.78 -12.45
C GLU D 245 -44.86 -0.89 -11.37
N GLY D 246 -43.99 -0.15 -10.70
CA GLY D 246 -44.41 0.80 -9.69
C GLY D 246 -44.97 0.21 -8.42
N THR D 247 -44.81 -1.09 -8.20
CA THR D 247 -45.33 -1.70 -6.98
C THR D 247 -44.42 -1.45 -5.78
N ILE D 248 -43.12 -1.25 -6.02
CA ILE D 248 -42.13 -1.01 -4.97
C ILE D 248 -41.22 0.11 -5.44
N GLY D 249 -41.20 1.22 -4.71
CA GLY D 249 -40.39 2.36 -5.08
C GLY D 249 -39.78 3.03 -3.87
N GLY D 250 -38.61 3.63 -4.10
CA GLY D 250 -37.97 4.44 -3.08
C GLY D 250 -37.29 5.62 -3.75
N HIS D 251 -37.57 6.83 -3.27
CA HIS D 251 -37.12 8.04 -3.94
C HIS D 251 -36.40 8.95 -2.95
N ILE D 252 -35.21 9.41 -3.33
CA ILE D 252 -34.45 10.36 -2.51
C ILE D 252 -34.96 11.75 -2.82
N ARG D 253 -35.53 12.42 -1.82
CA ARG D 253 -36.18 13.71 -1.99
C ARG D 253 -35.66 14.68 -0.94
N GLU D 254 -36.14 15.92 -1.02
CA GLU D 254 -35.75 16.91 -0.02
C GLU D 254 -36.29 16.55 1.37
N ALA D 255 -37.42 15.83 1.42
CA ALA D 255 -37.99 15.38 2.67
C ALA D 255 -37.36 14.09 3.18
N GLY D 256 -36.47 13.47 2.40
CA GLY D 256 -35.83 12.23 2.79
C GLY D 256 -36.17 11.11 1.82
N LEU D 257 -36.11 9.88 2.32
CA LEU D 257 -36.45 8.72 1.52
C LEU D 257 -37.97 8.57 1.51
N ILE D 258 -38.58 8.77 0.36
CA ILE D 258 -40.02 8.57 0.16
C ILE D 258 -40.21 7.27 -0.60
N PHE D 259 -41.11 6.41 -0.12
CA PHE D 259 -41.29 5.09 -0.71
C PHE D 259 -42.74 4.85 -1.11
N ASP D 260 -42.90 3.96 -2.08
CA ASP D 260 -44.20 3.51 -2.56
C ASP D 260 -44.28 2.00 -2.32
N LEU D 261 -45.47 1.52 -1.96
CA LEU D 261 -45.65 0.12 -1.63
C LEU D 261 -47.10 -0.24 -1.98
N HIS D 262 -47.27 -1.08 -3.00
CA HIS D 262 -48.61 -1.44 -3.44
C HIS D 262 -49.06 -2.74 -2.77
N LYS D 263 -50.38 -2.89 -2.65
CA LYS D 263 -50.96 -4.06 -1.99
C LYS D 263 -50.53 -5.37 -2.67
N ASP D 264 -50.23 -5.32 -3.97
CA ASP D 264 -50.03 -6.53 -4.77
C ASP D 264 -48.71 -7.26 -4.49
N VAL D 265 -47.79 -6.66 -3.73
CA VAL D 265 -46.45 -7.24 -3.62
C VAL D 265 -46.47 -8.68 -3.15
N PRO D 266 -47.16 -9.05 -2.06
CA PRO D 266 -47.19 -10.48 -1.67
C PRO D 266 -47.66 -11.39 -2.80
N MET D 267 -48.78 -11.06 -3.44
CA MET D 267 -49.33 -11.94 -4.47
C MET D 267 -48.46 -11.98 -5.72
N LEU D 268 -47.85 -10.85 -6.09
CA LEU D 268 -46.97 -10.84 -7.25
C LEU D 268 -45.78 -11.77 -7.02
N ILE D 269 -45.21 -11.75 -5.81
CA ILE D 269 -44.08 -12.62 -5.52
C ILE D 269 -44.49 -14.08 -5.51
N SER D 270 -45.60 -14.40 -4.84
CA SER D 270 -45.98 -15.81 -4.70
C SER D 270 -46.42 -16.41 -6.03
N ASN D 271 -47.05 -15.62 -6.89
CA ASN D 271 -47.49 -16.16 -8.17
C ASN D 271 -46.32 -16.45 -9.11
N ASN D 272 -45.23 -15.70 -9.00
CA ASN D 272 -44.08 -15.88 -9.89
C ASN D 272 -42.94 -16.65 -9.26
N ILE D 273 -42.98 -16.90 -7.94
CA ILE D 273 -41.85 -17.51 -7.26
C ILE D 273 -41.51 -18.87 -7.86
N GLU D 274 -42.54 -19.66 -8.20
CA GLU D 274 -42.29 -21.02 -8.63
C GLU D 274 -41.59 -21.07 -9.99
N LYS D 275 -41.86 -20.10 -10.86
CA LYS D 275 -41.13 -20.05 -12.11
C LYS D 275 -39.64 -19.82 -11.86
N CYS D 276 -39.31 -18.98 -10.87
CA CYS D 276 -37.91 -18.85 -10.48
C CYS D 276 -37.36 -20.19 -10.00
N LEU D 277 -38.12 -20.91 -9.18
CA LEU D 277 -37.66 -22.20 -8.68
C LEU D 277 -37.44 -23.18 -9.82
N ILE D 278 -38.36 -23.23 -10.79
CA ILE D 278 -38.22 -24.16 -11.91
C ILE D 278 -36.98 -23.81 -12.72
N GLU D 279 -36.83 -22.52 -13.05
CA GLU D 279 -35.66 -22.10 -13.81
C GLU D 279 -34.37 -22.45 -13.08
N ALA D 280 -34.38 -22.37 -11.75
CA ALA D 280 -33.15 -22.55 -11.00
C ALA D 280 -32.81 -24.02 -10.76
N PHE D 281 -33.82 -24.87 -10.54
CA PHE D 281 -33.56 -26.23 -10.08
C PHE D 281 -33.79 -27.32 -11.12
N THR D 282 -34.37 -26.99 -12.28
CA THR D 282 -34.48 -27.99 -13.32
C THR D 282 -33.11 -28.53 -13.74
N PRO D 283 -32.07 -27.71 -13.91
CA PRO D 283 -30.76 -28.26 -14.29
C PRO D 283 -30.28 -29.33 -13.33
N ILE D 284 -30.49 -29.14 -12.02
CA ILE D 284 -30.00 -30.10 -11.03
C ILE D 284 -30.97 -31.26 -10.82
N GLY D 285 -32.19 -31.15 -11.33
CA GLY D 285 -33.13 -32.25 -11.24
C GLY D 285 -33.95 -32.30 -9.97
N ILE D 286 -34.22 -31.14 -9.37
CA ILE D 286 -34.99 -31.05 -8.13
C ILE D 286 -36.35 -30.45 -8.45
N SER D 287 -37.42 -31.11 -7.99
N SER D 287 -37.42 -31.11 -7.99
CA SER D 287 -38.77 -30.64 -8.21
CA SER D 287 -38.77 -30.66 -8.21
C SER D 287 -39.56 -30.44 -6.93
C SER D 287 -39.56 -30.43 -6.92
N ASP D 288 -39.15 -31.03 -5.81
CA ASP D 288 -39.85 -30.89 -4.53
C ASP D 288 -39.27 -29.69 -3.79
N TRP D 289 -40.06 -28.62 -3.67
CA TRP D 289 -39.59 -27.42 -3.00
C TRP D 289 -39.49 -27.60 -1.49
N ASN D 290 -39.97 -28.72 -0.94
CA ASN D 290 -39.79 -29.03 0.46
C ASN D 290 -38.52 -29.81 0.75
N SER D 291 -37.86 -30.32 -0.28
CA SER D 291 -36.60 -31.05 -0.13
C SER D 291 -35.38 -30.14 -0.11
N ILE D 292 -35.58 -28.82 -0.12
CA ILE D 292 -34.49 -27.86 -0.11
C ILE D 292 -34.69 -26.94 1.10
N PHE D 293 -33.62 -26.26 1.49
CA PHE D 293 -33.72 -25.24 2.51
C PHE D 293 -33.89 -23.87 1.84
N TRP D 294 -34.41 -22.92 2.61
CA TRP D 294 -34.77 -21.59 2.11
C TRP D 294 -34.10 -20.52 2.96
N ILE D 295 -33.53 -19.53 2.29
CA ILE D 295 -33.05 -18.31 2.93
C ILE D 295 -33.81 -17.17 2.27
N THR D 296 -34.86 -16.68 2.93
CA THR D 296 -35.87 -15.85 2.29
C THR D 296 -35.95 -14.49 2.98
N HIS D 297 -35.74 -13.44 2.21
CA HIS D 297 -35.94 -12.09 2.71
C HIS D 297 -37.36 -11.96 3.27
N PRO D 298 -37.52 -11.71 4.56
CA PRO D 298 -38.89 -11.53 5.12
C PRO D 298 -39.39 -10.11 4.90
N GLY D 299 -39.62 -9.75 3.63
CA GLY D 299 -40.09 -8.42 3.32
C GLY D 299 -41.33 -8.04 4.11
N GLY D 300 -42.15 -9.04 4.42
CA GLY D 300 -43.33 -8.84 5.25
C GLY D 300 -43.92 -10.18 5.61
N LYS D 301 -44.65 -10.20 6.73
CA LYS D 301 -45.41 -11.40 7.10
C LYS D 301 -46.16 -11.95 5.89
N ALA D 302 -46.90 -11.10 5.19
CA ALA D 302 -47.78 -11.58 4.13
C ALA D 302 -46.99 -12.25 3.01
N ILE D 303 -45.80 -11.74 2.69
CA ILE D 303 -44.99 -12.34 1.63
C ILE D 303 -44.64 -13.78 1.98
N LEU D 304 -44.16 -14.01 3.19
CA LEU D 304 -43.87 -15.37 3.61
C LEU D 304 -45.13 -16.23 3.62
N ASP D 305 -46.22 -15.70 4.18
CA ASP D 305 -47.45 -16.49 4.26
C ASP D 305 -47.94 -16.89 2.87
N LYS D 306 -48.01 -15.93 1.95
CA LYS D 306 -48.54 -16.21 0.62
C LYS D 306 -47.65 -17.21 -0.12
N VAL D 307 -46.34 -17.00 -0.10
CA VAL D 307 -45.43 -17.97 -0.72
C VAL D 307 -45.59 -19.33 -0.07
N GLU D 308 -45.69 -19.36 1.26
CA GLU D 308 -45.86 -20.62 1.98
C GLU D 308 -47.12 -21.35 1.53
N GLU D 309 -48.24 -20.61 1.42
CA GLU D 309 -49.50 -21.26 1.09
C GLU D 309 -49.58 -21.61 -0.39
N LYS D 310 -49.05 -20.74 -1.27
CA LYS D 310 -49.19 -20.99 -2.70
C LYS D 310 -48.32 -22.14 -3.18
N LEU D 311 -47.24 -22.43 -2.47
CA LEU D 311 -46.40 -23.58 -2.79
C LEU D 311 -46.60 -24.73 -1.82
N HIS D 312 -47.48 -24.59 -0.85
CA HIS D 312 -47.72 -25.63 0.15
C HIS D 312 -46.42 -26.02 0.84
N LEU D 313 -45.64 -25.02 1.22
CA LEU D 313 -44.41 -25.27 1.94
C LEU D 313 -44.69 -25.69 3.37
N LYS D 314 -43.93 -26.68 3.85
CA LYS D 314 -43.96 -27.00 5.27
C LYS D 314 -43.58 -25.76 6.09
N SER D 315 -44.25 -25.59 7.22
N SER D 315 -44.24 -25.58 7.23
CA SER D 315 -43.97 -24.44 8.07
CA SER D 315 -43.97 -24.43 8.08
C SER D 315 -42.54 -24.40 8.59
C SER D 315 -42.54 -24.40 8.59
N ASP D 316 -41.75 -25.45 8.35
CA ASP D 316 -40.36 -25.46 8.77
C ASP D 316 -39.48 -24.55 7.93
N LYS D 317 -39.91 -24.19 6.71
CA LYS D 317 -39.01 -23.58 5.74
C LYS D 317 -38.73 -22.11 6.03
N PHE D 318 -39.69 -21.39 6.61
CA PHE D 318 -39.53 -19.98 6.89
C PHE D 318 -39.29 -19.70 8.37
N VAL D 319 -38.84 -20.70 9.12
CA VAL D 319 -38.61 -20.50 10.55
C VAL D 319 -37.56 -19.42 10.77
N ASP D 320 -36.45 -19.48 10.03
CA ASP D 320 -35.39 -18.51 10.25
C ASP D 320 -35.81 -17.13 9.74
N SER D 321 -36.49 -17.07 8.60
CA SER D 321 -36.99 -15.78 8.11
C SER D 321 -37.93 -15.15 9.12
N ARG D 322 -38.85 -15.95 9.68
CA ARG D 322 -39.82 -15.40 10.64
C ARG D 322 -39.14 -14.99 11.93
N HIS D 323 -38.09 -15.70 12.34
CA HIS D 323 -37.42 -15.33 13.59
C HIS D 323 -36.67 -14.02 13.44
N VAL D 324 -35.95 -13.84 12.32
CA VAL D 324 -35.27 -12.58 12.10
C VAL D 324 -36.28 -11.44 12.02
N LEU D 325 -37.37 -11.65 11.29
CA LEU D 325 -38.41 -10.63 11.20
C LEU D 325 -38.92 -10.25 12.59
N SER D 326 -39.03 -11.23 13.49
CA SER D 326 -39.58 -10.94 14.81
C SER D 326 -38.62 -10.10 15.65
N GLU D 327 -37.32 -10.38 15.54
CA GLU D 327 -36.31 -9.76 16.39
C GLU D 327 -35.69 -8.51 15.77
N HIS D 328 -35.90 -8.26 14.48
CA HIS D 328 -35.25 -7.14 13.80
C HIS D 328 -36.13 -6.40 12.81
N GLY D 329 -37.32 -6.90 12.50
CA GLY D 329 -38.10 -6.28 11.45
C GLY D 329 -37.39 -6.46 10.12
N ASN D 330 -37.90 -5.73 9.14
CA ASN D 330 -37.32 -5.70 7.80
C ASN D 330 -36.15 -4.72 7.81
N MET D 331 -34.93 -5.24 7.63
CA MET D 331 -33.73 -4.43 7.56
C MET D 331 -33.24 -4.25 6.12
N SER D 332 -34.09 -4.48 5.15
CA SER D 332 -33.73 -4.33 3.73
C SER D 332 -32.65 -5.31 3.33
N SER D 333 -31.60 -4.88 2.63
N SER D 333 -31.60 -4.89 2.62
CA SER D 333 -30.68 -5.80 1.96
CA SER D 333 -30.65 -5.81 2.01
C SER D 333 -30.02 -6.77 2.95
C SER D 333 -30.06 -6.77 3.02
N SER D 334 -29.69 -6.30 4.15
N SER D 334 -29.69 -6.26 4.20
CA SER D 334 -28.98 -7.15 5.09
CA SER D 334 -28.99 -7.09 5.18
C SER D 334 -29.85 -8.27 5.65
C SER D 334 -29.85 -8.22 5.72
N THR D 335 -31.17 -8.11 5.64
CA THR D 335 -32.05 -9.07 6.30
C THR D 335 -31.76 -10.49 5.86
N VAL D 336 -31.68 -10.72 4.54
CA VAL D 336 -31.52 -12.08 4.04
C VAL D 336 -30.21 -12.68 4.52
N LEU D 337 -29.21 -11.84 4.83
CA LEU D 337 -27.97 -12.35 5.38
C LEU D 337 -28.08 -12.63 6.87
N PHE D 338 -28.93 -11.88 7.58
CA PHE D 338 -29.30 -12.28 8.93
C PHE D 338 -29.95 -13.66 8.93
N VAL D 339 -30.80 -13.94 7.94
CA VAL D 339 -31.46 -15.24 7.87
C VAL D 339 -30.44 -16.34 7.64
N MET D 340 -29.53 -16.11 6.68
CA MET D 340 -28.45 -17.07 6.42
C MET D 340 -27.69 -17.39 7.70
N ASP D 341 -27.41 -16.38 8.51
CA ASP D 341 -26.67 -16.61 9.75
C ASP D 341 -27.49 -17.44 10.72
N GLU D 342 -28.76 -17.07 10.92
CA GLU D 342 -29.61 -17.82 11.84
C GLU D 342 -29.73 -19.28 11.41
N LEU D 343 -29.80 -19.52 10.10
CA LEU D 343 -29.94 -20.89 9.60
C LEU D 343 -28.74 -21.74 10.00
N ARG D 344 -27.53 -21.33 9.62
CA ARG D 344 -26.36 -22.14 9.92
C ARG D 344 -26.14 -22.25 11.42
N LYS D 345 -26.49 -21.21 12.18
CA LYS D 345 -26.35 -21.30 13.63
C LYS D 345 -27.40 -22.23 14.23
N ARG D 346 -28.65 -22.14 13.78
CA ARG D 346 -29.66 -23.05 14.29
C ARG D 346 -29.33 -24.49 13.92
N SER D 347 -28.88 -24.71 12.68
CA SER D 347 -28.53 -26.07 12.25
C SER D 347 -27.50 -26.68 13.18
N LEU D 348 -26.48 -25.92 13.57
CA LEU D 348 -25.46 -26.44 14.48
C LEU D 348 -26.04 -26.74 15.85
N GLU D 349 -26.79 -25.79 16.41
CA GLU D 349 -27.31 -25.96 17.76
C GLU D 349 -28.29 -27.13 17.86
N GLU D 350 -29.02 -27.42 16.78
CA GLU D 350 -29.97 -28.52 16.79
C GLU D 350 -29.36 -29.82 16.26
N GLY D 351 -28.06 -29.86 16.05
CA GLY D 351 -27.41 -31.10 15.65
C GLY D 351 -27.75 -31.58 14.26
N LYS D 352 -28.13 -30.68 13.36
CA LYS D 352 -28.46 -31.09 11.99
C LYS D 352 -27.19 -31.47 11.22
N SER D 353 -27.38 -32.23 10.14
CA SER D 353 -26.26 -32.78 9.41
C SER D 353 -25.56 -31.77 8.50
N THR D 354 -26.19 -30.63 8.21
CA THR D 354 -25.59 -29.63 7.34
C THR D 354 -26.00 -28.24 7.81
N THR D 355 -25.19 -27.25 7.43
CA THR D 355 -25.50 -25.85 7.71
C THR D 355 -26.85 -25.43 7.13
N GLY D 356 -27.43 -26.23 6.24
CA GLY D 356 -28.73 -25.94 5.67
C GLY D 356 -29.84 -26.76 6.28
N ASP D 357 -29.88 -26.85 7.61
CA ASP D 357 -30.93 -27.56 8.31
C ASP D 357 -30.95 -29.04 7.95
N GLY D 358 -29.82 -29.59 7.50
CA GLY D 358 -29.74 -30.98 7.13
C GLY D 358 -29.98 -31.28 5.66
N PHE D 359 -30.41 -30.29 4.88
CA PHE D 359 -30.61 -30.47 3.45
C PHE D 359 -29.33 -30.15 2.70
N GLU D 360 -29.24 -30.68 1.47
CA GLU D 360 -28.07 -30.44 0.64
C GLU D 360 -28.22 -29.15 -0.18
N TRP D 361 -29.35 -28.99 -0.85
CA TRP D 361 -29.58 -27.88 -1.75
C TRP D 361 -30.55 -26.89 -1.12
N GLY D 362 -30.35 -25.60 -1.43
CA GLY D 362 -31.20 -24.54 -0.94
C GLY D 362 -31.31 -23.42 -1.95
N VAL D 363 -32.11 -22.43 -1.62
CA VAL D 363 -32.34 -21.27 -2.49
C VAL D 363 -32.40 -20.02 -1.62
N LEU D 364 -31.76 -18.95 -2.09
CA LEU D 364 -31.81 -17.65 -1.44
C LEU D 364 -32.61 -16.70 -2.31
N PHE D 365 -33.46 -15.90 -1.68
CA PHE D 365 -34.31 -14.95 -2.39
C PHE D 365 -34.23 -13.57 -1.75
N GLY D 366 -34.12 -12.55 -2.59
CA GLY D 366 -34.33 -11.19 -2.16
C GLY D 366 -35.34 -10.53 -3.09
N PHE D 367 -36.14 -9.64 -2.52
CA PHE D 367 -37.20 -8.96 -3.25
C PHE D 367 -37.12 -7.46 -2.99
N GLY D 368 -37.28 -6.65 -4.04
CA GLY D 368 -37.20 -5.22 -3.91
C GLY D 368 -37.68 -4.45 -5.13
N PRO D 369 -37.30 -3.17 -5.23
CA PRO D 369 -37.81 -2.33 -6.32
C PRO D 369 -37.61 -2.93 -7.70
N GLY D 370 -38.70 -2.98 -8.47
CA GLY D 370 -38.67 -3.54 -9.81
C GLY D 370 -40.04 -3.82 -10.38
N LEU D 371 -40.79 -4.78 -9.84
CA LEU D 371 -40.38 -5.58 -8.69
C LEU D 371 -39.29 -6.56 -9.07
N THR D 372 -38.17 -6.53 -8.35
CA THR D 372 -36.98 -7.29 -8.69
C THR D 372 -36.80 -8.44 -7.72
N VAL D 373 -36.53 -9.63 -8.26
CA VAL D 373 -36.25 -10.81 -7.46
C VAL D 373 -34.82 -11.24 -7.74
N GLU D 374 -34.00 -11.28 -6.70
CA GLU D 374 -32.66 -11.86 -6.77
C GLU D 374 -32.73 -13.27 -6.22
N ARG D 375 -32.20 -14.22 -7.00
CA ARG D 375 -32.21 -15.63 -6.63
C ARG D 375 -30.80 -16.17 -6.64
N VAL D 376 -30.47 -16.98 -5.64
CA VAL D 376 -29.20 -17.68 -5.57
C VAL D 376 -29.48 -19.12 -5.15
N VAL D 377 -29.07 -20.07 -5.98
CA VAL D 377 -29.06 -21.47 -5.56
C VAL D 377 -27.82 -21.70 -4.72
N VAL D 378 -27.99 -22.30 -3.55
CA VAL D 378 -26.89 -22.49 -2.61
C VAL D 378 -26.83 -23.96 -2.23
N ARG D 379 -25.64 -24.40 -1.86
CA ARG D 379 -25.44 -25.75 -1.37
C ARG D 379 -24.91 -25.66 0.05
N SER D 380 -25.37 -26.58 0.89
CA SER D 380 -24.97 -26.66 2.28
C SER D 380 -23.57 -27.24 2.39
N VAL D 381 -23.06 -27.24 3.63
CA VAL D 381 -21.80 -27.90 3.97
CA VAL D 381 -21.81 -27.92 3.94
C VAL D 381 -22.08 -28.87 5.11
N PRO D 382 -21.53 -30.09 5.10
CA PRO D 382 -21.77 -30.99 6.23
C PRO D 382 -21.20 -30.42 7.52
N ILE D 383 -21.78 -30.85 8.64
CA ILE D 383 -21.32 -30.47 9.96
C ILE D 383 -20.72 -31.70 10.61
N LYS D 384 -19.40 -31.66 10.84
CA LYS D 384 -18.68 -32.81 11.36
C LYS D 384 -18.89 -32.91 12.88
N TYR D 385 -19.29 -34.09 13.33
CA TYR D 385 -19.49 -34.35 14.76
C TYR D 385 -18.58 -35.50 15.23
#